data_2VO5
#
_entry.id   2VO5
#
_cell.length_a   91.118
_cell.length_b   115.692
_cell.length_c   99.643
_cell.angle_alpha   90.00
_cell.angle_beta   113.17
_cell.angle_gamma   90.00
#
_symmetry.space_group_name_H-M   'P 1 21 1'
#
loop_
_entity.id
_entity.type
_entity.pdbx_description
1 polymer BETA-MANNOSIDASE
2 non-polymer (1R,4R,5R,7R,8R)-2-Benzyl-5-hydroxymethyl-2-aza-bicyclo[2.2.2]octane-4,7,8-triol
3 non-polymer 1,2-ETHANEDIOL
4 non-polymer 'BROMIDE ION'
5 non-polymer 'CHLORIDE ION'
6 water water
#
_entity_poly.entity_id   1
_entity_poly.type   'polypeptide(L)'
_entity_poly.pdbx_seq_one_letter_code
;QGNDTSEVMLLDTGWEFSQSGTEKWMPATVPGTVHQDLISHELLPNPFYGMNEKKIQWVENEDWEYRTSFIVSEEQLNRD
GIQLIFEGLDTYADVYLNGSLLLKADNMFVGYTLPVKSVLRKGENHLYIYFHSPIRQTLPQYASNGFNYPADNDHHEKHL
SVFSRKAPYSYGWDWGIRMVTSGVWRPVTLRFYDIATISDYYVRQLSLTDENARLSNELIVNQIVPQKIPAEVRVNVSLN
GTTVTEVKQQVTLQPGINHITLPAEVTNPVRWMPNGWGTPTLYDFSAQIACGDRIVAEQSHRIGLRTIRVVNEKDKDGES
FYFEVNGIPMFAKGANYIPQDALLPNVTTERYQTLFRDMKEANMNMVRIWGGGTYENNLFYDLADENGILVWQDFMFACT
PYPSDPTFLKRVEAEAVYNIRRLRNHASLAMWCGNNEILEALKYWGFEKKFTPEVYQGLMHGYDKLFRELLPSTVKEFDS
DRFYVHSSPYLANWGRPESWGTGDSHNWGVWYGKKPFESLDTDLPRFMSEFGFQSFPEMKTIAAFAAPEDYQIESEVMNA
HQKSSIGNSLIRTYMERDYIIPESFEDFVYVGLVLQGQGMRHGLEAHRRNRPYCMGTLYWQLNDSWPVVSWSSIDYYGNW
KALHYQAKRAFAPVLINPIQQNDSLSVYLISDRLDTMEQMTLEMKVVDFDGKTLGKKIQVHSLEVPANTSKCVYRAKLDG
WLTPEDCRRSFLKLILKDKSGHQVAESVHFFRKTKDLQLPPTSVSYQMKQTDGKCELTLFSSMLAKDIFIETPLQGARYS
DNFFDLLPGERKKVIITSPRIKKGEELPVNIKHIRETYKEHHHHHH
;
_entity_poly.pdbx_strand_id   A,B
#
# COMPACT_ATOMS: atom_id res chain seq x y z
N ASN A 3 20.96 -8.90 -6.46
CA ASN A 3 21.31 -9.33 -5.05
C ASN A 3 22.65 -10.12 -5.01
N ASP A 4 23.72 -9.40 -5.36
CA ASP A 4 25.00 -9.92 -5.82
C ASP A 4 26.15 -8.90 -5.69
N THR A 5 27.37 -9.28 -6.07
CA THR A 5 28.51 -8.36 -5.90
C THR A 5 28.55 -7.21 -6.91
N SER A 6 27.63 -7.20 -7.87
CA SER A 6 27.63 -6.17 -8.91
C SER A 6 27.25 -4.80 -8.34
N GLU A 7 27.67 -3.74 -9.03
CA GLU A 7 27.27 -2.36 -8.70
C GLU A 7 26.60 -1.66 -9.87
N VAL A 8 25.51 -0.94 -9.59
CA VAL A 8 24.75 -0.21 -10.60
C VAL A 8 24.75 1.32 -10.40
N MET A 9 25.20 2.06 -11.41
CA MET A 9 25.06 3.50 -11.42
CA MET A 9 25.04 3.51 -11.42
C MET A 9 23.91 3.90 -12.35
N LEU A 10 22.92 4.62 -11.82
CA LEU A 10 21.79 5.11 -12.60
C LEU A 10 22.16 6.43 -13.21
N LEU A 11 22.10 6.49 -14.54
CA LEU A 11 22.31 7.73 -15.28
C LEU A 11 20.97 8.46 -15.53
N ASP A 12 20.47 9.08 -14.46
CA ASP A 12 19.18 9.74 -14.41
C ASP A 12 19.26 11.16 -13.86
N THR A 13 20.48 11.69 -13.71
CA THR A 13 20.69 13.09 -13.29
C THR A 13 21.81 13.76 -14.13
N GLY A 14 21.74 15.08 -14.31
CA GLY A 14 22.82 15.84 -14.95
C GLY A 14 22.74 15.90 -16.47
N TRP A 15 21.62 15.48 -17.04
CA TRP A 15 21.47 15.51 -18.49
C TRP A 15 21.18 16.92 -18.95
N GLU A 16 21.51 17.21 -20.20
CA GLU A 16 21.24 18.51 -20.84
C GLU A 16 20.80 18.20 -22.24
N PHE A 17 20.01 19.09 -22.83
CA PHE A 17 19.66 18.92 -24.22
C PHE A 17 19.87 20.19 -25.06
N SER A 18 19.87 19.99 -26.39
CA SER A 18 20.02 21.04 -27.40
C SER A 18 19.24 20.70 -28.69
N GLN A 19 18.56 21.70 -29.26
CA GLN A 19 18.09 21.69 -30.64
C GLN A 19 19.35 21.70 -31.50
N SER A 20 19.58 20.68 -32.33
CA SER A 20 20.83 20.63 -33.11
C SER A 20 21.00 21.89 -33.90
N GLY A 21 22.22 22.41 -33.88
CA GLY A 21 22.58 23.57 -34.66
C GLY A 21 22.60 24.88 -33.87
N THR A 22 22.07 24.85 -32.66
CA THR A 22 21.89 26.09 -31.91
C THR A 22 23.03 26.31 -30.94
N GLU A 23 23.67 25.21 -30.57
CA GLU A 23 24.75 25.15 -29.58
C GLU A 23 24.36 25.67 -28.21
N LYS A 24 23.04 25.79 -28.02
CA LYS A 24 22.46 26.25 -26.77
C LYS A 24 21.97 25.03 -26.01
N TRP A 25 22.37 24.92 -24.74
CA TRP A 25 22.04 23.79 -23.91
C TRP A 25 21.25 24.18 -22.66
N MET A 26 20.33 23.30 -22.27
N MET A 26 20.28 23.34 -22.29
CA MET A 26 19.46 23.53 -21.13
CA MET A 26 19.42 23.57 -21.13
C MET A 26 19.33 22.22 -20.40
C MET A 26 19.31 22.24 -20.41
N PRO A 27 19.05 22.27 -19.08
CA PRO A 27 18.89 21.02 -18.26
C PRO A 27 17.74 20.11 -18.74
N ALA A 28 17.92 18.79 -18.70
CA ALA A 28 16.85 17.89 -19.08
C ALA A 28 16.59 16.82 -18.06
N THR A 29 15.45 16.17 -18.23
CA THR A 29 15.01 15.11 -17.32
C THR A 29 15.09 13.79 -18.09
N VAL A 30 15.76 12.81 -17.51
CA VAL A 30 15.96 11.52 -18.14
C VAL A 30 15.70 10.41 -17.14
N PRO A 31 14.80 9.44 -17.48
CA PRO A 31 14.03 9.26 -18.75
C PRO A 31 13.03 10.38 -19.04
N GLY A 32 12.90 10.74 -20.30
CA GLY A 32 11.98 11.79 -20.63
C GLY A 32 11.84 11.89 -22.11
N THR A 33 11.37 13.04 -22.59
CA THR A 33 11.04 13.29 -24.01
C THR A 33 11.49 14.68 -24.37
N VAL A 34 11.80 14.92 -25.64
CA VAL A 34 12.14 16.25 -26.12
C VAL A 34 11.06 17.28 -25.75
N HIS A 35 9.79 16.93 -26.01
CA HIS A 35 8.66 17.84 -25.78
C HIS A 35 8.53 18.32 -24.31
N GLN A 36 8.59 17.40 -23.36
CA GLN A 36 8.60 17.72 -21.95
C GLN A 36 9.78 18.61 -21.51
N ASP A 37 10.95 18.37 -22.07
CA ASP A 37 12.12 19.21 -21.78
C ASP A 37 11.91 20.66 -22.14
N LEU A 38 11.25 20.90 -23.27
CA LEU A 38 10.82 22.22 -23.74
C LEU A 38 9.76 22.85 -22.81
N ILE A 39 8.64 22.11 -22.67
CA ILE A 39 7.58 22.46 -21.73
C ILE A 39 8.17 22.93 -20.41
N SER A 40 9.11 22.14 -19.87
CA SER A 40 9.77 22.47 -18.61
C SER A 40 10.49 23.83 -18.60
N HIS A 41 10.89 24.32 -19.78
CA HIS A 41 11.63 25.61 -19.87
C HIS A 41 10.76 26.70 -20.53
N GLU A 42 9.48 26.39 -20.66
CA GLU A 42 8.50 27.29 -21.27
C GLU A 42 8.76 27.47 -22.77
N LEU A 43 9.56 26.58 -23.33
CA LEU A 43 9.95 26.61 -24.73
C LEU A 43 8.84 26.09 -25.67
N LEU A 44 7.79 25.53 -25.09
CA LEU A 44 6.52 25.15 -25.79
C LEU A 44 5.34 25.36 -24.86
N PRO A 45 4.17 25.68 -25.44
CA PRO A 45 2.93 25.78 -24.70
C PRO A 45 2.35 24.39 -24.34
N ASN A 46 1.58 24.31 -23.25
CA ASN A 46 0.83 23.11 -22.89
C ASN A 46 0.17 22.54 -24.15
N PRO A 47 0.70 21.39 -24.65
CA PRO A 47 0.32 20.86 -25.97
C PRO A 47 -1.13 20.42 -26.00
N PHE A 48 -1.71 20.28 -24.80
CA PHE A 48 -3.05 19.70 -24.62
C PHE A 48 -4.13 20.75 -24.52
N TYR A 49 -3.71 22.02 -24.45
CA TYR A 49 -4.59 23.19 -24.33
C TYR A 49 -5.13 23.71 -25.66
N GLY A 50 -6.41 23.99 -25.69
CA GLY A 50 -7.01 24.69 -26.80
C GLY A 50 -6.76 24.15 -28.19
N MET A 51 -6.03 24.95 -28.98
CA MET A 51 -5.72 24.65 -30.38
C MET A 51 -4.21 24.42 -30.54
N ASN A 52 -3.52 24.29 -29.42
CA ASN A 52 -2.07 24.15 -29.40
C ASN A 52 -1.46 22.98 -30.18
N GLU A 53 -2.26 22.10 -30.78
CA GLU A 53 -1.65 20.96 -31.49
C GLU A 53 -0.79 21.44 -32.66
N LYS A 54 -1.38 22.26 -33.53
CA LYS A 54 -0.67 22.89 -34.64
C LYS A 54 0.63 23.62 -34.20
N LYS A 55 0.60 24.28 -33.05
CA LYS A 55 1.69 25.07 -32.45
C LYS A 55 2.97 24.30 -32.05
N ILE A 56 2.87 22.96 -31.93
CA ILE A 56 3.96 22.15 -31.37
C ILE A 56 4.62 21.17 -32.34
N GLN A 57 4.09 21.11 -33.55
CA GLN A 57 4.53 20.23 -34.61
C GLN A 57 5.94 20.47 -35.15
N TRP A 58 6.41 21.71 -35.05
CA TRP A 58 7.72 22.08 -35.56
C TRP A 58 8.81 21.18 -34.99
N VAL A 59 8.62 20.67 -33.78
CA VAL A 59 9.65 19.88 -33.06
C VAL A 59 10.12 18.64 -33.86
N GLU A 60 9.16 17.90 -34.40
CA GLU A 60 9.43 16.67 -35.16
C GLU A 60 10.26 16.95 -36.42
N ASN A 61 10.43 18.22 -36.81
CA ASN A 61 11.32 18.56 -37.93
C ASN A 61 12.80 18.86 -37.60
N GLU A 62 13.09 19.03 -36.31
CA GLU A 62 14.46 19.22 -35.87
C GLU A 62 15.10 17.92 -35.35
N ASP A 63 16.44 17.94 -35.26
CA ASP A 63 17.23 16.95 -34.56
C ASP A 63 17.54 17.41 -33.14
N TRP A 64 17.81 16.44 -32.28
CA TRP A 64 17.94 16.73 -30.81
C TRP A 64 19.09 15.98 -30.21
N GLU A 65 19.87 16.68 -29.40
CA GLU A 65 21.08 16.15 -28.84
C GLU A 65 20.98 16.21 -27.34
N TYR A 66 21.48 15.14 -26.71
CA TYR A 66 21.45 14.96 -25.25
C TYR A 66 22.88 14.68 -24.77
N ARG A 67 23.25 15.23 -23.63
CA ARG A 67 24.57 14.96 -23.11
C ARG A 67 24.54 14.82 -21.60
N THR A 68 25.47 14.00 -21.08
CA THR A 68 25.67 13.79 -19.65
C THR A 68 27.12 13.38 -19.36
N SER A 69 27.57 13.61 -18.13
CA SER A 69 28.91 13.23 -17.70
C SER A 69 28.85 12.45 -16.41
N PHE A 70 29.79 11.54 -16.24
CA PHE A 70 29.85 10.78 -15.02
C PHE A 70 31.29 10.46 -14.67
N ILE A 71 31.55 10.21 -13.39
CA ILE A 71 32.87 9.83 -12.89
C ILE A 71 32.99 8.29 -12.76
N VAL A 72 34.16 7.75 -13.07
CA VAL A 72 34.44 6.35 -12.83
C VAL A 72 35.74 6.34 -12.00
N SER A 73 35.74 5.63 -10.88
CA SER A 73 36.92 5.58 -10.04
C SER A 73 37.82 4.52 -10.65
N GLU A 74 39.07 4.53 -10.21
CA GLU A 74 40.05 3.50 -10.60
C GLU A 74 39.61 2.06 -10.24
N GLU A 75 38.93 1.93 -9.10
CA GLU A 75 38.47 0.66 -8.57
C GLU A 75 37.31 0.09 -9.40
N GLN A 76 36.37 0.95 -9.78
CA GLN A 76 35.31 0.57 -10.71
C GLN A 76 35.84 0.12 -12.05
N LEU A 77 36.87 0.80 -12.57
CA LEU A 77 37.57 0.47 -13.82
C LEU A 77 38.31 -0.85 -13.79
N ASN A 78 38.66 -1.34 -12.59
CA ASN A 78 39.24 -2.69 -12.43
C ASN A 78 38.26 -3.83 -12.22
N ARG A 79 36.95 -3.53 -12.33
CA ARG A 79 35.95 -4.59 -12.36
C ARG A 79 36.15 -5.36 -13.67
N ASP A 80 35.87 -6.68 -13.65
CA ASP A 80 36.02 -7.48 -14.87
C ASP A 80 35.21 -6.91 -16.03
N GLY A 81 33.98 -6.50 -15.77
CA GLY A 81 33.12 -6.08 -16.87
C GLY A 81 32.42 -4.80 -16.48
N ILE A 82 32.11 -3.99 -17.48
CA ILE A 82 31.27 -2.84 -17.31
C ILE A 82 30.32 -2.67 -18.50
N GLN A 83 29.02 -2.65 -18.21
CA GLN A 83 27.91 -2.69 -19.19
C GLN A 83 27.16 -1.35 -19.10
N LEU A 84 26.85 -0.76 -20.25
CA LEU A 84 25.89 0.34 -20.33
C LEU A 84 24.60 -0.22 -20.93
N ILE A 85 23.47 0.02 -20.27
CA ILE A 85 22.21 -0.51 -20.74
C ILE A 85 21.27 0.66 -21.09
N PHE A 86 20.72 0.63 -22.31
CA PHE A 86 19.60 1.50 -22.65
C PHE A 86 18.33 0.69 -22.77
N GLU A 87 17.40 0.89 -21.85
CA GLU A 87 16.14 0.19 -21.91
C GLU A 87 15.17 0.74 -22.95
N GLY A 88 15.49 1.91 -23.51
CA GLY A 88 14.68 2.47 -24.58
C GLY A 88 15.26 3.74 -25.17
N LEU A 89 15.41 3.75 -26.50
CA LEU A 89 15.80 4.97 -27.22
C LEU A 89 14.79 5.17 -28.33
N ASP A 90 14.15 6.33 -28.33
CA ASP A 90 13.15 6.75 -29.33
C ASP A 90 13.76 7.80 -30.33
N THR A 91 14.21 7.44 -31.54
CA THR A 91 14.28 6.09 -32.13
C THR A 91 15.63 5.99 -32.84
N TYR A 92 15.91 6.92 -33.79
CA TYR A 92 17.19 6.97 -34.51
C TYR A 92 18.23 7.77 -33.69
N ALA A 93 19.02 7.03 -32.92
CA ALA A 93 19.93 7.61 -31.93
C ALA A 93 21.36 7.10 -32.13
N ASP A 94 22.30 8.02 -32.43
CA ASP A 94 23.74 7.67 -32.43
C ASP A 94 24.28 7.89 -31.03
N VAL A 95 24.77 6.83 -30.41
CA VAL A 95 25.27 6.85 -29.04
C VAL A 95 26.81 6.95 -29.02
N TYR A 96 27.33 7.99 -28.41
CA TYR A 96 28.76 8.21 -28.38
C TYR A 96 29.23 8.24 -26.93
N LEU A 97 30.31 7.51 -26.65
CA LEU A 97 30.92 7.57 -25.34
C LEU A 97 32.43 7.73 -25.46
N ASN A 98 32.98 8.82 -24.95
CA ASN A 98 34.43 9.06 -25.02
C ASN A 98 35.04 8.93 -26.42
N GLY A 99 34.40 9.50 -27.44
CA GLY A 99 34.89 9.39 -28.85
C GLY A 99 34.46 8.16 -29.63
N SER A 100 33.83 7.20 -28.95
CA SER A 100 33.41 5.91 -29.54
C SER A 100 31.93 5.96 -29.92
N LEU A 101 31.60 5.64 -31.19
CA LEU A 101 30.20 5.33 -31.59
C LEU A 101 29.91 3.95 -31.10
N LEU A 102 29.08 3.88 -30.06
CA LEU A 102 28.74 2.62 -29.43
C LEU A 102 27.62 1.93 -30.19
N LEU A 103 26.72 2.74 -30.78
CA LEU A 103 25.48 2.21 -31.23
C LEU A 103 24.72 3.18 -32.14
N LYS A 104 24.22 2.67 -33.26
CA LYS A 104 23.26 3.40 -34.03
C LYS A 104 21.90 2.75 -33.78
N ALA A 105 21.15 3.31 -32.83
CA ALA A 105 19.84 2.71 -32.45
C ALA A 105 18.80 2.99 -33.54
N ASP A 106 17.86 2.07 -33.78
CA ASP A 106 16.79 2.24 -34.78
C ASP A 106 15.43 1.53 -34.42
N ASN A 107 15.21 1.31 -33.13
CA ASN A 107 13.98 0.62 -32.70
C ASN A 107 13.64 1.00 -31.30
N MET A 108 12.48 1.63 -31.16
CA MET A 108 12.01 2.13 -29.89
C MET A 108 11.74 1.01 -28.86
N PHE A 109 11.29 -0.12 -29.38
CA PHE A 109 10.86 -1.27 -28.61
C PHE A 109 11.96 -2.30 -28.18
N VAL A 110 13.24 -1.93 -28.30
CA VAL A 110 14.42 -2.81 -28.05
C VAL A 110 15.30 -2.18 -26.96
N GLY A 111 15.74 -2.96 -25.98
CA GLY A 111 16.76 -2.50 -25.03
C GLY A 111 18.11 -2.94 -25.58
N TYR A 112 19.15 -2.16 -25.32
CA TYR A 112 20.51 -2.38 -25.84
C TYR A 112 21.47 -2.52 -24.64
N THR A 113 22.20 -3.63 -24.58
CA THR A 113 23.18 -3.86 -23.53
C THR A 113 24.54 -3.77 -24.21
N LEU A 114 25.41 -2.86 -23.75
CA LEU A 114 26.65 -2.51 -24.49
C LEU A 114 27.92 -2.68 -23.60
N PRO A 115 28.94 -3.45 -24.05
CA PRO A 115 30.20 -3.58 -23.23
C PRO A 115 31.05 -2.31 -23.33
N VAL A 116 31.33 -1.62 -22.24
CA VAL A 116 31.96 -0.30 -22.41
C VAL A 116 33.27 -0.10 -21.61
N LYS A 117 33.72 -1.16 -20.94
CA LYS A 117 34.88 -1.07 -20.01
C LYS A 117 36.16 -0.62 -20.72
N SER A 118 36.43 -1.15 -21.93
CA SER A 118 37.67 -0.75 -22.67
C SER A 118 37.63 0.68 -23.17
N VAL A 119 36.43 1.26 -23.15
CA VAL A 119 36.17 2.64 -23.62
C VAL A 119 36.06 3.73 -22.51
N LEU A 120 35.85 3.33 -21.24
CA LEU A 120 35.68 4.24 -20.11
C LEU A 120 37.04 4.76 -19.62
N ARG A 121 37.06 5.96 -19.01
CA ARG A 121 38.29 6.56 -18.47
C ARG A 121 38.09 6.87 -16.97
N LYS A 122 39.15 6.69 -16.17
CA LYS A 122 39.23 7.23 -14.77
C LYS A 122 38.97 8.74 -14.80
N GLY A 123 38.19 9.27 -13.86
CA GLY A 123 37.80 10.70 -13.91
C GLY A 123 36.49 10.85 -14.68
N GLU A 124 36.33 11.95 -15.43
CA GLU A 124 35.06 12.17 -16.10
C GLU A 124 34.95 11.43 -17.43
N ASN A 125 33.70 11.14 -17.80
CA ASN A 125 33.38 10.39 -19.01
C ASN A 125 32.21 11.09 -19.59
N HIS A 126 32.19 11.25 -20.92
CA HIS A 126 31.14 11.98 -21.58
C HIS A 126 30.32 11.06 -22.48
N LEU A 127 29.04 10.96 -22.13
CA LEU A 127 28.03 10.37 -23.00
C LEU A 127 27.28 11.46 -23.80
N TYR A 128 27.04 11.16 -25.06
CA TYR A 128 26.44 12.10 -26.00
C TYR A 128 25.55 11.35 -26.96
N ILE A 129 24.30 11.78 -27.10
CA ILE A 129 23.34 11.04 -27.95
C ILE A 129 22.71 11.99 -28.96
N TYR A 130 22.82 11.62 -30.23
CA TYR A 130 22.23 12.39 -31.30
C TYR A 130 20.94 11.72 -31.84
N PHE A 131 19.80 12.39 -31.59
CA PHE A 131 18.49 11.91 -32.11
C PHE A 131 18.20 12.57 -33.46
N HIS A 132 18.36 11.79 -34.53
CA HIS A 132 17.88 12.16 -35.86
C HIS A 132 16.36 12.25 -35.79
N SER A 133 15.80 13.25 -36.48
CA SER A 133 14.36 13.41 -36.57
C SER A 133 13.82 12.13 -37.26
N PRO A 134 12.75 11.50 -36.70
CA PRO A 134 12.16 10.32 -37.33
C PRO A 134 11.49 10.67 -38.64
N ILE A 135 11.08 11.92 -38.78
CA ILE A 135 10.54 12.46 -40.03
C ILE A 135 11.57 12.55 -41.17
N ARG A 136 12.59 13.35 -40.93
CA ARG A 136 13.66 13.62 -41.87
C ARG A 136 14.51 12.40 -42.16
N GLN A 137 14.61 11.50 -41.17
CA GLN A 137 15.20 10.18 -41.39
C GLN A 137 14.41 9.29 -42.41
N THR A 138 13.08 9.41 -42.45
CA THR A 138 12.25 8.53 -43.29
C THR A 138 11.71 9.15 -44.58
N LEU A 139 11.81 10.48 -44.69
CA LEU A 139 11.53 11.17 -45.98
C LEU A 139 12.24 10.56 -47.20
N PRO A 140 13.54 10.22 -47.10
CA PRO A 140 14.15 9.58 -48.29
C PRO A 140 13.61 8.18 -48.59
N GLN A 141 13.37 7.44 -47.52
CA GLN A 141 12.75 6.11 -47.58
C GLN A 141 11.39 6.16 -48.23
N TYR A 142 10.62 7.19 -47.86
CA TYR A 142 9.32 7.49 -48.48
C TYR A 142 9.43 7.83 -49.96
N ALA A 143 10.39 8.69 -50.33
CA ALA A 143 10.57 9.10 -51.71
C ALA A 143 10.99 7.95 -52.65
N SER A 144 11.71 6.97 -52.11
CA SER A 144 12.04 5.77 -52.89
C SER A 144 10.92 4.75 -53.02
N ASN A 145 9.80 4.93 -52.33
CA ASN A 145 8.81 3.84 -52.20
C ASN A 145 7.86 3.76 -53.38
N GLY A 146 7.61 4.89 -54.04
CA GLY A 146 6.67 4.95 -55.14
C GLY A 146 5.20 4.71 -54.82
N PHE A 147 4.82 4.87 -53.56
CA PHE A 147 3.41 4.81 -53.08
C PHE A 147 3.38 5.16 -51.59
N ASN A 148 2.19 5.59 -51.18
CA ASN A 148 1.89 5.95 -49.82
C ASN A 148 1.13 4.76 -49.19
N TYR A 149 1.66 4.25 -48.07
CA TYR A 149 0.96 3.28 -47.24
C TYR A 149 -0.32 3.96 -46.70
N PRO A 150 -1.45 3.24 -46.70
CA PRO A 150 -2.72 3.86 -46.26
C PRO A 150 -2.89 3.88 -44.71
N ALA A 151 -1.97 4.53 -44.01
CA ALA A 151 -2.05 4.70 -42.56
C ALA A 151 -2.79 5.98 -42.22
N ASP A 152 -4.11 5.97 -42.41
CA ASP A 152 -4.96 7.12 -42.11
C ASP A 152 -4.74 7.71 -40.72
N ASN A 153 -4.31 6.90 -39.75
CA ASN A 153 -4.18 7.46 -38.39
C ASN A 153 -2.89 8.22 -38.20
N ASP A 154 -1.96 8.09 -39.14
CA ASP A 154 -0.71 8.89 -39.24
C ASP A 154 -1.11 10.28 -39.83
N HIS A 155 -1.19 11.33 -39.01
CA HIS A 155 -1.76 12.64 -39.43
C HIS A 155 -0.74 13.56 -40.12
N HIS A 156 -0.45 13.22 -41.37
CA HIS A 156 0.50 13.92 -42.18
C HIS A 156 0.14 13.47 -43.56
N GLU A 157 0.49 14.28 -44.56
CA GLU A 157 0.29 13.91 -45.96
C GLU A 157 1.05 12.62 -46.29
N LYS A 158 2.25 12.48 -45.74
CA LYS A 158 3.13 11.36 -46.06
C LYS A 158 3.04 10.38 -44.92
N HIS A 159 2.72 9.12 -45.20
CA HIS A 159 2.55 8.20 -44.07
C HIS A 159 3.86 7.47 -43.75
N LEU A 160 4.69 8.19 -43.00
CA LEU A 160 6.07 7.75 -42.70
C LEU A 160 6.16 6.81 -41.51
N SER A 161 5.07 6.67 -40.76
CA SER A 161 5.02 5.90 -39.52
C SER A 161 5.38 4.46 -39.76
N VAL A 162 5.00 3.96 -40.94
CA VAL A 162 5.15 2.54 -41.23
C VAL A 162 6.59 2.11 -41.51
N PHE A 163 7.48 3.08 -41.77
CA PHE A 163 8.88 2.75 -42.01
C PHE A 163 9.64 2.71 -40.70
N SER A 164 9.02 3.21 -39.60
CA SER A 164 9.67 3.28 -38.28
C SER A 164 9.12 2.32 -37.24
N ARG A 165 10.04 1.69 -36.49
CA ARG A 165 9.70 0.87 -35.31
C ARG A 165 9.67 1.84 -34.17
N LYS A 166 8.54 2.54 -34.11
CA LYS A 166 8.27 3.63 -33.19
C LYS A 166 6.73 3.59 -32.93
N ALA A 167 6.31 3.76 -31.67
CA ALA A 167 4.92 3.80 -31.24
C ALA A 167 3.95 4.39 -32.29
N PRO A 168 3.10 3.52 -32.89
CA PRO A 168 2.25 4.01 -34.00
C PRO A 168 1.44 5.29 -33.65
N TYR A 169 0.87 5.30 -32.43
CA TYR A 169 0.02 6.40 -31.95
C TYR A 169 0.72 7.77 -31.86
N SER A 170 2.05 7.78 -31.85
CA SER A 170 2.79 9.07 -31.73
C SER A 170 2.59 10.02 -32.93
N TYR A 171 2.36 9.43 -34.10
CA TYR A 171 2.08 10.16 -35.33
C TYR A 171 0.62 10.64 -35.45
N GLY A 172 -0.22 10.50 -34.42
CA GLY A 172 -1.68 10.68 -34.57
C GLY A 172 -2.52 9.43 -34.43
N TRP A 173 -3.80 9.59 -34.04
CA TRP A 173 -4.81 8.50 -34.00
C TRP A 173 -6.24 9.07 -33.84
N ASP A 174 -7.31 8.28 -34.00
CA ASP A 174 -8.70 8.85 -33.95
C ASP A 174 -9.18 9.17 -32.54
N TRP A 175 -8.26 9.13 -31.58
CA TRP A 175 -8.55 9.56 -30.24
C TRP A 175 -7.32 10.28 -29.68
N GLY A 176 -6.32 10.54 -30.53
CA GLY A 176 -5.02 11.06 -30.05
C GLY A 176 -4.46 12.29 -30.76
N ILE A 177 -3.60 13.01 -30.06
CA ILE A 177 -2.83 14.14 -30.53
C ILE A 177 -1.52 13.66 -31.19
N ARG A 178 -1.12 14.31 -32.31
CA ARG A 178 0.18 14.03 -32.95
C ARG A 178 1.31 14.70 -32.15
N MET A 179 2.16 13.87 -31.57
CA MET A 179 3.36 14.37 -30.90
C MET A 179 4.46 13.36 -31.19
N VAL A 180 5.11 13.55 -32.35
CA VAL A 180 6.18 12.67 -32.82
C VAL A 180 7.48 12.99 -32.04
N THR A 181 7.61 12.37 -30.86
CA THR A 181 8.67 12.78 -29.94
C THR A 181 9.96 11.98 -30.11
N SER A 182 10.95 12.29 -29.27
CA SER A 182 12.25 11.63 -29.26
C SER A 182 12.77 11.67 -27.84
N GLY A 183 13.76 10.84 -27.52
CA GLY A 183 14.47 10.91 -26.27
C GLY A 183 14.87 9.55 -25.73
N VAL A 184 15.55 9.60 -24.57
CA VAL A 184 15.92 8.42 -23.74
C VAL A 184 14.70 8.06 -22.91
N TRP A 185 13.83 7.19 -23.42
CA TRP A 185 12.45 7.04 -22.85
C TRP A 185 12.29 5.98 -21.72
N ARG A 186 13.32 5.18 -21.52
CA ARG A 186 13.40 4.28 -20.38
C ARG A 186 14.84 4.39 -19.80
N PRO A 187 15.08 3.80 -18.63
CA PRO A 187 16.32 4.17 -17.89
C PRO A 187 17.67 3.73 -18.50
N VAL A 188 18.70 4.51 -18.20
CA VAL A 188 20.06 4.24 -18.61
C VAL A 188 20.78 3.76 -17.35
N THR A 189 21.33 2.55 -17.41
CA THR A 189 22.04 2.00 -16.27
C THR A 189 23.45 1.61 -16.62
N LEU A 190 24.35 1.70 -15.65
CA LEU A 190 25.73 1.30 -15.84
C LEU A 190 26.11 0.27 -14.81
N ARG A 191 26.57 -0.90 -15.24
CA ARG A 191 26.82 -2.04 -14.33
C ARG A 191 28.29 -2.59 -14.28
N PHE A 192 28.89 -2.51 -13.09
CA PHE A 192 30.28 -2.88 -12.82
C PHE A 192 30.19 -4.21 -12.11
N TYR A 193 30.79 -5.25 -12.68
CA TYR A 193 30.60 -6.58 -12.15
C TYR A 193 31.85 -7.45 -12.30
N ASP A 194 31.85 -8.58 -11.61
CA ASP A 194 32.89 -9.52 -11.85
C ASP A 194 32.40 -10.79 -12.54
N ILE A 195 33.26 -11.40 -13.33
CA ILE A 195 33.07 -12.73 -13.99
C ILE A 195 32.07 -12.85 -15.17
N ALA A 196 30.79 -12.52 -14.91
CA ALA A 196 29.64 -12.83 -15.77
C ALA A 196 28.40 -12.02 -15.32
N THR A 197 27.51 -11.74 -16.28
CA THR A 197 26.12 -11.37 -16.00
C THR A 197 25.12 -12.47 -16.46
N ILE A 198 23.92 -12.47 -15.91
CA ILE A 198 22.84 -13.32 -16.43
C ILE A 198 22.12 -12.47 -17.47
N SER A 199 22.24 -12.83 -18.73
CA SER A 199 21.54 -12.05 -19.75
C SER A 199 20.07 -12.46 -19.90
N ASP A 200 19.71 -13.66 -19.42
CA ASP A 200 18.33 -14.13 -19.46
C ASP A 200 18.10 -15.22 -18.43
N TYR A 201 16.94 -15.15 -17.77
CA TYR A 201 16.49 -16.19 -16.84
C TYR A 201 15.07 -16.54 -17.22
N TYR A 202 14.85 -17.74 -17.72
CA TYR A 202 13.52 -18.22 -18.11
C TYR A 202 13.05 -19.37 -17.23
N VAL A 203 11.89 -19.22 -16.61
CA VAL A 203 11.35 -20.28 -15.81
C VAL A 203 10.30 -20.98 -16.67
N ARG A 204 10.67 -22.12 -17.22
CA ARG A 204 9.77 -22.83 -18.12
C ARG A 204 8.99 -23.90 -17.39
N GLN A 205 7.67 -23.73 -17.34
CA GLN A 205 6.80 -24.73 -16.81
C GLN A 205 6.58 -25.90 -17.76
N LEU A 206 6.97 -27.09 -17.32
CA LEU A 206 6.85 -28.31 -18.10
C LEU A 206 5.52 -29.01 -17.86
N SER A 207 5.12 -29.16 -16.59
CA SER A 207 3.79 -29.68 -16.28
C SER A 207 3.26 -29.06 -14.99
N LEU A 208 1.95 -29.16 -14.82
CA LEU A 208 1.27 -28.69 -13.63
C LEU A 208 0.01 -29.50 -13.40
N THR A 209 -0.07 -30.12 -12.23
CA THR A 209 -1.23 -30.87 -11.74
C THR A 209 -1.40 -30.36 -10.31
N ASP A 210 -2.48 -30.74 -9.63
CA ASP A 210 -2.63 -30.44 -8.21
C ASP A 210 -1.49 -30.95 -7.36
N GLU A 211 -0.86 -32.05 -7.78
CA GLU A 211 0.14 -32.71 -6.99
C GLU A 211 1.56 -32.18 -7.19
N ASN A 212 1.89 -31.69 -8.40
CA ASN A 212 3.28 -31.31 -8.72
C ASN A 212 3.38 -30.29 -9.88
N ALA A 213 4.21 -29.28 -9.68
CA ALA A 213 4.64 -28.43 -10.76
C ALA A 213 6.08 -28.76 -11.10
N ARG A 214 6.31 -29.07 -12.38
CA ARG A 214 7.68 -29.28 -12.85
C ARG A 214 8.16 -28.14 -13.75
N LEU A 215 9.29 -27.55 -13.38
CA LEU A 215 9.86 -26.41 -14.05
C LEU A 215 11.30 -26.64 -14.54
N SER A 216 11.66 -25.86 -15.55
CA SER A 216 12.99 -25.85 -16.12
C SER A 216 13.52 -24.44 -16.01
N ASN A 217 14.49 -24.24 -15.11
CA ASN A 217 15.22 -22.99 -14.99
C ASN A 217 16.33 -22.92 -16.05
N GLU A 218 16.10 -22.05 -17.03
CA GLU A 218 16.97 -21.87 -18.19
C GLU A 218 17.67 -20.51 -18.11
N LEU A 219 19.00 -20.56 -18.12
CA LEU A 219 19.88 -19.39 -17.95
C LEU A 219 20.87 -19.21 -19.08
N ILE A 220 21.06 -17.96 -19.49
CA ILE A 220 22.06 -17.61 -20.47
C ILE A 220 23.00 -16.75 -19.63
N VAL A 221 24.25 -17.21 -19.45
CA VAL A 221 25.27 -16.47 -18.68
C VAL A 221 26.33 -15.98 -19.66
N ASN A 222 26.59 -14.68 -19.65
CA ASN A 222 27.58 -14.10 -20.51
C ASN A 222 28.86 -13.86 -19.69
N GLN A 223 29.85 -14.71 -19.89
CA GLN A 223 31.06 -14.66 -19.09
C GLN A 223 32.09 -13.78 -19.79
N ILE A 224 32.61 -12.78 -19.07
CA ILE A 224 33.41 -11.70 -19.68
C ILE A 224 34.96 -11.80 -19.49
N VAL A 225 35.43 -12.82 -18.79
CA VAL A 225 36.90 -12.98 -18.52
C VAL A 225 37.53 -14.06 -19.42
N PRO A 226 38.87 -14.01 -19.66
CA PRO A 226 39.54 -14.98 -20.55
C PRO A 226 39.60 -16.44 -20.07
N GLN A 227 39.51 -16.63 -18.76
CA GLN A 227 39.74 -17.90 -18.08
C GLN A 227 38.47 -18.75 -18.07
N LYS A 228 38.63 -20.03 -17.72
CA LYS A 228 37.55 -20.95 -17.37
C LYS A 228 37.31 -20.84 -15.85
N ILE A 229 36.09 -20.50 -15.44
CA ILE A 229 35.75 -20.19 -14.05
C ILE A 229 34.74 -21.22 -13.58
N PRO A 230 35.13 -22.08 -12.60
CA PRO A 230 34.19 -22.96 -11.96
C PRO A 230 33.15 -22.15 -11.23
N ALA A 231 31.93 -22.66 -11.20
CA ALA A 231 30.83 -21.94 -10.61
C ALA A 231 29.79 -22.93 -10.12
N GLU A 232 29.07 -22.54 -9.09
CA GLU A 232 27.88 -23.27 -8.73
C GLU A 232 26.69 -22.36 -9.04
N VAL A 233 25.79 -22.86 -9.88
CA VAL A 233 24.52 -22.18 -10.20
C VAL A 233 23.45 -22.65 -9.23
N ARG A 234 22.79 -21.71 -8.54
CA ARG A 234 21.73 -22.07 -7.60
C ARG A 234 20.44 -21.37 -7.93
N VAL A 235 19.35 -22.11 -7.77
CA VAL A 235 18.00 -21.58 -7.92
C VAL A 235 17.27 -21.78 -6.57
N ASN A 236 16.79 -20.70 -5.97
CA ASN A 236 15.95 -20.76 -4.80
C ASN A 236 14.50 -20.37 -5.11
N VAL A 237 13.58 -21.21 -4.64
CA VAL A 237 12.16 -20.98 -4.80
C VAL A 237 11.52 -20.70 -3.43
N SER A 238 10.93 -19.51 -3.26
CA SER A 238 10.30 -19.18 -2.00
CA SER A 238 10.31 -19.15 -1.99
C SER A 238 8.91 -18.57 -2.21
N LEU A 239 8.16 -18.52 -1.11
CA LEU A 239 6.82 -18.00 -1.06
C LEU A 239 6.83 -17.23 0.25
N ASN A 240 6.52 -15.92 0.19
CA ASN A 240 6.45 -15.07 1.39
CA ASN A 240 6.48 -15.05 1.37
C ASN A 240 7.74 -15.15 2.25
N GLY A 241 8.90 -15.34 1.60
CA GLY A 241 10.21 -15.26 2.29
C GLY A 241 10.64 -16.56 2.92
N THR A 242 9.93 -17.64 2.63
CA THR A 242 10.26 -18.96 3.15
C THR A 242 10.51 -19.89 1.97
N THR A 243 11.66 -20.58 1.99
CA THR A 243 12.09 -21.53 0.97
C THR A 243 11.17 -22.74 0.80
N VAL A 244 10.74 -22.96 -0.43
CA VAL A 244 9.93 -24.11 -0.82
C VAL A 244 10.81 -25.25 -1.40
N THR A 245 11.66 -24.94 -2.38
CA THR A 245 12.58 -25.91 -2.95
C THR A 245 13.89 -25.21 -3.33
N GLU A 246 14.99 -25.98 -3.32
CA GLU A 246 16.28 -25.42 -3.68
C GLU A 246 17.07 -26.44 -4.49
N VAL A 247 17.67 -25.97 -5.58
CA VAL A 247 18.49 -26.81 -6.42
C VAL A 247 19.82 -26.09 -6.70
N LYS A 248 20.86 -26.87 -7.00
CA LYS A 248 22.14 -26.33 -7.46
C LYS A 248 22.73 -27.21 -8.58
N GLN A 249 23.79 -26.70 -9.20
CA GLN A 249 24.48 -27.42 -10.24
C GLN A 249 25.92 -26.93 -10.34
N GLN A 250 26.86 -27.83 -10.42
CA GLN A 250 28.28 -27.47 -10.74
C GLN A 250 28.53 -27.27 -12.24
N VAL A 251 29.15 -26.15 -12.58
CA VAL A 251 29.55 -25.94 -13.97
C VAL A 251 30.95 -25.35 -13.98
N THR A 252 31.62 -25.38 -15.13
CA THR A 252 32.75 -24.51 -15.34
C THR A 252 32.31 -23.61 -16.50
N LEU A 253 32.20 -22.32 -16.21
CA LEU A 253 31.80 -21.33 -17.19
C LEU A 253 32.93 -20.98 -18.13
N GLN A 254 32.59 -20.99 -19.42
CA GLN A 254 33.50 -20.71 -20.52
C GLN A 254 33.40 -19.23 -20.93
N PRO A 255 34.51 -18.64 -21.48
CA PRO A 255 34.38 -17.28 -22.09
C PRO A 255 33.17 -17.21 -23.06
N GLY A 256 32.43 -16.10 -23.04
CA GLY A 256 31.21 -15.97 -23.83
C GLY A 256 29.94 -16.54 -23.21
N ILE A 257 28.96 -16.87 -24.08
CA ILE A 257 27.64 -17.34 -23.67
C ILE A 257 27.70 -18.78 -23.16
N ASN A 258 27.01 -19.01 -22.05
CA ASN A 258 26.87 -20.33 -21.42
C ASN A 258 25.37 -20.62 -21.24
N HIS A 259 24.92 -21.82 -21.59
CA HIS A 259 23.53 -22.20 -21.40
C HIS A 259 23.47 -23.19 -20.26
N ILE A 260 22.61 -22.92 -19.29
CA ILE A 260 22.52 -23.74 -18.07
C ILE A 260 21.05 -24.06 -17.88
N THR A 261 20.74 -25.33 -17.61
CA THR A 261 19.38 -25.78 -17.29
C THR A 261 19.39 -26.54 -15.94
N LEU A 262 18.54 -26.08 -15.00
CA LEU A 262 18.26 -26.79 -13.71
C LEU A 262 16.77 -27.04 -13.56
N PRO A 263 16.36 -28.33 -13.47
CA PRO A 263 15.02 -28.60 -13.00
C PRO A 263 14.77 -28.30 -11.51
N ALA A 264 13.51 -27.97 -11.22
CA ALA A 264 13.03 -27.77 -9.89
C ALA A 264 11.57 -28.16 -9.98
N GLU A 265 11.07 -28.72 -8.88
CA GLU A 265 9.67 -29.10 -8.77
C GLU A 265 9.13 -28.44 -7.53
N VAL A 266 7.80 -28.22 -7.52
CA VAL A 266 7.08 -27.73 -6.35
C VAL A 266 5.93 -28.70 -6.16
N THR A 267 6.02 -29.57 -5.14
CA THR A 267 4.89 -30.44 -4.76
C THR A 267 3.74 -29.63 -4.23
N ASN A 268 2.52 -30.08 -4.52
CA ASN A 268 1.28 -29.41 -4.04
C ASN A 268 1.35 -27.90 -4.26
N PRO A 269 1.59 -27.47 -5.53
CA PRO A 269 1.76 -26.05 -5.87
C PRO A 269 0.52 -25.25 -5.48
N VAL A 270 0.73 -24.01 -5.01
CA VAL A 270 -0.40 -23.08 -4.75
C VAL A 270 -0.60 -22.30 -6.07
N ARG A 271 -1.71 -22.54 -6.73
CA ARG A 271 -1.97 -21.93 -8.07
C ARG A 271 -2.28 -20.42 -8.07
N TRP A 272 -1.75 -19.74 -9.08
CA TRP A 272 -2.13 -18.37 -9.44
C TRP A 272 -3.58 -18.40 -10.00
N MET A 273 -4.48 -17.59 -9.44
CA MET A 273 -5.85 -17.53 -9.98
C MET A 273 -6.17 -16.12 -10.55
N PRO A 274 -6.95 -16.05 -11.65
CA PRO A 274 -7.39 -14.77 -12.18
C PRO A 274 -8.38 -14.08 -11.25
N ASN A 275 -8.39 -12.74 -11.31
CA ASN A 275 -9.36 -11.92 -10.55
C ASN A 275 -10.83 -12.48 -10.51
N GLY A 276 -11.36 -12.68 -9.31
CA GLY A 276 -12.68 -13.30 -9.11
C GLY A 276 -12.65 -14.80 -8.81
N TRP A 277 -11.52 -15.48 -9.02
CA TRP A 277 -11.47 -16.94 -8.88
C TRP A 277 -10.57 -17.39 -7.72
N GLY A 278 -9.94 -16.42 -7.06
CA GLY A 278 -9.05 -16.70 -5.95
C GLY A 278 -7.90 -15.71 -5.91
N THR A 279 -6.80 -16.17 -5.31
CA THR A 279 -5.64 -15.31 -5.06
CA THR A 279 -5.62 -15.35 -5.03
C THR A 279 -4.61 -15.41 -6.19
N PRO A 280 -4.07 -14.24 -6.60
CA PRO A 280 -3.11 -14.28 -7.69
C PRO A 280 -1.68 -14.57 -7.15
N THR A 281 -1.50 -15.79 -6.64
CA THR A 281 -0.26 -16.23 -5.93
C THR A 281 0.98 -16.27 -6.79
N LEU A 282 2.02 -15.58 -6.29
CA LEU A 282 3.30 -15.40 -6.95
C LEU A 282 4.47 -15.95 -6.13
N TYR A 283 5.16 -16.97 -6.66
CA TYR A 283 6.32 -17.54 -6.01
C TYR A 283 7.48 -16.63 -6.30
N ASP A 284 8.52 -16.61 -5.47
CA ASP A 284 9.76 -15.96 -5.89
C ASP A 284 10.84 -16.96 -6.37
N PHE A 285 11.21 -16.87 -7.65
CA PHE A 285 12.32 -17.70 -8.23
C PHE A 285 13.59 -16.85 -8.32
N SER A 286 14.64 -17.27 -7.61
CA SER A 286 15.88 -16.51 -7.59
C SER A 286 17.07 -17.34 -8.07
N ALA A 287 17.72 -16.95 -9.17
CA ALA A 287 18.94 -17.63 -9.63
C ALA A 287 20.25 -16.86 -9.38
N GLN A 288 21.27 -17.59 -8.93
CA GLN A 288 22.56 -17.02 -8.54
C GLN A 288 23.74 -17.77 -9.15
N ILE A 289 24.74 -17.02 -9.62
CA ILE A 289 26.02 -17.61 -10.01
C ILE A 289 27.01 -17.40 -8.84
N ALA A 290 27.42 -18.47 -8.16
CA ALA A 290 28.38 -18.30 -7.09
C ALA A 290 29.75 -18.75 -7.56
N CYS A 291 30.75 -17.89 -7.31
CA CYS A 291 32.17 -18.14 -7.63
C CYS A 291 33.08 -18.03 -6.42
N GLY A 292 33.37 -19.17 -5.81
CA GLY A 292 34.08 -19.17 -4.53
C GLY A 292 33.07 -18.74 -3.50
N ASP A 293 33.43 -17.80 -2.63
CA ASP A 293 32.39 -17.39 -1.66
C ASP A 293 31.37 -16.38 -2.22
N ARG A 294 31.73 -15.72 -3.32
CA ARG A 294 31.01 -14.56 -3.86
C ARG A 294 29.89 -14.87 -4.89
N ILE A 295 28.75 -14.22 -4.71
CA ILE A 295 27.65 -14.22 -5.68
C ILE A 295 27.91 -13.11 -6.70
N VAL A 296 28.43 -13.53 -7.85
CA VAL A 296 28.83 -12.60 -8.90
C VAL A 296 27.63 -12.04 -9.68
N ALA A 297 26.59 -12.86 -9.84
CA ALA A 297 25.35 -12.52 -10.60
C ALA A 297 24.15 -13.16 -9.95
N GLU A 298 23.08 -12.39 -9.84
CA GLU A 298 21.80 -12.91 -9.41
C GLU A 298 20.66 -12.33 -10.25
N GLN A 299 19.60 -13.12 -10.51
CA GLN A 299 18.40 -12.58 -11.15
C GLN A 299 17.16 -13.27 -10.58
N SER A 300 16.07 -12.53 -10.40
CA SER A 300 14.82 -13.12 -9.89
CA SER A 300 14.82 -13.06 -9.84
C SER A 300 13.60 -12.79 -10.73
N HIS A 301 12.62 -13.68 -10.66
CA HIS A 301 11.28 -13.46 -11.23
C HIS A 301 10.23 -13.87 -10.20
N ARG A 302 9.05 -13.26 -10.35
CA ARG A 302 7.85 -13.63 -9.64
C ARG A 302 7.08 -14.48 -10.65
N ILE A 303 6.69 -15.69 -10.20
CA ILE A 303 6.18 -16.74 -11.06
C ILE A 303 4.83 -17.15 -10.53
N GLY A 304 3.83 -17.18 -11.40
CA GLY A 304 2.58 -17.76 -11.03
C GLY A 304 2.41 -19.13 -11.62
N LEU A 305 1.95 -20.09 -10.81
CA LEU A 305 1.88 -21.44 -11.29
C LEU A 305 0.47 -21.67 -11.75
N ARG A 306 0.28 -21.72 -13.06
CA ARG A 306 -1.05 -21.86 -13.63
C ARG A 306 -0.93 -22.39 -15.05
N THR A 307 -2.04 -22.89 -15.60
CA THR A 307 -2.10 -23.19 -17.02
C THR A 307 -3.06 -22.22 -17.70
N ILE A 308 -2.71 -21.78 -18.91
CA ILE A 308 -3.60 -20.98 -19.75
C ILE A 308 -3.60 -21.60 -21.13
N ARG A 309 -4.79 -21.92 -21.60
CA ARG A 309 -4.93 -22.45 -22.94
C ARG A 309 -5.94 -21.62 -23.68
N VAL A 310 -5.58 -21.18 -24.89
CA VAL A 310 -6.57 -20.58 -25.77
C VAL A 310 -7.19 -21.69 -26.62
N VAL A 311 -8.51 -21.82 -26.56
CA VAL A 311 -9.21 -22.82 -27.36
C VAL A 311 -9.86 -22.17 -28.56
N ASN A 312 -9.30 -22.50 -29.72
CA ASN A 312 -9.72 -21.96 -31.02
C ASN A 312 -9.83 -23.16 -31.99
N GLU A 313 -11.03 -23.75 -32.00
CA GLU A 313 -11.34 -25.01 -32.67
C GLU A 313 -12.66 -24.93 -33.45
N LYS A 314 -12.73 -25.57 -34.61
CA LYS A 314 -14.02 -25.72 -35.29
C LYS A 314 -15.08 -26.42 -34.43
N ASP A 315 -16.33 -25.98 -34.59
CA ASP A 315 -17.48 -26.54 -33.89
C ASP A 315 -18.73 -26.24 -34.70
N LYS A 316 -19.90 -26.66 -34.19
CA LYS A 316 -21.16 -26.53 -34.94
C LYS A 316 -21.49 -25.07 -35.30
N ASP A 317 -20.98 -24.16 -34.47
CA ASP A 317 -21.25 -22.74 -34.57
C ASP A 317 -20.24 -21.92 -35.43
N GLY A 318 -19.07 -22.50 -35.67
CA GLY A 318 -18.06 -21.91 -36.50
C GLY A 318 -16.68 -22.29 -35.97
N GLU A 319 -15.98 -21.33 -35.37
CA GLU A 319 -14.69 -21.58 -34.72
C GLU A 319 -14.73 -20.93 -33.34
N SER A 320 -14.53 -21.71 -32.31
CA SER A 320 -14.54 -21.17 -30.96
C SER A 320 -13.36 -20.23 -30.74
N PHE A 321 -13.43 -19.43 -29.67
CA PHE A 321 -12.32 -18.58 -29.27
C PHE A 321 -12.43 -18.32 -27.77
N TYR A 322 -11.74 -19.10 -26.93
CA TYR A 322 -11.86 -18.84 -25.48
C TYR A 322 -10.64 -19.21 -24.64
N PHE A 323 -10.63 -18.73 -23.42
CA PHE A 323 -9.56 -18.97 -22.51
C PHE A 323 -10.00 -20.02 -21.48
N GLU A 324 -9.21 -21.07 -21.32
CA GLU A 324 -9.39 -22.00 -20.23
C GLU A 324 -8.25 -21.81 -19.24
N VAL A 325 -8.57 -21.44 -17.99
CA VAL A 325 -7.55 -21.14 -16.97
C VAL A 325 -7.53 -22.23 -15.90
N ASN A 326 -6.37 -22.86 -15.68
CA ASN A 326 -6.29 -23.95 -14.70
C ASN A 326 -7.40 -24.98 -14.94
N GLY A 327 -7.70 -25.28 -16.19
CA GLY A 327 -8.63 -26.35 -16.53
C GLY A 327 -10.07 -25.91 -16.68
N ILE A 328 -10.34 -24.61 -16.50
CA ILE A 328 -11.72 -24.11 -16.39
C ILE A 328 -11.98 -23.00 -17.40
N PRO A 329 -12.98 -23.19 -18.27
CA PRO A 329 -13.24 -22.12 -19.20
C PRO A 329 -13.56 -20.84 -18.44
N MET A 330 -12.91 -19.74 -18.82
CA MET A 330 -13.03 -18.44 -18.17
C MET A 330 -13.59 -17.43 -19.16
N PHE A 331 -14.84 -17.05 -18.92
CA PHE A 331 -15.47 -15.93 -19.64
C PHE A 331 -14.69 -14.64 -19.35
N ALA A 332 -14.11 -14.03 -20.40
CA ALA A 332 -13.22 -12.84 -20.30
C ALA A 332 -14.02 -11.59 -20.10
N LYS A 333 -13.57 -10.76 -19.17
CA LYS A 333 -14.22 -9.49 -18.91
C LYS A 333 -13.20 -8.34 -18.79
N GLY A 334 -13.22 -7.40 -19.72
CA GLY A 334 -12.24 -6.32 -19.65
C GLY A 334 -12.41 -5.27 -20.70
N ALA A 335 -11.26 -4.73 -21.14
CA ALA A 335 -11.18 -3.61 -22.06
C ALA A 335 -9.85 -3.59 -22.85
N ASN A 336 -9.85 -2.79 -23.92
CA ASN A 336 -8.64 -2.49 -24.66
C ASN A 336 -7.86 -1.33 -24.00
N TYR A 337 -6.52 -1.51 -23.86
CA TYR A 337 -5.66 -0.53 -23.20
C TYR A 337 -4.81 0.20 -24.24
N ILE A 338 -4.79 1.55 -24.19
CA ILE A 338 -3.91 2.42 -25.04
C ILE A 338 -2.85 3.11 -24.16
N PRO A 339 -1.85 3.81 -24.77
CA PRO A 339 -0.90 4.48 -23.89
C PRO A 339 -1.56 5.47 -22.92
N GLN A 340 -1.03 5.56 -21.69
CA GLN A 340 -1.62 6.43 -20.71
C GLN A 340 -1.32 7.93 -20.95
N ASP A 341 -0.39 8.21 -21.87
CA ASP A 341 0.01 9.61 -22.17
C ASP A 341 0.62 9.76 -23.56
N ALA A 342 0.51 10.96 -24.14
CA ALA A 342 1.24 11.30 -25.37
C ALA A 342 2.78 11.30 -25.15
N LEU A 343 3.17 11.52 -23.88
CA LEU A 343 4.58 11.51 -23.47
C LEU A 343 4.78 10.43 -22.41
N LEU A 344 5.24 9.26 -22.86
CA LEU A 344 5.23 8.04 -22.04
C LEU A 344 6.02 8.11 -20.71
N PRO A 345 7.18 8.82 -20.69
CA PRO A 345 7.91 8.86 -19.42
C PRO A 345 7.23 9.68 -18.33
N ASN A 346 6.21 10.45 -18.71
CA ASN A 346 5.35 11.19 -17.77
C ASN A 346 4.44 10.28 -16.97
N VAL A 347 4.22 9.04 -17.43
CA VAL A 347 3.29 8.11 -16.76
C VAL A 347 4.02 7.51 -15.55
N THR A 348 3.55 7.89 -14.37
CA THR A 348 4.27 7.65 -13.11
C THR A 348 3.85 6.27 -12.55
N THR A 349 4.63 5.76 -11.58
CA THR A 349 4.32 4.54 -10.85
C THR A 349 2.88 4.55 -10.29
N GLU A 350 2.46 5.69 -9.73
CA GLU A 350 1.13 5.86 -9.14
C GLU A 350 0.01 5.76 -10.21
N ARG A 351 0.22 6.39 -11.36
CA ARG A 351 -0.74 6.31 -12.46
C ARG A 351 -0.95 4.85 -12.91
N TYR A 352 0.14 4.11 -13.07
CA TYR A 352 0.09 2.65 -13.34
C TYR A 352 -0.70 1.86 -12.31
N GLN A 353 -0.40 2.09 -11.03
CA GLN A 353 -1.09 1.45 -9.92
C GLN A 353 -2.60 1.73 -9.84
N THR A 354 -2.99 2.98 -10.04
CA THR A 354 -4.37 3.43 -10.03
C THR A 354 -5.16 2.84 -11.18
N LEU A 355 -4.53 2.63 -12.34
CA LEU A 355 -5.21 2.03 -13.49
C LEU A 355 -5.51 0.58 -13.22
N PHE A 356 -4.56 -0.10 -12.57
CA PHE A 356 -4.82 -1.48 -12.15
C PHE A 356 -5.87 -1.67 -11.07
N ARG A 357 -5.85 -0.81 -10.06
CA ARG A 357 -6.98 -0.64 -9.14
C ARG A 357 -8.33 -0.44 -9.88
N ASP A 358 -8.39 0.45 -10.87
CA ASP A 358 -9.58 0.72 -11.71
C ASP A 358 -10.11 -0.52 -12.45
N MET A 359 -9.20 -1.30 -13.03
CA MET A 359 -9.55 -2.60 -13.64
C MET A 359 -10.04 -3.62 -12.63
N LYS A 360 -9.27 -3.77 -11.54
CA LYS A 360 -9.64 -4.73 -10.50
C LYS A 360 -11.01 -4.42 -9.88
N GLU A 361 -11.25 -3.15 -9.61
CA GLU A 361 -12.50 -2.71 -9.06
C GLU A 361 -13.70 -2.83 -9.99
N ALA A 362 -13.47 -2.81 -11.31
CA ALA A 362 -14.55 -2.99 -12.29
C ALA A 362 -14.80 -4.46 -12.62
N ASN A 363 -14.24 -5.34 -11.77
CA ASN A 363 -14.39 -6.81 -11.92
C ASN A 363 -13.74 -7.41 -13.16
N MET A 364 -12.71 -6.74 -13.67
CA MET A 364 -12.03 -7.23 -14.89
C MET A 364 -11.04 -8.39 -14.59
N ASN A 365 -10.90 -9.28 -15.56
CA ASN A 365 -9.95 -10.39 -15.52
C ASN A 365 -9.02 -10.38 -16.76
N MET A 366 -9.16 -9.37 -17.62
CA MET A 366 -8.36 -9.28 -18.85
C MET A 366 -8.21 -7.82 -19.41
N VAL A 367 -7.03 -7.56 -19.97
CA VAL A 367 -6.74 -6.34 -20.72
C VAL A 367 -6.02 -6.72 -22.03
N ARG A 368 -6.43 -6.07 -23.11
CA ARG A 368 -5.72 -6.15 -24.38
C ARG A 368 -4.80 -4.92 -24.50
N ILE A 369 -3.48 -5.18 -24.61
CA ILE A 369 -2.51 -4.14 -24.93
C ILE A 369 -2.45 -4.12 -26.47
N TRP A 370 -3.20 -3.16 -27.00
CA TRP A 370 -3.49 -3.00 -28.43
C TRP A 370 -2.29 -2.51 -29.20
N GLY A 371 -2.20 -2.95 -30.46
CA GLY A 371 -0.98 -2.80 -31.28
C GLY A 371 -0.50 -1.46 -31.83
N GLY A 372 -1.22 -0.37 -31.59
CA GLY A 372 -0.73 0.96 -31.90
C GLY A 372 -0.02 1.70 -30.75
N GLY A 373 0.27 1.04 -29.65
CA GLY A 373 0.88 1.71 -28.52
C GLY A 373 2.33 1.25 -28.33
N THR A 374 2.63 0.72 -27.16
CA THR A 374 3.94 0.11 -26.88
C THR A 374 3.83 -1.28 -26.25
N TYR A 375 4.90 -2.08 -26.31
CA TYR A 375 5.04 -3.21 -25.38
C TYR A 375 5.33 -2.56 -24.01
N GLU A 376 4.44 -2.79 -23.07
CA GLU A 376 4.42 -1.94 -21.91
C GLU A 376 5.61 -2.20 -21.00
N ASN A 377 5.82 -1.34 -20.01
CA ASN A 377 6.92 -1.53 -19.11
C ASN A 377 6.77 -2.75 -18.21
N ASN A 378 7.86 -3.18 -17.62
CA ASN A 378 7.80 -4.27 -16.63
C ASN A 378 6.79 -4.08 -15.49
N LEU A 379 6.69 -2.85 -14.96
CA LEU A 379 5.71 -2.48 -13.92
C LEU A 379 4.27 -2.84 -14.31
N PHE A 380 3.85 -2.45 -15.51
CA PHE A 380 2.53 -2.83 -16.06
C PHE A 380 2.26 -4.33 -15.91
N TYR A 381 3.23 -5.18 -16.20
CA TYR A 381 2.98 -6.63 -16.15
C TYR A 381 3.08 -7.15 -14.73
N ASP A 382 3.98 -6.58 -13.92
CA ASP A 382 4.03 -6.93 -12.50
C ASP A 382 2.69 -6.64 -11.81
N LEU A 383 2.05 -5.53 -12.16
CA LEU A 383 0.73 -5.17 -11.62
C LEU A 383 -0.38 -6.11 -12.13
N ALA A 384 -0.32 -6.49 -13.40
CA ALA A 384 -1.25 -7.50 -13.92
C ALA A 384 -1.12 -8.86 -13.23
N ASP A 385 0.11 -9.35 -13.00
CA ASP A 385 0.41 -10.56 -12.17
C ASP A 385 -0.25 -10.45 -10.80
N GLU A 386 0.10 -9.40 -10.06
CA GLU A 386 -0.38 -9.28 -8.69
C GLU A 386 -1.86 -8.93 -8.52
N ASN A 387 -2.50 -8.51 -9.63
CA ASN A 387 -3.93 -8.21 -9.61
C ASN A 387 -4.79 -9.28 -10.31
N GLY A 388 -4.19 -10.32 -10.88
CA GLY A 388 -4.98 -11.35 -11.51
C GLY A 388 -5.66 -10.98 -12.83
N ILE A 389 -5.05 -10.10 -13.59
CA ILE A 389 -5.59 -9.67 -14.90
C ILE A 389 -4.79 -10.42 -15.97
N LEU A 390 -5.45 -11.24 -16.78
CA LEU A 390 -4.79 -11.80 -17.98
C LEU A 390 -4.42 -10.70 -19.00
N VAL A 391 -3.25 -10.85 -19.62
CA VAL A 391 -2.79 -9.92 -20.63
C VAL A 391 -2.80 -10.55 -22.05
N TRP A 392 -3.59 -9.92 -22.93
CA TRP A 392 -3.57 -10.23 -24.37
C TRP A 392 -2.61 -9.18 -25.04
N GLN A 393 -1.48 -9.64 -25.52
CA GLN A 393 -0.46 -8.73 -26.05
C GLN A 393 -0.49 -8.68 -27.60
N ASP A 394 -0.94 -7.58 -28.21
CA ASP A 394 -0.67 -7.40 -29.67
C ASP A 394 0.85 -7.13 -29.92
N PHE A 395 1.36 -7.51 -31.09
CA PHE A 395 2.57 -6.91 -31.56
C PHE A 395 2.26 -5.49 -31.98
N MET A 396 3.27 -4.63 -32.03
CA MET A 396 3.01 -3.21 -32.24
C MET A 396 2.86 -2.91 -33.74
N PHE A 397 1.79 -3.49 -34.31
CA PHE A 397 1.30 -3.26 -35.72
C PHE A 397 -0.25 -3.01 -35.74
N ALA A 398 -0.72 -1.93 -36.37
CA ALA A 398 -2.15 -1.57 -36.33
C ALA A 398 -2.65 -0.79 -37.59
N CYS A 399 -3.77 -1.24 -38.11
CA CYS A 399 -4.65 -0.53 -39.03
C CYS A 399 -4.15 -0.32 -40.44
N THR A 400 -2.94 -0.76 -40.75
CA THR A 400 -2.34 -0.62 -42.10
C THR A 400 -1.47 -1.81 -42.47
N PRO A 401 -1.35 -2.12 -43.79
CA PRO A 401 -0.26 -3.05 -44.05
C PRO A 401 1.13 -2.38 -43.80
N TYR A 402 2.17 -3.19 -43.60
CA TYR A 402 3.51 -2.66 -43.29
C TYR A 402 4.53 -3.15 -44.33
N PRO A 403 5.72 -2.51 -44.36
CA PRO A 403 6.73 -3.05 -45.26
C PRO A 403 7.13 -4.47 -44.85
N SER A 404 7.78 -5.17 -45.77
CA SER A 404 8.16 -6.52 -45.48
C SER A 404 9.51 -6.87 -46.10
N ASP A 405 10.35 -5.86 -46.34
CA ASP A 405 11.65 -6.09 -47.03
C ASP A 405 12.61 -6.78 -46.04
N PRO A 406 13.66 -7.46 -46.53
CA PRO A 406 14.56 -8.13 -45.58
C PRO A 406 15.07 -7.32 -44.38
N THR A 407 15.52 -6.09 -44.60
CA THR A 407 15.99 -5.23 -43.52
C THR A 407 14.90 -4.89 -42.49
N PHE A 408 13.72 -4.48 -42.97
CA PHE A 408 12.62 -4.21 -42.08
C PHE A 408 12.34 -5.41 -41.19
N LEU A 409 12.39 -6.62 -41.75
CA LEU A 409 12.01 -7.82 -41.00
C LEU A 409 13.03 -8.22 -39.93
N LYS A 410 14.30 -7.95 -40.22
CA LYS A 410 15.37 -8.17 -39.27
C LYS A 410 15.19 -7.34 -38.02
N ARG A 411 14.88 -6.05 -38.20
CA ARG A 411 14.51 -5.13 -37.15
C ARG A 411 13.33 -5.59 -36.30
N VAL A 412 12.24 -6.04 -36.96
CA VAL A 412 11.04 -6.50 -36.28
C VAL A 412 11.32 -7.76 -35.47
N GLU A 413 12.14 -8.65 -36.04
CA GLU A 413 12.58 -9.89 -35.40
C GLU A 413 13.31 -9.67 -34.05
N ALA A 414 14.09 -8.59 -33.97
CA ALA A 414 14.84 -8.21 -32.79
C ALA A 414 13.92 -7.68 -31.72
N GLU A 415 12.99 -6.78 -32.07
CA GLU A 415 11.93 -6.38 -31.13
C GLU A 415 11.09 -7.59 -30.65
N ALA A 416 10.78 -8.54 -31.55
CA ALA A 416 10.00 -9.70 -31.16
C ALA A 416 10.78 -10.53 -30.16
N VAL A 417 12.02 -10.92 -30.51
CA VAL A 417 12.88 -11.70 -29.59
C VAL A 417 13.12 -10.91 -28.28
N TYR A 418 13.32 -9.60 -28.37
CA TYR A 418 13.60 -8.79 -27.18
C TYR A 418 12.42 -8.75 -26.20
N ASN A 419 11.24 -8.41 -26.70
CA ASN A 419 10.08 -8.34 -25.84
C ASN A 419 9.49 -9.69 -25.45
N ILE A 420 9.54 -10.70 -26.30
CA ILE A 420 9.10 -12.04 -25.87
C ILE A 420 9.91 -12.52 -24.63
N ARG A 421 11.23 -12.32 -24.61
CA ARG A 421 12.05 -12.77 -23.49
C ARG A 421 11.88 -11.88 -22.30
N ARG A 422 11.67 -10.59 -22.55
CA ARG A 422 11.25 -9.63 -21.51
C ARG A 422 9.96 -10.06 -20.81
N LEU A 423 9.02 -10.63 -21.55
CA LEU A 423 7.67 -10.81 -20.97
C LEU A 423 7.23 -12.24 -20.57
N ARG A 424 8.01 -13.23 -20.96
CA ARG A 424 7.55 -14.62 -20.98
C ARG A 424 7.48 -15.25 -19.60
N ASN A 425 8.02 -14.52 -18.62
CA ASN A 425 7.98 -15.02 -17.23
C ASN A 425 6.75 -14.50 -16.44
N HIS A 426 5.90 -13.68 -17.07
CA HIS A 426 4.77 -13.06 -16.39
C HIS A 426 3.53 -14.01 -16.37
N ALA A 427 3.06 -14.27 -15.14
CA ALA A 427 1.89 -15.11 -14.90
C ALA A 427 0.69 -14.58 -15.70
N SER A 428 0.61 -13.26 -15.79
CA SER A 428 -0.47 -12.51 -16.48
C SER A 428 -0.47 -12.73 -17.99
N LEU A 429 0.69 -12.98 -18.61
CA LEU A 429 0.76 -13.15 -20.08
C LEU A 429 -0.02 -14.39 -20.58
N ALA A 430 -1.06 -14.11 -21.39
CA ALA A 430 -1.97 -15.15 -21.87
C ALA A 430 -1.87 -15.52 -23.37
N MET A 431 -1.60 -14.54 -24.24
CA MET A 431 -1.45 -14.81 -25.69
C MET A 431 -0.74 -13.68 -26.45
N TRP A 432 -0.27 -13.97 -27.68
CA TRP A 432 0.30 -12.95 -28.57
C TRP A 432 -0.67 -12.76 -29.72
N CYS A 433 -0.70 -11.56 -30.31
CA CYS A 433 -1.50 -11.36 -31.53
C CYS A 433 -0.69 -10.53 -32.49
N GLY A 434 -0.66 -10.92 -33.75
CA GLY A 434 0.30 -10.26 -34.67
C GLY A 434 0.07 -8.78 -34.92
N ASN A 435 -1.20 -8.40 -35.02
CA ASN A 435 -1.57 -7.04 -35.29
C ASN A 435 -3.03 -6.76 -35.03
N ASN A 436 -3.36 -5.47 -35.09
CA ASN A 436 -4.71 -4.98 -35.03
C ASN A 436 -5.25 -4.65 -36.43
N GLU A 437 -6.25 -5.42 -36.90
CA GLU A 437 -7.11 -5.02 -38.02
C GLU A 437 -6.43 -4.90 -39.40
N ILE A 438 -5.22 -5.40 -39.57
CA ILE A 438 -4.57 -5.30 -40.85
C ILE A 438 -5.13 -6.27 -41.92
N LEU A 439 -5.52 -7.49 -41.58
CA LEU A 439 -6.09 -8.37 -42.63
C LEU A 439 -7.49 -7.91 -43.05
N GLU A 440 -8.25 -7.39 -42.09
CA GLU A 440 -9.55 -6.78 -42.35
C GLU A 440 -9.35 -5.54 -43.22
N ALA A 441 -8.36 -4.72 -42.89
CA ALA A 441 -7.91 -3.63 -43.76
C ALA A 441 -7.65 -4.08 -45.20
N LEU A 442 -6.87 -5.14 -45.33
CA LEU A 442 -6.44 -5.60 -46.63
C LEU A 442 -7.59 -6.23 -47.42
N LYS A 443 -8.52 -6.88 -46.74
CA LYS A 443 -9.70 -7.44 -47.38
C LYS A 443 -10.89 -6.47 -47.65
N TYR A 444 -11.06 -5.46 -46.81
CA TYR A 444 -12.35 -4.76 -46.80
C TYR A 444 -12.27 -3.27 -46.89
N TRP A 445 -11.08 -2.68 -46.77
CA TRP A 445 -11.03 -1.21 -46.66
C TRP A 445 -10.80 -0.52 -48.02
N GLY A 446 -10.99 -1.29 -49.09
CA GLY A 446 -11.00 -0.76 -50.44
C GLY A 446 -9.62 -0.43 -51.01
N PHE A 447 -8.57 -1.11 -50.51
CA PHE A 447 -7.19 -0.94 -51.02
C PHE A 447 -7.02 -1.27 -52.51
N GLU A 448 -7.74 -2.28 -53.00
CA GLU A 448 -7.70 -2.69 -54.44
C GLU A 448 -8.12 -1.61 -55.48
N LYS A 449 -8.67 -0.49 -55.01
CA LYS A 449 -9.05 0.64 -55.87
C LYS A 449 -8.10 1.83 -55.69
N LYS A 450 -7.08 1.63 -54.83
CA LYS A 450 -6.19 2.70 -54.40
C LYS A 450 -4.73 2.44 -54.82
N PHE A 451 -4.45 1.25 -55.35
CA PHE A 451 -3.09 0.80 -55.65
C PHE A 451 -3.10 -0.01 -56.94
N THR A 452 -1.97 -0.10 -57.63
CA THR A 452 -1.90 -1.00 -58.77
C THR A 452 -2.12 -2.46 -58.30
N PRO A 453 -2.53 -3.35 -59.23
CA PRO A 453 -2.63 -4.76 -58.85
C PRO A 453 -1.31 -5.35 -58.35
N GLU A 454 -0.19 -4.88 -58.90
CA GLU A 454 1.13 -5.33 -58.50
C GLU A 454 1.45 -4.91 -57.05
N VAL A 455 1.24 -3.63 -56.73
CA VAL A 455 1.42 -3.10 -55.39
C VAL A 455 0.49 -3.78 -54.38
N TYR A 456 -0.81 -3.93 -54.67
CA TYR A 456 -1.72 -4.69 -53.78
C TYR A 456 -1.22 -6.10 -53.41
N GLN A 457 -0.74 -6.83 -54.40
CA GLN A 457 -0.22 -8.18 -54.24
C GLN A 457 1.05 -8.23 -53.39
N GLY A 458 1.89 -7.21 -53.55
CA GLY A 458 3.09 -7.12 -52.73
C GLY A 458 2.74 -6.90 -51.27
N LEU A 459 1.67 -6.14 -51.03
CA LEU A 459 1.13 -5.96 -49.69
C LEU A 459 0.61 -7.27 -49.13
N MET A 460 -0.14 -8.02 -49.94
CA MET A 460 -0.70 -9.35 -49.51
C MET A 460 0.36 -10.44 -49.24
N HIS A 461 1.39 -10.50 -50.10
N HIS A 461 1.38 -10.49 -50.09
CA HIS A 461 2.58 -11.36 -49.88
CA HIS A 461 2.50 -11.38 -49.85
C HIS A 461 3.34 -10.89 -48.64
C HIS A 461 3.38 -10.89 -48.68
N GLY A 462 3.45 -9.58 -48.47
CA GLY A 462 4.22 -8.99 -47.36
C GLY A 462 3.56 -9.19 -46.01
N TYR A 463 2.24 -9.23 -46.02
CA TYR A 463 1.46 -9.63 -44.86
C TYR A 463 1.81 -11.04 -44.35
N ASP A 464 1.75 -12.03 -45.25
CA ASP A 464 2.09 -13.38 -44.85
C ASP A 464 3.53 -13.49 -44.29
N LYS A 465 4.49 -12.82 -44.93
CA LYS A 465 5.89 -12.82 -44.56
C LYS A 465 6.13 -12.47 -43.07
N LEU A 466 5.41 -11.44 -42.62
CA LEU A 466 5.54 -10.89 -41.29
C LEU A 466 4.63 -11.64 -40.29
N PHE A 467 3.33 -11.77 -40.62
CA PHE A 467 2.31 -12.18 -39.66
C PHE A 467 1.90 -13.65 -39.64
N ARG A 468 2.27 -14.40 -40.68
CA ARG A 468 2.01 -15.86 -40.77
C ARG A 468 3.31 -16.68 -40.87
N GLU A 469 4.44 -15.98 -40.94
CA GLU A 469 5.76 -16.63 -40.99
C GLU A 469 6.63 -16.14 -39.84
N LEU A 470 7.22 -14.97 -39.95
CA LEU A 470 8.16 -14.47 -38.94
C LEU A 470 7.62 -14.45 -37.51
N LEU A 471 6.48 -13.78 -37.27
CA LEU A 471 6.03 -13.65 -35.85
C LEU A 471 5.56 -14.95 -35.18
N PRO A 472 4.74 -15.78 -35.89
CA PRO A 472 4.37 -17.10 -35.34
C PRO A 472 5.57 -18.03 -35.10
N SER A 473 6.60 -17.94 -35.93
CA SER A 473 7.78 -18.76 -35.72
C SER A 473 8.71 -18.24 -34.59
N THR A 474 8.78 -16.93 -34.36
CA THR A 474 9.56 -16.40 -33.23
C THR A 474 8.95 -16.83 -31.89
N VAL A 475 7.62 -16.78 -31.88
CA VAL A 475 6.83 -17.14 -30.72
C VAL A 475 6.94 -18.63 -30.49
N LYS A 476 6.89 -19.42 -31.55
CA LYS A 476 7.08 -20.86 -31.42
C LYS A 476 8.45 -21.18 -30.80
N GLU A 477 9.46 -20.40 -31.17
CA GLU A 477 10.81 -20.61 -30.64
C GLU A 477 11.01 -20.19 -29.17
N PHE A 478 10.47 -19.03 -28.80
CA PHE A 478 10.80 -18.40 -27.53
C PHE A 478 9.71 -18.48 -26.45
N ASP A 479 8.50 -18.80 -26.90
CA ASP A 479 7.31 -18.82 -26.03
C ASP A 479 6.37 -19.92 -26.48
N SER A 480 6.90 -21.14 -26.45
CA SER A 480 6.35 -22.19 -27.26
C SER A 480 5.05 -22.74 -26.75
N ASP A 481 4.71 -22.40 -25.51
CA ASP A 481 3.42 -22.87 -24.92
C ASP A 481 2.37 -21.78 -24.83
N ARG A 482 2.65 -20.63 -25.47
CA ARG A 482 1.71 -19.51 -25.53
C ARG A 482 1.07 -19.48 -26.88
N PHE A 483 -0.26 -19.28 -26.89
CA PHE A 483 -1.04 -19.05 -28.12
C PHE A 483 -0.58 -17.80 -28.90
N TYR A 484 -0.56 -17.92 -30.24
CA TYR A 484 -0.41 -16.80 -31.16
C TYR A 484 -1.54 -16.80 -32.20
N VAL A 485 -2.04 -15.62 -32.56
CA VAL A 485 -2.97 -15.49 -33.69
C VAL A 485 -2.48 -14.36 -34.57
N HIS A 486 -2.61 -14.50 -35.88
CA HIS A 486 -2.02 -13.51 -36.80
C HIS A 486 -2.62 -12.09 -36.74
N SER A 487 -3.89 -11.97 -36.33
CA SER A 487 -4.60 -10.72 -36.41
C SER A 487 -5.85 -10.74 -35.54
N SER A 488 -6.20 -9.58 -34.95
CA SER A 488 -7.53 -9.36 -34.36
C SER A 488 -8.24 -8.27 -35.16
N PRO A 489 -9.43 -8.54 -35.71
CA PRO A 489 -10.11 -9.85 -35.72
C PRO A 489 -9.57 -10.75 -36.82
N TYR A 490 -9.48 -12.04 -36.57
CA TYR A 490 -8.83 -12.92 -37.54
C TYR A 490 -9.68 -13.31 -38.77
N LEU A 491 -10.98 -13.49 -38.65
CA LEU A 491 -11.77 -13.75 -39.87
C LEU A 491 -13.04 -12.89 -39.91
N ALA A 492 -13.66 -12.72 -38.73
CA ALA A 492 -14.96 -12.13 -38.62
C ALA A 492 -14.94 -10.67 -38.97
N ASN A 493 -15.96 -10.30 -39.73
CA ASN A 493 -16.17 -8.90 -40.10
C ASN A 493 -17.58 -8.37 -39.73
N TRP A 494 -17.66 -7.13 -39.25
CA TRP A 494 -18.92 -6.59 -38.75
C TRP A 494 -20.11 -6.52 -39.73
N GLY A 495 -19.87 -6.37 -41.01
CA GLY A 495 -20.97 -6.24 -41.96
C GLY A 495 -21.28 -7.53 -42.70
N ARG A 496 -20.60 -8.60 -42.31
CA ARG A 496 -20.73 -9.91 -42.89
C ARG A 496 -21.11 -10.92 -41.82
N PRO A 497 -22.44 -11.04 -41.51
CA PRO A 497 -23.11 -11.87 -40.50
C PRO A 497 -22.71 -13.33 -40.56
N GLU A 498 -22.44 -13.83 -41.76
CA GLU A 498 -22.06 -15.21 -41.98
C GLU A 498 -20.72 -15.56 -41.30
N SER A 499 -19.94 -14.52 -40.97
CA SER A 499 -18.61 -14.70 -40.39
C SER A 499 -18.58 -14.55 -38.89
N TRP A 500 -19.69 -14.17 -38.25
CA TRP A 500 -19.70 -13.91 -36.79
C TRP A 500 -19.49 -15.14 -35.87
N GLY A 501 -19.59 -16.35 -36.45
CA GLY A 501 -19.36 -17.59 -35.68
C GLY A 501 -17.94 -18.11 -35.80
N THR A 502 -17.07 -17.29 -36.41
CA THR A 502 -15.68 -17.67 -36.66
C THR A 502 -14.73 -16.75 -35.86
N GLY A 503 -14.29 -17.22 -34.68
CA GLY A 503 -13.30 -16.54 -33.89
C GLY A 503 -13.76 -15.25 -33.28
N ASP A 504 -12.91 -14.23 -33.27
CA ASP A 504 -13.19 -12.99 -32.51
C ASP A 504 -13.77 -11.85 -33.37
N SER A 505 -14.60 -10.99 -32.77
CA SER A 505 -15.18 -9.85 -33.52
C SER A 505 -14.76 -8.52 -32.96
N HIS A 506 -14.53 -7.56 -33.86
CA HIS A 506 -14.60 -6.13 -33.53
C HIS A 506 -15.98 -5.60 -34.01
N ASN A 507 -16.97 -5.55 -33.16
CA ASN A 507 -18.30 -5.19 -33.67
C ASN A 507 -18.47 -3.70 -33.72
N TRP A 508 -18.04 -3.14 -34.85
CA TRP A 508 -18.19 -1.70 -35.10
C TRP A 508 -19.46 -1.32 -35.87
N GLY A 509 -20.48 -2.17 -35.78
CA GLY A 509 -21.79 -1.86 -36.34
C GLY A 509 -22.38 -0.82 -35.43
N VAL A 510 -22.21 -1.01 -34.12
CA VAL A 510 -22.45 0.07 -33.18
C VAL A 510 -21.33 1.12 -33.29
N TRP A 511 -21.73 2.38 -33.30
CA TRP A 511 -20.87 3.51 -33.67
C TRP A 511 -20.75 3.67 -35.21
N TYR A 512 -19.70 3.12 -35.82
CA TYR A 512 -19.45 3.20 -37.27
C TYR A 512 -20.61 2.80 -38.19
N GLY A 513 -21.39 1.81 -37.78
CA GLY A 513 -22.46 1.31 -38.63
C GLY A 513 -23.80 1.91 -38.27
N LYS A 514 -23.80 2.77 -37.24
CA LYS A 514 -25.01 3.49 -36.75
C LYS A 514 -26.10 2.61 -36.09
N LYS A 515 -25.83 1.33 -35.89
CA LYS A 515 -26.80 0.37 -35.33
C LYS A 515 -27.12 0.71 -33.89
N PRO A 516 -28.40 0.49 -33.46
CA PRO A 516 -28.89 0.75 -32.09
C PRO A 516 -28.20 -0.19 -31.10
N PHE A 517 -28.08 0.20 -29.84
CA PHE A 517 -27.49 -0.69 -28.84
C PHE A 517 -28.21 -2.07 -28.74
N GLU A 518 -29.48 -2.09 -29.14
CA GLU A 518 -30.31 -3.29 -29.06
C GLU A 518 -29.85 -4.35 -30.04
N SER A 519 -29.12 -3.95 -31.06
CA SER A 519 -28.51 -4.91 -32.00
C SER A 519 -27.44 -5.83 -31.36
N LEU A 520 -26.84 -5.44 -30.24
CA LEU A 520 -25.88 -6.31 -29.51
C LEU A 520 -26.55 -7.55 -28.91
N ASP A 521 -27.85 -7.48 -28.74
CA ASP A 521 -28.69 -8.59 -28.27
C ASP A 521 -28.85 -9.67 -29.34
N THR A 522 -28.81 -9.27 -30.60
CA THR A 522 -28.99 -10.18 -31.75
C THR A 522 -27.71 -10.45 -32.59
N ASP A 523 -26.80 -9.48 -32.68
CA ASP A 523 -25.54 -9.65 -33.41
C ASP A 523 -24.40 -10.11 -32.45
N LEU A 524 -24.34 -11.43 -32.26
CA LEU A 524 -23.47 -12.04 -31.25
C LEU A 524 -22.19 -12.65 -31.80
N PRO A 525 -21.06 -12.41 -31.10
CA PRO A 525 -19.76 -12.94 -31.44
C PRO A 525 -19.39 -14.19 -30.61
N ARG A 526 -18.36 -14.90 -31.01
CA ARG A 526 -17.83 -16.03 -30.23
C ARG A 526 -16.96 -15.48 -29.09
N PHE A 527 -16.51 -14.25 -29.30
CA PHE A 527 -15.63 -13.49 -28.40
C PHE A 527 -15.63 -12.05 -28.91
N MET A 528 -16.13 -11.09 -28.13
CA MET A 528 -15.99 -9.65 -28.51
C MET A 528 -14.60 -9.07 -28.12
N SER A 529 -13.72 -8.86 -29.10
CA SER A 529 -12.44 -8.22 -28.79
C SER A 529 -12.47 -6.69 -28.89
N GLU A 530 -13.49 -6.15 -29.55
CA GLU A 530 -13.74 -4.70 -29.52
C GLU A 530 -15.18 -4.38 -29.83
N PHE A 531 -15.76 -3.43 -29.07
CA PHE A 531 -16.97 -2.73 -29.46
C PHE A 531 -16.96 -1.44 -28.62
N GLY A 532 -17.67 -0.40 -29.03
CA GLY A 532 -17.45 0.82 -28.31
C GLY A 532 -18.38 1.92 -28.70
N PHE A 533 -18.37 2.99 -27.88
CA PHE A 533 -19.17 4.16 -28.13
C PHE A 533 -18.48 5.29 -27.39
N GLN A 534 -18.57 6.47 -27.98
CA GLN A 534 -17.85 7.67 -27.55
C GLN A 534 -18.63 8.54 -26.55
N SER A 535 -17.91 9.29 -25.71
CA SER A 535 -18.50 10.38 -24.91
C SER A 535 -17.52 11.53 -24.72
N PHE A 536 -18.03 12.77 -24.66
CA PHE A 536 -17.23 13.90 -24.09
C PHE A 536 -16.83 13.57 -22.63
N PRO A 537 -15.63 14.00 -22.19
CA PRO A 537 -15.39 13.85 -20.72
C PRO A 537 -16.16 14.88 -19.91
N GLU A 538 -16.29 14.66 -18.60
CA GLU A 538 -17.02 15.60 -17.74
C GLU A 538 -16.40 16.97 -17.74
N MET A 539 -17.11 17.96 -17.22
CA MET A 539 -16.73 19.37 -17.35
C MET A 539 -15.37 19.79 -16.76
N LYS A 540 -14.95 19.20 -15.63
CA LYS A 540 -13.66 19.59 -15.07
C LYS A 540 -12.51 19.21 -16.00
N THR A 541 -12.77 18.26 -16.89
CA THR A 541 -11.79 17.82 -17.89
C THR A 541 -11.80 18.70 -19.17
N ILE A 542 -13.01 19.01 -19.67
CA ILE A 542 -13.16 20.15 -20.62
C ILE A 542 -12.47 21.46 -20.14
N ALA A 543 -12.73 21.92 -18.91
CA ALA A 543 -12.08 23.15 -18.44
C ALA A 543 -10.54 23.00 -18.38
N ALA A 544 -10.04 21.76 -18.52
CA ALA A 544 -8.58 21.55 -18.50
C ALA A 544 -8.00 21.94 -19.85
N PHE A 545 -8.81 21.81 -20.91
CA PHE A 545 -8.35 22.17 -22.24
C PHE A 545 -9.03 23.42 -22.85
N ALA A 546 -10.29 23.71 -22.44
CA ALA A 546 -11.14 24.75 -23.02
C ALA A 546 -11.38 25.85 -22.02
N ALA A 547 -11.34 27.10 -22.48
CA ALA A 547 -11.73 28.25 -21.65
C ALA A 547 -13.27 28.44 -21.71
N PRO A 548 -13.86 29.12 -20.69
CA PRO A 548 -15.33 29.15 -20.63
C PRO A 548 -16.02 29.47 -21.98
N GLU A 549 -15.44 30.38 -22.76
CA GLU A 549 -16.05 30.84 -24.03
C GLU A 549 -16.05 29.81 -25.17
N ASP A 550 -15.28 28.71 -24.97
CA ASP A 550 -15.14 27.58 -25.94
C ASP A 550 -16.05 26.36 -25.66
N TYR A 551 -16.83 26.38 -24.55
CA TYR A 551 -17.81 25.28 -24.19
C TYR A 551 -19.00 25.17 -25.14
N GLN A 552 -18.71 24.94 -26.41
CA GLN A 552 -19.71 24.60 -27.43
C GLN A 552 -19.16 23.34 -28.08
N ILE A 553 -20.05 22.47 -28.56
CA ILE A 553 -19.64 21.22 -29.22
C ILE A 553 -18.68 21.49 -30.40
N GLU A 554 -18.94 22.57 -31.14
CA GLU A 554 -18.08 22.88 -32.28
C GLU A 554 -17.24 24.13 -32.17
N SER A 555 -16.87 24.53 -30.96
CA SER A 555 -15.81 25.55 -30.92
C SER A 555 -14.54 25.03 -31.63
N GLU A 556 -13.76 25.93 -32.19
CA GLU A 556 -12.45 25.53 -32.65
C GLU A 556 -11.75 24.64 -31.57
N VAL A 557 -11.64 25.14 -30.33
CA VAL A 557 -10.99 24.39 -29.24
C VAL A 557 -11.60 22.99 -28.97
N MET A 558 -12.93 22.89 -28.92
CA MET A 558 -13.60 21.58 -28.88
C MET A 558 -13.24 20.70 -30.06
N ASN A 559 -13.21 21.26 -31.26
CA ASN A 559 -12.88 20.45 -32.46
C ASN A 559 -11.43 19.94 -32.57
N ALA A 560 -10.49 20.70 -32.04
CA ALA A 560 -9.15 20.21 -31.83
C ALA A 560 -9.07 18.95 -30.91
N HIS A 561 -10.18 18.55 -30.27
CA HIS A 561 -10.17 17.47 -29.26
C HIS A 561 -11.21 16.41 -29.57
N GLN A 562 -11.55 16.36 -30.84
CA GLN A 562 -12.40 15.37 -31.37
C GLN A 562 -11.68 14.92 -32.65
N LYS A 563 -11.37 13.62 -32.76
CA LYS A 563 -10.52 13.12 -33.85
C LYS A 563 -11.23 12.05 -34.65
N SER A 564 -12.41 11.70 -34.19
CA SER A 564 -13.40 11.14 -35.09
C SER A 564 -14.08 12.39 -35.70
N SER A 565 -13.96 12.54 -37.02
CA SER A 565 -14.63 13.62 -37.78
C SER A 565 -16.13 13.33 -37.92
N ILE A 566 -16.53 12.17 -37.42
CA ILE A 566 -17.90 11.61 -37.44
C ILE A 566 -18.56 11.82 -36.08
N GLY A 567 -17.73 12.19 -35.11
CA GLY A 567 -18.04 11.86 -33.74
C GLY A 567 -19.14 12.61 -33.12
N ASN A 568 -19.05 13.93 -33.13
CA ASN A 568 -19.94 14.77 -32.35
C ASN A 568 -21.39 14.63 -32.81
N SER A 569 -21.58 14.63 -34.11
CA SER A 569 -22.94 14.55 -34.64
C SER A 569 -23.57 13.15 -34.41
N LEU A 570 -22.74 12.11 -34.44
CA LEU A 570 -23.17 10.77 -34.11
C LEU A 570 -23.62 10.61 -32.67
N ILE A 571 -22.99 11.32 -31.73
CA ILE A 571 -23.37 11.22 -30.33
C ILE A 571 -24.80 11.75 -30.21
N ARG A 572 -25.06 12.93 -30.79
CA ARG A 572 -26.39 13.54 -30.87
C ARG A 572 -27.51 12.63 -31.43
N THR A 573 -27.21 11.97 -32.55
CA THR A 573 -28.05 10.96 -33.23
C THR A 573 -28.44 9.78 -32.32
N TYR A 574 -27.45 9.16 -31.65
CA TYR A 574 -27.77 8.15 -30.64
C TYR A 574 -28.52 8.71 -29.45
N MET A 575 -28.10 9.86 -28.95
CA MET A 575 -28.78 10.49 -27.81
C MET A 575 -30.26 10.65 -28.04
N GLU A 576 -30.61 11.13 -29.24
CA GLU A 576 -31.98 11.50 -29.61
C GLU A 576 -32.89 10.29 -29.56
N ARG A 577 -32.36 9.11 -29.91
CA ARG A 577 -33.13 7.84 -29.90
C ARG A 577 -33.66 7.43 -28.56
N ASP A 578 -33.05 7.97 -27.49
CA ASP A 578 -33.20 7.43 -26.12
C ASP A 578 -33.40 8.49 -25.06
N TYR A 579 -33.08 9.75 -25.39
CA TYR A 579 -33.05 10.86 -24.42
C TYR A 579 -33.59 12.10 -25.07
N ILE A 580 -34.00 13.05 -24.26
CA ILE A 580 -34.30 14.39 -24.75
C ILE A 580 -32.96 15.12 -24.82
N ILE A 581 -32.61 15.73 -25.95
CA ILE A 581 -31.31 16.42 -26.08
C ILE A 581 -31.37 17.74 -25.33
N PRO A 582 -30.54 17.90 -24.27
CA PRO A 582 -30.58 19.13 -23.48
C PRO A 582 -30.17 20.32 -24.31
N GLU A 583 -30.67 21.50 -23.95
CA GLU A 583 -30.26 22.72 -24.62
C GLU A 583 -28.95 23.31 -24.15
N SER A 584 -28.56 23.09 -22.89
CA SER A 584 -27.23 23.52 -22.43
C SER A 584 -26.14 22.48 -22.75
N PHE A 585 -24.94 22.96 -23.10
CA PHE A 585 -23.78 22.12 -23.36
C PHE A 585 -23.40 21.25 -22.13
N GLU A 586 -23.41 21.80 -20.92
CA GLU A 586 -23.11 21.00 -19.74
C GLU A 586 -24.10 19.86 -19.50
N ASP A 587 -25.36 20.08 -19.83
CA ASP A 587 -26.39 19.05 -19.69
C ASP A 587 -26.24 17.98 -20.75
N PHE A 588 -25.82 18.39 -21.93
CA PHE A 588 -25.46 17.49 -23.03
C PHE A 588 -24.27 16.56 -22.63
N VAL A 589 -23.21 17.16 -22.09
CA VAL A 589 -22.09 16.37 -21.56
C VAL A 589 -22.58 15.34 -20.51
N TYR A 590 -23.41 15.78 -19.57
CA TYR A 590 -23.93 14.89 -18.53
C TYR A 590 -24.78 13.73 -19.12
N VAL A 591 -25.74 14.04 -20.00
CA VAL A 591 -26.51 12.97 -20.70
C VAL A 591 -25.67 12.08 -21.66
N GLY A 592 -24.70 12.67 -22.34
CA GLY A 592 -23.69 11.89 -23.06
C GLY A 592 -22.94 10.84 -22.25
N LEU A 593 -22.65 11.12 -20.98
CA LEU A 593 -22.00 10.13 -20.11
C LEU A 593 -22.98 8.97 -19.78
N VAL A 594 -24.19 9.33 -19.43
CA VAL A 594 -25.25 8.41 -19.13
C VAL A 594 -25.50 7.52 -20.33
N LEU A 595 -25.56 8.13 -21.51
CA LEU A 595 -25.83 7.43 -22.77
C LEU A 595 -24.78 6.35 -23.07
N GLN A 596 -23.52 6.76 -23.13
CA GLN A 596 -22.41 5.86 -23.38
C GLN A 596 -22.46 4.69 -22.40
N GLY A 597 -22.68 4.99 -21.12
CA GLY A 597 -22.66 3.97 -20.07
C GLY A 597 -23.81 2.99 -20.14
N GLN A 598 -25.01 3.53 -20.40
CA GLN A 598 -26.24 2.68 -20.50
C GLN A 598 -26.21 1.79 -21.75
N GLY A 599 -25.81 2.35 -22.90
CA GLY A 599 -25.77 1.60 -24.16
C GLY A 599 -24.73 0.47 -24.16
N MET A 600 -23.55 0.81 -23.65
CA MET A 600 -22.44 -0.14 -23.60
C MET A 600 -22.68 -1.30 -22.64
N ARG A 601 -23.29 -1.02 -21.49
CA ARG A 601 -23.56 -2.09 -20.50
CA ARG A 601 -23.55 -2.07 -20.51
C ARG A 601 -24.63 -3.05 -21.01
N HIS A 602 -25.55 -2.56 -21.84
CA HIS A 602 -26.53 -3.42 -22.52
C HIS A 602 -25.83 -4.49 -23.39
N GLY A 603 -24.74 -4.12 -24.06
CA GLY A 603 -23.88 -5.07 -24.82
C GLY A 603 -23.07 -6.03 -23.96
N LEU A 604 -22.33 -5.53 -22.96
CA LEU A 604 -21.60 -6.35 -21.95
C LEU A 604 -22.49 -7.42 -21.33
N GLU A 605 -23.68 -6.99 -20.94
CA GLU A 605 -24.80 -7.89 -20.53
C GLU A 605 -25.21 -8.91 -21.60
N ALA A 606 -25.37 -8.51 -22.87
CA ALA A 606 -25.74 -9.48 -23.92
C ALA A 606 -24.64 -10.52 -24.10
N HIS A 607 -23.41 -10.11 -23.85
CA HIS A 607 -22.33 -11.03 -24.15
C HIS A 607 -22.25 -12.12 -23.10
N ARG A 608 -22.32 -11.75 -21.82
CA ARG A 608 -22.36 -12.75 -20.72
C ARG A 608 -23.60 -13.62 -20.78
N ARG A 609 -24.72 -13.01 -21.10
CA ARG A 609 -25.99 -13.71 -21.15
C ARG A 609 -25.93 -14.82 -22.19
N ASN A 610 -25.16 -14.58 -23.24
CA ASN A 610 -25.07 -15.51 -24.36
C ASN A 610 -23.88 -16.49 -24.30
N ARG A 611 -23.38 -16.75 -23.09
CA ARG A 611 -22.44 -17.81 -22.86
C ARG A 611 -23.22 -19.13 -22.96
N PRO A 612 -22.58 -20.23 -23.47
CA PRO A 612 -21.21 -20.43 -24.00
C PRO A 612 -20.92 -20.02 -25.47
N TYR A 613 -21.95 -19.69 -26.26
CA TYR A 613 -21.76 -19.17 -27.62
C TYR A 613 -20.72 -18.04 -27.64
N CYS A 614 -20.90 -17.07 -26.75
CA CYS A 614 -19.96 -15.97 -26.62
C CYS A 614 -19.14 -16.24 -25.37
N MET A 615 -17.83 -16.09 -25.49
CA MET A 615 -16.94 -16.45 -24.39
C MET A 615 -16.07 -15.30 -23.89
N GLY A 616 -16.37 -14.06 -24.28
CA GLY A 616 -15.61 -12.96 -23.70
C GLY A 616 -16.05 -11.65 -24.28
N THR A 617 -15.80 -10.58 -23.55
CA THR A 617 -16.08 -9.25 -24.08
C THR A 617 -15.06 -8.27 -23.53
N LEU A 618 -14.34 -7.59 -24.44
CA LEU A 618 -13.42 -6.50 -24.11
C LEU A 618 -13.91 -5.23 -24.78
N TYR A 619 -14.32 -4.23 -24.01
CA TYR A 619 -14.73 -3.01 -24.71
C TYR A 619 -13.54 -2.12 -25.17
N TRP A 620 -13.79 -1.41 -26.27
CA TRP A 620 -13.01 -0.30 -26.71
C TRP A 620 -13.56 1.02 -26.09
N GLN A 621 -12.85 1.74 -25.20
CA GLN A 621 -11.47 1.56 -24.77
C GLN A 621 -11.44 1.90 -23.27
N LEU A 622 -10.44 1.41 -22.55
CA LEU A 622 -10.33 1.69 -21.11
C LEU A 622 -10.02 3.17 -20.84
N ASN A 623 -9.04 3.72 -21.52
CA ASN A 623 -8.37 4.90 -20.99
C ASN A 623 -8.02 5.87 -22.10
N ASP A 624 -7.49 7.04 -21.69
CA ASP A 624 -7.10 8.12 -22.64
C ASP A 624 -5.63 8.51 -22.52
N SER A 625 -5.03 8.97 -23.61
CA SER A 625 -3.64 9.43 -23.61
C SER A 625 -3.52 10.97 -23.39
N TRP A 626 -4.67 11.65 -23.45
CA TRP A 626 -4.73 13.13 -23.30
C TRP A 626 -6.20 13.61 -23.17
N PRO A 627 -6.42 14.92 -22.88
CA PRO A 627 -7.84 15.29 -22.74
C PRO A 627 -8.51 15.36 -24.11
N VAL A 628 -9.58 14.60 -24.28
CA VAL A 628 -10.18 14.39 -25.58
C VAL A 628 -11.58 13.76 -25.42
N VAL A 629 -12.41 13.92 -26.46
CA VAL A 629 -13.64 13.15 -26.65
C VAL A 629 -13.23 11.80 -27.22
N SER A 630 -13.63 10.70 -26.57
CA SER A 630 -13.20 9.37 -26.93
C SER A 630 -14.16 8.28 -26.38
N TRP A 631 -13.97 7.04 -26.85
CA TRP A 631 -14.65 5.84 -26.41
C TRP A 631 -14.29 5.35 -25.01
N SER A 632 -13.42 6.08 -24.30
CA SER A 632 -12.93 5.61 -23.02
C SER A 632 -13.98 5.60 -21.94
N SER A 633 -13.70 4.82 -20.91
CA SER A 633 -14.53 4.78 -19.71
C SER A 633 -13.88 5.52 -18.52
N ILE A 634 -12.59 5.84 -18.65
CA ILE A 634 -11.86 6.68 -17.69
C ILE A 634 -11.17 7.79 -18.49
N ASP A 635 -11.45 9.06 -18.17
CA ASP A 635 -10.81 10.17 -18.86
C ASP A 635 -9.32 10.29 -18.49
N TYR A 636 -8.64 11.23 -19.11
CA TYR A 636 -7.19 11.34 -18.97
C TYR A 636 -6.76 11.61 -17.52
N TYR A 637 -7.62 12.32 -16.75
CA TYR A 637 -7.33 12.70 -15.36
C TYR A 637 -7.70 11.70 -14.28
N GLY A 638 -8.19 10.53 -14.71
CA GLY A 638 -8.49 9.43 -13.78
C GLY A 638 -9.95 9.34 -13.41
N ASN A 639 -10.78 10.21 -13.96
CA ASN A 639 -12.20 10.30 -13.58
C ASN A 639 -12.96 9.21 -14.24
N TRP A 640 -13.75 8.49 -13.44
CA TRP A 640 -14.53 7.39 -14.00
C TRP A 640 -15.69 8.06 -14.71
N LYS A 641 -15.91 7.69 -15.97
CA LYS A 641 -17.14 8.10 -16.69
C LYS A 641 -18.22 7.13 -16.21
N ALA A 642 -19.45 7.30 -16.69
CA ALA A 642 -20.58 6.38 -16.32
C ALA A 642 -20.31 4.94 -16.73
N LEU A 643 -19.75 4.79 -17.91
CA LEU A 643 -19.33 3.49 -18.42
C LEU A 643 -18.46 2.69 -17.43
N HIS A 644 -17.58 3.33 -16.66
CA HIS A 644 -16.74 2.51 -15.80
C HIS A 644 -17.56 1.87 -14.68
N TYR A 645 -18.47 2.66 -14.11
CA TYR A 645 -19.35 2.20 -13.07
C TYR A 645 -20.27 1.16 -13.68
N GLN A 646 -20.81 1.43 -14.89
CA GLN A 646 -21.70 0.46 -15.55
C GLN A 646 -20.98 -0.89 -15.86
N ALA A 647 -19.75 -0.81 -16.39
CA ALA A 647 -18.92 -2.01 -16.65
C ALA A 647 -18.69 -2.85 -15.41
N LYS A 648 -18.36 -2.20 -14.30
CA LYS A 648 -18.27 -2.87 -13.00
C LYS A 648 -19.53 -3.68 -12.63
N ARG A 649 -20.69 -3.04 -12.77
CA ARG A 649 -22.01 -3.63 -12.54
C ARG A 649 -22.26 -4.82 -13.44
N ALA A 650 -22.01 -4.64 -14.74
CA ALA A 650 -22.19 -5.73 -15.72
C ALA A 650 -21.18 -6.87 -15.62
N PHE A 651 -20.05 -6.63 -14.94
CA PHE A 651 -19.01 -7.65 -14.73
C PHE A 651 -19.08 -8.30 -13.36
N ALA A 652 -20.05 -7.89 -12.55
CA ALA A 652 -20.19 -8.50 -11.23
C ALA A 652 -20.24 -10.04 -11.35
N PRO A 653 -19.51 -10.77 -10.46
CA PRO A 653 -19.48 -12.28 -10.51
C PRO A 653 -20.85 -12.96 -10.71
N VAL A 654 -21.87 -12.42 -10.00
CA VAL A 654 -23.27 -12.85 -10.08
C VAL A 654 -24.11 -11.65 -10.52
N LEU A 655 -24.86 -11.82 -11.60
CA LEU A 655 -25.68 -10.71 -12.06
C LEU A 655 -27.11 -11.15 -12.37
N ILE A 656 -28.08 -10.37 -11.90
CA ILE A 656 -29.46 -10.46 -12.36
C ILE A 656 -29.61 -9.60 -13.61
N ASN A 657 -29.91 -10.26 -14.73
CA ASN A 657 -30.06 -9.59 -16.02
C ASN A 657 -31.50 -9.73 -16.57
N PRO A 658 -32.37 -8.76 -16.26
CA PRO A 658 -33.67 -8.63 -16.94
C PRO A 658 -33.51 -8.09 -18.37
N ILE A 659 -34.06 -8.79 -19.35
CA ILE A 659 -33.97 -8.35 -20.77
C ILE A 659 -35.37 -8.39 -21.43
N GLN A 660 -35.77 -7.24 -21.96
CA GLN A 660 -37.10 -7.06 -22.47
C GLN A 660 -37.05 -6.84 -23.99
N GLN A 661 -37.64 -7.78 -24.70
CA GLN A 661 -37.72 -7.78 -26.15
C GLN A 661 -39.13 -8.21 -26.52
N ASN A 662 -39.62 -7.69 -27.64
CA ASN A 662 -40.93 -8.03 -28.18
C ASN A 662 -42.08 -7.94 -27.14
N ASP A 663 -42.15 -6.84 -26.38
CA ASP A 663 -43.20 -6.65 -25.35
C ASP A 663 -43.19 -7.72 -24.26
N SER A 664 -41.99 -8.21 -23.92
CA SER A 664 -41.86 -9.35 -22.99
C SER A 664 -40.55 -9.30 -22.17
N LEU A 665 -40.65 -9.63 -20.88
CA LEU A 665 -39.51 -9.64 -19.95
C LEU A 665 -38.95 -11.05 -19.74
N SER A 666 -37.65 -11.24 -19.97
CA SER A 666 -36.95 -12.42 -19.44
C SER A 666 -36.05 -12.02 -18.33
N VAL A 667 -35.90 -12.86 -17.30
CA VAL A 667 -34.85 -12.64 -16.29
C VAL A 667 -33.80 -13.75 -16.29
N TYR A 668 -32.51 -13.41 -16.52
CA TYR A 668 -31.40 -14.40 -16.46
C TYR A 668 -30.56 -14.28 -15.21
N LEU A 669 -30.13 -15.43 -14.71
CA LEU A 669 -29.12 -15.42 -13.68
C LEU A 669 -27.79 -15.88 -14.30
N ILE A 670 -26.78 -15.03 -14.12
CA ILE A 670 -25.48 -15.17 -14.74
C ILE A 670 -24.42 -15.16 -13.62
N SER A 671 -23.68 -16.26 -13.52
CA SER A 671 -22.65 -16.39 -12.51
C SER A 671 -21.34 -16.75 -13.16
N ASP A 672 -20.27 -15.98 -12.86
CA ASP A 672 -18.86 -16.36 -13.12
C ASP A 672 -18.16 -16.94 -11.88
N ARG A 673 -18.98 -17.45 -10.96
CA ARG A 673 -18.47 -18.07 -9.72
C ARG A 673 -17.98 -19.49 -10.02
N LEU A 674 -17.06 -19.97 -9.20
CA LEU A 674 -16.53 -21.33 -9.30
C LEU A 674 -17.37 -22.38 -8.55
N ASP A 675 -18.15 -21.95 -7.56
CA ASP A 675 -19.11 -22.81 -6.87
C ASP A 675 -20.52 -22.55 -7.38
N THR A 676 -21.33 -23.62 -7.40
CA THR A 676 -22.74 -23.55 -7.69
C THR A 676 -23.58 -23.02 -6.48
N MET A 677 -24.58 -22.18 -6.73
CA MET A 677 -25.44 -21.67 -5.68
C MET A 677 -26.77 -22.41 -5.71
N GLU A 678 -27.26 -22.79 -4.53
CA GLU A 678 -28.41 -23.69 -4.37
C GLU A 678 -29.50 -23.11 -3.48
N GLN A 679 -30.77 -23.34 -3.84
CA GLN A 679 -31.95 -22.98 -3.03
C GLN A 679 -32.12 -21.48 -3.01
N MET A 680 -31.99 -20.88 -4.19
CA MET A 680 -31.98 -19.43 -4.31
C MET A 680 -33.39 -18.96 -4.63
N THR A 681 -33.64 -17.70 -4.28
CA THR A 681 -34.92 -17.04 -4.50
C THR A 681 -34.72 -15.71 -5.23
N LEU A 682 -35.32 -15.61 -6.41
CA LEU A 682 -35.53 -14.33 -7.10
C LEU A 682 -36.84 -13.69 -6.65
N GLU A 683 -36.75 -12.43 -6.19
CA GLU A 683 -37.90 -11.63 -5.83
C GLU A 683 -37.91 -10.30 -6.62
N MET A 684 -39.07 -9.96 -7.20
CA MET A 684 -39.26 -8.72 -7.98
C MET A 684 -40.49 -7.93 -7.53
N LYS A 685 -40.44 -6.60 -7.62
CA LYS A 685 -41.64 -5.77 -7.49
C LYS A 685 -41.63 -4.49 -8.31
N VAL A 686 -42.81 -4.16 -8.88
CA VAL A 686 -43.00 -2.95 -9.68
C VAL A 686 -43.20 -1.80 -8.71
N VAL A 687 -42.56 -0.66 -8.93
CA VAL A 687 -42.62 0.48 -7.97
C VAL A 687 -42.82 1.76 -8.79
N ASP A 688 -43.79 2.60 -8.47
CA ASP A 688 -43.93 3.89 -9.18
C ASP A 688 -42.87 4.93 -8.73
N PHE A 689 -42.77 6.06 -9.43
CA PHE A 689 -41.72 7.05 -9.17
C PHE A 689 -41.86 7.84 -7.85
N ASP A 690 -42.98 7.66 -7.15
CA ASP A 690 -43.26 8.29 -5.84
C ASP A 690 -42.99 7.36 -4.68
N GLY A 691 -42.78 6.07 -4.96
CA GLY A 691 -42.37 5.11 -3.93
C GLY A 691 -43.20 3.86 -3.77
N LYS A 692 -44.28 3.76 -4.57
CA LYS A 692 -45.43 2.96 -4.22
C LYS A 692 -45.47 1.70 -5.05
N THR A 693 -45.58 0.55 -4.37
CA THR A 693 -45.63 -0.74 -5.04
C THR A 693 -46.89 -0.86 -5.88
N LEU A 694 -46.72 -1.30 -7.13
CA LEU A 694 -47.86 -1.66 -7.97
C LEU A 694 -48.05 -3.17 -7.89
N GLY A 695 -49.27 -3.60 -7.52
CA GLY A 695 -49.62 -5.01 -7.35
C GLY A 695 -48.85 -5.68 -6.23
N LYS A 696 -48.41 -6.91 -6.47
CA LYS A 696 -47.75 -7.68 -5.41
C LYS A 696 -46.37 -8.15 -5.83
N LYS A 697 -45.53 -8.39 -4.82
CA LYS A 697 -44.25 -9.06 -4.96
C LYS A 697 -44.40 -10.38 -5.71
N ILE A 698 -43.54 -10.57 -6.71
CA ILE A 698 -43.39 -11.84 -7.43
C ILE A 698 -42.24 -12.64 -6.79
N GLN A 699 -42.48 -13.93 -6.55
CA GLN A 699 -41.50 -14.86 -5.91
C GLN A 699 -41.22 -16.10 -6.76
N VAL A 700 -39.94 -16.30 -7.08
CA VAL A 700 -39.49 -17.52 -7.78
C VAL A 700 -38.44 -18.26 -6.91
N HIS A 701 -38.89 -19.34 -6.26
CA HIS A 701 -38.06 -20.09 -5.29
C HIS A 701 -37.39 -21.30 -5.97
N SER A 702 -36.59 -22.02 -5.17
CA SER A 702 -35.84 -23.24 -5.60
C SER A 702 -34.91 -23.06 -6.84
N LEU A 703 -34.26 -21.90 -6.94
CA LEU A 703 -33.42 -21.59 -8.08
C LEU A 703 -31.98 -22.00 -7.83
N GLU A 704 -31.40 -22.68 -8.80
CA GLU A 704 -29.99 -23.02 -8.74
C GLU A 704 -29.26 -22.13 -9.73
N VAL A 705 -28.06 -21.69 -9.36
CA VAL A 705 -27.18 -20.93 -10.27
C VAL A 705 -25.84 -21.67 -10.35
N PRO A 706 -25.72 -22.64 -11.27
CA PRO A 706 -24.45 -23.36 -11.51
C PRO A 706 -23.20 -22.48 -11.76
N ALA A 707 -22.04 -22.96 -11.30
CA ALA A 707 -20.75 -22.33 -11.59
C ALA A 707 -20.69 -22.00 -13.08
N ASN A 708 -20.29 -20.76 -13.42
CA ASN A 708 -19.95 -20.42 -14.81
C ASN A 708 -21.05 -20.71 -15.84
N THR A 709 -22.25 -20.19 -15.60
CA THR A 709 -23.37 -20.33 -16.49
C THR A 709 -24.23 -19.06 -16.55
N SER A 710 -25.00 -18.96 -17.63
CA SER A 710 -26.05 -17.98 -17.79
C SER A 710 -27.35 -18.76 -18.06
N LYS A 711 -28.36 -18.65 -17.17
CA LYS A 711 -29.64 -19.40 -17.32
C LYS A 711 -30.87 -18.52 -17.13
N CYS A 712 -31.92 -18.82 -17.90
CA CYS A 712 -33.21 -18.17 -17.76
C CYS A 712 -34.08 -18.84 -16.70
N VAL A 713 -34.61 -18.02 -15.81
CA VAL A 713 -35.34 -18.48 -14.64
C VAL A 713 -36.74 -17.83 -14.48
N TYR A 714 -37.10 -16.93 -15.40
CA TYR A 714 -38.33 -16.18 -15.35
C TYR A 714 -38.67 -15.54 -16.69
N ARG A 715 -39.92 -15.72 -17.14
CA ARG A 715 -40.47 -15.02 -18.32
C ARG A 715 -41.88 -14.58 -18.03
N ALA A 716 -42.25 -13.37 -18.45
CA ALA A 716 -43.61 -12.86 -18.41
C ALA A 716 -43.84 -11.81 -19.52
N LYS A 717 -44.82 -12.07 -20.39
CA LYS A 717 -45.44 -11.08 -21.27
C LYS A 717 -45.76 -9.81 -20.50
N LEU A 718 -45.62 -8.64 -21.15
CA LEU A 718 -46.05 -7.39 -20.51
C LEU A 718 -47.57 -7.15 -20.62
N ASP A 719 -48.20 -7.66 -21.69
CA ASP A 719 -49.66 -7.47 -21.85
C ASP A 719 -50.50 -8.26 -20.80
N GLY A 720 -51.31 -7.51 -20.06
CA GLY A 720 -52.08 -8.06 -18.93
C GLY A 720 -51.42 -7.94 -17.57
N TRP A 721 -50.17 -7.46 -17.55
CA TRP A 721 -49.41 -7.21 -16.32
C TRP A 721 -49.30 -5.71 -16.05
N LEU A 722 -48.82 -4.99 -17.07
CA LEU A 722 -48.71 -3.54 -16.98
C LEU A 722 -49.33 -2.89 -18.22
N THR A 723 -49.70 -1.63 -18.08
CA THR A 723 -50.29 -0.85 -19.18
C THR A 723 -49.23 0.10 -19.75
N PRO A 724 -49.44 0.59 -20.99
CA PRO A 724 -48.42 1.49 -21.53
C PRO A 724 -48.07 2.66 -20.60
N GLU A 725 -49.04 3.15 -19.82
CA GLU A 725 -48.76 4.27 -18.91
C GLU A 725 -48.04 3.84 -17.64
N ASP A 726 -48.18 2.57 -17.26
CA ASP A 726 -47.45 2.00 -16.11
C ASP A 726 -45.97 1.84 -16.42
N CYS A 727 -45.71 1.40 -17.65
CA CYS A 727 -44.37 1.18 -18.21
C CYS A 727 -43.56 2.45 -18.30
N ARG A 728 -44.25 3.58 -18.41
CA ARG A 728 -43.58 4.86 -18.38
C ARG A 728 -43.58 5.58 -17.03
N ARG A 729 -44.20 4.98 -16.02
CA ARG A 729 -44.36 5.65 -14.70
C ARG A 729 -43.85 4.79 -13.49
N SER A 730 -43.21 3.66 -13.80
CA SER A 730 -42.75 2.69 -12.79
C SER A 730 -41.46 1.93 -13.18
N PHE A 731 -40.93 1.13 -12.25
CA PHE A 731 -39.71 0.32 -12.50
C PHE A 731 -39.74 -1.09 -11.84
N LEU A 732 -39.04 -2.05 -12.42
CA LEU A 732 -38.87 -3.34 -11.77
C LEU A 732 -37.62 -3.37 -10.87
N LYS A 733 -37.81 -3.74 -9.62
CA LYS A 733 -36.74 -3.90 -8.66
C LYS A 733 -36.53 -5.41 -8.57
N LEU A 734 -35.31 -5.90 -8.71
CA LEU A 734 -35.03 -7.34 -8.66
C LEU A 734 -33.96 -7.64 -7.63
N ILE A 735 -34.17 -8.71 -6.86
CA ILE A 735 -33.25 -9.11 -5.81
C ILE A 735 -33.08 -10.61 -5.83
N LEU A 736 -31.87 -11.07 -5.54
CA LEU A 736 -31.60 -12.51 -5.38
C LEU A 736 -31.10 -12.79 -3.96
N LYS A 737 -31.77 -13.71 -3.25
CA LYS A 737 -31.44 -14.07 -1.86
C LYS A 737 -31.19 -15.57 -1.73
N ASP A 738 -30.19 -15.95 -0.93
CA ASP A 738 -29.98 -17.38 -0.60
C ASP A 738 -31.09 -18.02 0.27
N LYS A 739 -30.85 -19.25 0.73
CA LYS A 739 -31.78 -19.93 1.67
C LYS A 739 -32.39 -19.05 2.78
N SER A 740 -31.49 -18.48 3.58
CA SER A 740 -31.84 -17.67 4.74
C SER A 740 -32.26 -16.19 4.50
N GLY A 741 -32.50 -15.79 3.25
CA GLY A 741 -32.93 -14.41 2.95
C GLY A 741 -31.82 -13.36 2.88
N HIS A 742 -30.57 -13.83 2.81
CA HIS A 742 -29.39 -12.97 2.61
C HIS A 742 -29.22 -12.58 1.12
N GLN A 743 -29.12 -11.28 0.84
CA GLN A 743 -28.99 -10.75 -0.53
C GLN A 743 -27.63 -11.03 -1.15
N VAL A 744 -27.64 -11.62 -2.35
CA VAL A 744 -26.40 -11.82 -3.10
C VAL A 744 -26.28 -10.95 -4.39
N ALA A 745 -27.37 -10.34 -4.80
CA ALA A 745 -27.40 -9.53 -6.02
C ALA A 745 -28.63 -8.60 -6.03
N GLU A 746 -28.55 -7.50 -6.79
CA GLU A 746 -29.75 -6.77 -7.14
C GLU A 746 -29.68 -5.99 -8.44
N SER A 747 -30.86 -5.78 -9.03
CA SER A 747 -30.98 -5.05 -10.29
CA SER A 747 -30.99 -5.09 -10.31
C SER A 747 -32.20 -4.13 -10.29
N VAL A 748 -32.17 -3.08 -11.12
CA VAL A 748 -33.35 -2.22 -11.40
C VAL A 748 -33.62 -2.29 -12.93
N HIS A 749 -34.90 -2.40 -13.33
CA HIS A 749 -35.27 -2.47 -14.76
C HIS A 749 -36.31 -1.40 -15.14
N PHE A 750 -36.06 -0.67 -16.25
CA PHE A 750 -37.05 0.27 -16.77
C PHE A 750 -37.64 -0.31 -18.05
N PHE A 751 -38.95 -0.08 -18.22
CA PHE A 751 -39.75 -0.78 -19.27
C PHE A 751 -39.77 0.03 -20.56
N ARG A 752 -39.37 1.31 -20.44
CA ARG A 752 -39.34 2.27 -21.55
C ARG A 752 -38.00 2.99 -21.67
N LYS A 753 -37.77 3.53 -22.86
CA LYS A 753 -36.62 4.44 -23.14
C LYS A 753 -36.71 5.67 -22.27
N THR A 754 -35.60 6.13 -21.72
CA THR A 754 -35.60 7.28 -20.79
C THR A 754 -36.42 8.52 -21.24
N LYS A 755 -36.32 8.87 -22.53
CA LYS A 755 -37.11 9.98 -23.07
C LYS A 755 -38.65 9.70 -22.96
N ASP A 756 -39.05 8.42 -22.90
CA ASP A 756 -40.49 8.10 -22.79
C ASP A 756 -41.00 8.02 -21.35
N LEU A 757 -40.10 8.08 -20.38
CA LEU A 757 -40.45 8.09 -18.94
C LEU A 757 -41.12 9.38 -18.49
N GLN A 758 -42.19 9.26 -17.71
CA GLN A 758 -42.81 10.45 -17.10
C GLN A 758 -42.09 10.81 -15.79
N LEU A 759 -40.88 11.37 -15.87
CA LEU A 759 -40.10 11.71 -14.66
C LEU A 759 -40.60 12.99 -13.94
N PRO A 760 -40.91 12.85 -12.64
CA PRO A 760 -41.36 13.93 -11.80
C PRO A 760 -40.22 14.92 -11.48
N PRO A 761 -40.51 16.23 -11.49
CA PRO A 761 -39.58 17.21 -10.95
C PRO A 761 -39.25 16.95 -9.49
N THR A 762 -37.99 16.68 -9.20
CA THR A 762 -37.61 16.32 -7.84
C THR A 762 -36.32 17.01 -7.42
N SER A 763 -36.04 16.97 -6.13
CA SER A 763 -34.82 17.59 -5.60
C SER A 763 -34.01 16.50 -4.92
N VAL A 764 -32.75 16.36 -5.30
CA VAL A 764 -31.87 15.47 -4.56
C VAL A 764 -31.22 16.27 -3.42
N SER A 765 -31.56 15.91 -2.19
CA SER A 765 -30.91 16.57 -1.07
C SER A 765 -29.79 15.69 -0.48
N TYR A 766 -28.77 16.34 0.05
CA TYR A 766 -27.67 15.60 0.68
C TYR A 766 -27.24 16.16 2.04
N GLN A 767 -26.50 15.35 2.78
CA GLN A 767 -25.82 15.76 4.01
C GLN A 767 -24.36 15.36 3.86
N MET A 768 -23.47 16.24 4.31
CA MET A 768 -22.03 16.06 4.17
C MET A 768 -21.36 15.93 5.53
N LYS A 769 -20.46 14.95 5.61
CA LYS A 769 -19.62 14.74 6.76
C LYS A 769 -18.16 14.66 6.23
N GLN A 770 -17.55 15.84 6.05
CA GLN A 770 -16.21 15.99 5.48
C GLN A 770 -15.11 15.84 6.52
N THR A 771 -14.13 14.99 6.23
CA THR A 771 -12.92 14.83 7.08
C THR A 771 -11.65 14.97 6.23
N ASP A 772 -10.51 14.45 6.70
CA ASP A 772 -9.29 14.55 5.89
C ASP A 772 -9.31 13.46 4.83
N GLY A 773 -9.27 13.89 3.57
CA GLY A 773 -9.29 13.01 2.41
C GLY A 773 -10.56 12.20 2.18
N LYS A 774 -11.63 12.50 2.90
CA LYS A 774 -12.85 11.70 2.86
C LYS A 774 -14.10 12.57 2.84
N CYS A 775 -15.14 12.05 2.20
CA CYS A 775 -16.39 12.79 2.15
C CYS A 775 -17.54 11.81 2.10
N GLU A 776 -18.27 11.72 3.23
CA GLU A 776 -19.46 10.88 3.32
C GLU A 776 -20.75 11.66 3.03
N LEU A 777 -21.43 11.30 1.94
CA LEU A 777 -22.72 11.90 1.54
C LEU A 777 -23.87 10.93 1.76
N THR A 778 -24.98 11.42 2.32
CA THR A 778 -26.20 10.63 2.41
C THR A 778 -27.22 11.38 1.58
N LEU A 779 -27.74 10.70 0.56
CA LEU A 779 -28.59 11.34 -0.44
C LEU A 779 -30.01 10.85 -0.23
N PHE A 780 -30.95 11.77 -0.34
CA PHE A 780 -32.38 11.43 -0.25
C PHE A 780 -33.17 12.20 -1.32
N SER A 781 -34.14 11.51 -1.91
CA SER A 781 -35.16 12.13 -2.75
C SER A 781 -36.52 11.39 -2.57
N SER A 782 -37.58 12.15 -2.28
CA SER A 782 -38.92 11.56 -2.20
C SER A 782 -39.33 10.80 -3.47
N MET A 783 -38.93 11.32 -4.63
CA MET A 783 -39.25 10.71 -5.93
C MET A 783 -38.00 10.16 -6.65
N LEU A 784 -38.21 9.22 -7.57
CA LEU A 784 -37.13 8.74 -8.42
C LEU A 784 -36.37 9.90 -9.09
N ALA A 785 -35.04 9.87 -8.92
CA ALA A 785 -34.13 10.76 -9.63
C ALA A 785 -33.23 9.86 -10.51
N LYS A 786 -33.30 10.12 -11.82
CA LYS A 786 -32.83 9.21 -12.86
C LYS A 786 -31.35 9.49 -13.19
N ASP A 787 -30.51 8.44 -13.13
CA ASP A 787 -29.09 8.48 -13.57
C ASP A 787 -28.29 9.64 -12.95
N ILE A 788 -28.29 9.74 -11.64
CA ILE A 788 -27.73 10.91 -10.99
C ILE A 788 -26.21 10.98 -11.16
N PHE A 789 -25.71 12.19 -11.33
CA PHE A 789 -24.28 12.44 -11.39
C PHE A 789 -23.96 13.35 -10.22
N ILE A 790 -23.15 12.85 -9.31
CA ILE A 790 -22.58 13.67 -8.24
C ILE A 790 -21.26 14.25 -8.75
N GLU A 791 -21.29 15.54 -9.02
CA GLU A 791 -20.15 16.26 -9.61
C GLU A 791 -19.36 17.22 -8.65
N THR A 792 -18.04 17.01 -8.60
CA THR A 792 -17.12 17.82 -7.78
C THR A 792 -16.02 18.42 -8.68
N PRO A 793 -15.53 19.66 -8.39
CA PRO A 793 -14.47 20.17 -9.29
C PRO A 793 -13.07 19.52 -9.05
N LEU A 794 -12.98 18.69 -8.00
CA LEU A 794 -11.72 18.03 -7.62
C LEU A 794 -11.27 16.94 -8.61
N GLN A 795 -10.14 17.19 -9.29
CA GLN A 795 -9.62 16.27 -10.31
C GLN A 795 -9.29 14.94 -9.67
N GLY A 796 -9.71 13.84 -10.30
CA GLY A 796 -9.37 12.51 -9.82
C GLY A 796 -10.01 12.04 -8.53
N ALA A 797 -11.02 12.76 -8.03
CA ALA A 797 -11.85 12.29 -6.90
C ALA A 797 -12.47 10.88 -7.20
N ARG A 798 -12.37 9.95 -6.25
CA ARG A 798 -12.94 8.60 -6.38
C ARG A 798 -14.25 8.51 -5.59
N TYR A 799 -15.17 7.66 -6.09
CA TYR A 799 -16.54 7.54 -5.50
C TYR A 799 -16.85 6.06 -5.26
N SER A 800 -17.53 5.77 -4.15
CA SER A 800 -17.95 4.41 -3.88
C SER A 800 -18.97 4.03 -4.94
N ASP A 801 -19.79 5.01 -5.35
CA ASP A 801 -20.73 4.81 -6.44
C ASP A 801 -21.09 6.13 -7.09
N ASN A 802 -21.65 6.07 -8.29
CA ASN A 802 -22.04 7.27 -9.00
C ASN A 802 -22.69 6.83 -10.32
N PHE A 803 -23.39 7.75 -10.97
CA PHE A 803 -24.18 7.37 -12.18
C PHE A 803 -25.13 6.20 -11.96
N PHE A 804 -25.97 6.38 -10.94
CA PHE A 804 -26.94 5.35 -10.50
C PHE A 804 -28.31 6.03 -10.31
N ASP A 805 -29.36 5.22 -10.26
CA ASP A 805 -30.71 5.75 -9.95
C ASP A 805 -30.91 5.80 -8.44
N LEU A 806 -31.25 7.00 -7.98
CA LEU A 806 -31.66 7.26 -6.62
C LEU A 806 -33.17 6.96 -6.57
N LEU A 807 -33.49 5.88 -5.87
CA LEU A 807 -34.83 5.35 -5.86
C LEU A 807 -35.71 6.15 -4.89
N PRO A 808 -37.05 6.16 -5.13
CA PRO A 808 -38.00 6.97 -4.32
C PRO A 808 -37.91 6.67 -2.83
N GLY A 809 -37.51 7.69 -2.06
CA GLY A 809 -37.51 7.61 -0.62
C GLY A 809 -36.66 6.47 -0.09
N GLU A 810 -35.43 6.42 -0.56
CA GLU A 810 -34.50 5.35 -0.18
C GLU A 810 -33.18 6.07 -0.02
N ARG A 811 -32.67 6.14 1.21
CA ARG A 811 -31.40 6.83 1.50
C ARG A 811 -30.24 6.09 0.78
N LYS A 812 -29.22 6.85 0.40
CA LYS A 812 -28.11 6.29 -0.37
C LYS A 812 -26.81 6.95 0.09
N LYS A 813 -25.89 6.13 0.58
CA LYS A 813 -24.60 6.60 1.09
C LYS A 813 -23.50 6.50 0.02
N VAL A 814 -22.81 7.61 -0.25
CA VAL A 814 -21.74 7.65 -1.23
C VAL A 814 -20.52 8.25 -0.52
N ILE A 815 -19.36 7.63 -0.68
CA ILE A 815 -18.09 8.17 -0.14
C ILE A 815 -17.24 8.69 -1.29
N ILE A 816 -16.75 9.91 -1.14
CA ILE A 816 -15.83 10.52 -2.08
C ILE A 816 -14.47 10.66 -1.38
N THR A 817 -13.42 10.14 -2.02
CA THR A 817 -12.07 10.29 -1.46
C THR A 817 -11.16 11.00 -2.43
N SER A 818 -10.21 11.72 -1.87
CA SER A 818 -9.14 12.41 -2.58
C SER A 818 -8.15 12.87 -1.51
N PRO A 819 -6.82 12.66 -1.74
CA PRO A 819 -5.83 13.18 -0.77
C PRO A 819 -5.99 14.72 -0.55
N ARG A 820 -6.63 15.40 -1.50
CA ARG A 820 -6.85 16.85 -1.44
C ARG A 820 -8.19 17.29 -0.79
N ILE A 821 -8.72 16.48 0.13
CA ILE A 821 -9.96 16.85 0.85
C ILE A 821 -9.62 17.28 2.30
N LYS A 822 -9.67 18.60 2.56
CA LYS A 822 -9.31 19.17 3.88
C LYS A 822 -10.45 19.17 4.90
N LEU A 827 -16.29 20.74 0.26
CA LEU A 827 -16.11 20.32 -1.16
C LEU A 827 -17.35 20.67 -2.00
N PRO A 828 -17.16 21.41 -3.11
CA PRO A 828 -18.34 21.72 -3.91
C PRO A 828 -18.98 20.47 -4.49
N VAL A 829 -20.28 20.26 -4.23
CA VAL A 829 -21.04 19.14 -4.80
C VAL A 829 -22.19 19.68 -5.65
N ASN A 830 -22.36 19.14 -6.85
CA ASN A 830 -23.44 19.54 -7.75
C ASN A 830 -24.09 18.24 -8.23
N ILE A 831 -25.39 18.11 -8.03
CA ILE A 831 -26.06 16.85 -8.32
C ILE A 831 -27.01 17.04 -9.50
N LYS A 832 -26.80 16.24 -10.54
CA LYS A 832 -27.52 16.41 -11.77
C LYS A 832 -28.32 15.15 -11.87
N HIS A 833 -29.48 15.28 -12.49
CA HIS A 833 -30.29 14.13 -12.87
C HIS A 833 -31.11 14.45 -14.12
N ILE A 834 -31.62 13.41 -14.76
CA ILE A 834 -32.20 13.51 -16.10
C ILE A 834 -33.32 14.57 -16.22
N ARG A 835 -34.29 14.52 -15.30
CA ARG A 835 -35.45 15.42 -15.32
CA ARG A 835 -35.44 15.42 -15.36
C ARG A 835 -35.07 16.90 -15.28
N GLU A 836 -33.94 17.22 -14.65
CA GLU A 836 -33.47 18.62 -14.57
C GLU A 836 -33.02 19.20 -15.91
N THR A 837 -32.77 18.32 -16.89
CA THR A 837 -32.10 18.72 -18.13
C THR A 837 -33.01 19.36 -19.18
N TYR A 838 -34.32 19.28 -18.97
CA TYR A 838 -35.33 19.77 -19.92
C TYR A 838 -36.60 20.31 -19.26
N LYS A 839 -37.20 21.30 -19.92
CA LYS A 839 -38.54 21.82 -19.55
C LYS A 839 -39.61 21.17 -20.45
N GLY B 2 -14.75 -17.89 12.66
CA GLY B 2 -13.84 -18.41 11.57
C GLY B 2 -14.65 -18.70 10.32
N ASN B 3 -14.13 -19.55 9.41
CA ASN B 3 -15.05 -20.08 8.39
CA ASN B 3 -14.96 -20.09 8.33
C ASN B 3 -15.67 -21.39 8.83
N ASP B 4 -16.90 -21.22 9.30
CA ASP B 4 -17.75 -22.21 9.93
C ASP B 4 -19.17 -21.79 9.54
N THR B 5 -20.17 -22.49 10.08
CA THR B 5 -21.56 -22.22 9.71
C THR B 5 -22.20 -21.04 10.44
N SER B 6 -21.50 -20.44 11.40
CA SER B 6 -22.03 -19.25 12.11
C SER B 6 -22.16 -18.03 11.21
N GLU B 7 -23.12 -17.19 11.54
CA GLU B 7 -23.27 -15.93 10.86
C GLU B 7 -22.88 -14.81 11.81
N VAL B 8 -22.47 -13.69 11.26
CA VAL B 8 -22.11 -12.55 12.09
C VAL B 8 -22.69 -11.29 11.47
N MET B 9 -23.43 -10.58 12.30
CA MET B 9 -23.89 -9.27 12.03
C MET B 9 -23.01 -8.27 12.85
N LEU B 10 -22.41 -7.32 12.17
CA LEU B 10 -21.65 -6.22 12.77
C LEU B 10 -22.58 -5.06 13.01
N LEU B 11 -22.52 -4.47 14.20
CA LEU B 11 -23.42 -3.40 14.60
C LEU B 11 -22.66 -2.07 14.63
N ASP B 12 -22.49 -1.52 13.43
CA ASP B 12 -21.62 -0.37 13.17
C ASP B 12 -22.36 0.79 12.48
N THR B 13 -23.66 0.66 12.28
CA THR B 13 -24.49 1.75 11.72
C THR B 13 -25.81 1.99 12.48
N GLY B 14 -26.37 3.18 12.30
CA GLY B 14 -27.69 3.52 12.85
C GLY B 14 -27.65 3.94 14.31
N TRP B 15 -26.44 4.11 14.85
CA TRP B 15 -26.24 4.49 16.26
C TRP B 15 -26.50 5.97 16.44
N GLU B 16 -27.07 6.37 17.56
CA GLU B 16 -27.28 7.80 17.88
C GLU B 16 -26.80 8.02 19.29
N PHE B 17 -26.65 9.26 19.71
CA PHE B 17 -26.22 9.52 21.06
C PHE B 17 -26.89 10.77 21.65
N SER B 18 -26.87 10.86 22.98
CA SER B 18 -27.54 11.95 23.65
C SER B 18 -26.81 12.27 24.94
N GLN B 19 -26.62 13.57 25.21
CA GLN B 19 -26.27 13.97 26.54
C GLN B 19 -27.47 13.71 27.44
N SER B 20 -27.32 12.86 28.45
CA SER B 20 -28.42 12.58 29.38
C SER B 20 -29.04 13.81 30.04
N GLY B 21 -30.36 13.73 30.20
CA GLY B 21 -31.17 14.85 30.65
C GLY B 21 -31.79 15.56 29.45
N THR B 22 -31.07 15.61 28.33
CA THR B 22 -31.49 16.51 27.26
C THR B 22 -32.61 16.04 26.33
N GLU B 23 -32.76 14.72 26.14
CA GLU B 23 -33.72 14.15 25.16
C GLU B 23 -33.44 14.45 23.69
N LYS B 24 -32.30 15.08 23.43
CA LYS B 24 -31.87 15.45 22.11
C LYS B 24 -30.89 14.37 21.64
N TRP B 25 -31.13 13.82 20.44
CA TRP B 25 -30.39 12.74 19.79
C TRP B 25 -29.77 13.17 18.47
N MET B 26 -28.57 12.66 18.19
CA MET B 26 -27.91 12.91 16.91
C MET B 26 -27.05 11.72 16.51
N PRO B 27 -26.74 11.61 15.21
CA PRO B 27 -25.96 10.53 14.68
C PRO B 27 -24.62 10.38 15.40
N ALA B 28 -24.23 9.12 15.62
CA ALA B 28 -23.01 8.76 16.32
C ALA B 28 -22.24 7.80 15.41
N THR B 29 -20.93 7.67 15.64
CA THR B 29 -20.08 6.69 14.95
C THR B 29 -19.51 5.65 15.96
N VAL B 30 -19.62 4.37 15.57
CA VAL B 30 -19.29 3.28 16.43
C VAL B 30 -18.58 2.21 15.60
N PRO B 31 -17.37 1.79 16.03
CA PRO B 31 -16.71 2.18 17.31
C PRO B 31 -16.40 3.66 17.35
N GLY B 32 -16.58 4.30 18.50
CA GLY B 32 -16.31 5.72 18.57
C GLY B 32 -16.16 6.23 19.97
N THR B 33 -16.20 7.56 20.12
CA THR B 33 -16.07 8.23 21.42
C THR B 33 -17.09 9.35 21.50
N VAL B 34 -17.45 9.75 22.72
CA VAL B 34 -18.40 10.86 22.96
C VAL B 34 -17.89 12.16 22.36
N HIS B 35 -16.59 12.38 22.61
CA HIS B 35 -15.84 13.56 22.13
C HIS B 35 -15.77 13.65 20.62
N GLN B 36 -15.43 12.56 19.94
CA GLN B 36 -15.50 12.62 18.50
C GLN B 36 -16.95 12.86 18.03
N ASP B 37 -17.91 12.15 18.61
CA ASP B 37 -19.31 12.34 18.20
C ASP B 37 -19.78 13.81 18.26
N LEU B 38 -19.50 14.48 19.38
CA LEU B 38 -19.68 15.93 19.58
C LEU B 38 -18.91 16.84 18.60
N ILE B 39 -17.64 16.50 18.35
CA ILE B 39 -16.80 17.23 17.35
C ILE B 39 -17.36 17.10 15.95
N SER B 40 -17.90 15.94 15.61
CA SER B 40 -18.48 15.75 14.28
C SER B 40 -19.71 16.66 14.07
N HIS B 41 -20.29 17.17 15.16
CA HIS B 41 -21.44 18.07 15.06
C HIS B 41 -21.11 19.51 15.43
N GLU B 42 -19.81 19.79 15.62
CA GLU B 42 -19.29 21.07 16.08
C GLU B 42 -19.86 21.48 17.43
N LEU B 43 -20.04 20.52 18.31
CA LEU B 43 -20.53 20.80 19.66
C LEU B 43 -19.34 20.85 20.57
N LEU B 44 -18.17 20.70 19.97
CA LEU B 44 -16.88 20.88 20.63
C LEU B 44 -15.92 21.62 19.68
N PRO B 45 -15.08 22.50 20.24
CA PRO B 45 -14.00 23.06 19.40
C PRO B 45 -12.90 21.99 19.14
N ASN B 46 -11.98 22.27 18.22
CA ASN B 46 -10.85 21.39 17.99
C ASN B 46 -10.09 21.33 19.28
N PRO B 47 -10.08 20.15 19.95
CA PRO B 47 -9.54 20.05 21.32
C PRO B 47 -8.01 20.15 21.41
N PHE B 48 -7.36 19.99 20.25
CA PHE B 48 -5.88 20.02 20.19
C PHE B 48 -5.39 21.43 19.84
N TYR B 49 -6.31 22.33 19.41
CA TYR B 49 -5.93 23.71 19.02
C TYR B 49 -5.88 24.67 20.19
N GLY B 50 -4.87 25.55 20.24
CA GLY B 50 -4.81 26.65 21.20
C GLY B 50 -4.83 26.41 22.70
N MET B 51 -5.78 27.08 23.35
CA MET B 51 -5.99 26.94 24.79
C MET B 51 -7.25 26.08 25.06
N ASN B 52 -7.72 25.35 24.03
CA ASN B 52 -8.97 24.59 24.00
C ASN B 52 -9.10 23.40 24.95
N GLU B 53 -8.05 23.00 25.66
CA GLU B 53 -8.15 21.85 26.58
C GLU B 53 -9.20 22.10 27.67
N LYS B 54 -9.17 23.32 28.23
CA LYS B 54 -10.08 23.82 29.27
C LYS B 54 -11.51 23.92 28.77
N LYS B 55 -11.65 24.20 27.48
CA LYS B 55 -12.98 24.30 26.85
C LYS B 55 -13.71 22.98 26.64
N ILE B 56 -13.02 21.85 26.82
CA ILE B 56 -13.65 20.53 26.52
C ILE B 56 -13.92 19.68 27.75
N GLN B 57 -13.52 20.18 28.93
CA GLN B 57 -13.51 19.39 30.19
C GLN B 57 -14.93 19.10 30.70
N TRP B 58 -15.86 19.99 30.32
CA TRP B 58 -17.24 19.87 30.74
C TRP B 58 -17.85 18.50 30.41
N VAL B 59 -17.47 17.88 29.28
CA VAL B 59 -18.01 16.60 28.85
C VAL B 59 -17.86 15.51 29.93
N GLU B 60 -16.77 15.54 30.71
CA GLU B 60 -16.47 14.45 31.68
C GLU B 60 -17.38 14.45 32.88
N ASN B 61 -18.11 15.54 33.06
CA ASN B 61 -19.10 15.66 34.13
C ASN B 61 -20.52 15.27 33.77
N GLU B 62 -20.80 15.02 32.50
CA GLU B 62 -22.11 14.58 32.02
C GLU B 62 -22.18 13.04 31.86
N ASP B 63 -23.41 12.50 31.85
CA ASP B 63 -23.68 11.11 31.42
C ASP B 63 -24.12 11.11 29.98
N TRP B 64 -23.86 9.99 29.30
CA TRP B 64 -24.01 9.88 27.82
C TRP B 64 -24.71 8.56 27.45
N GLU B 65 -25.68 8.67 26.56
CA GLU B 65 -26.56 7.55 26.14
C GLU B 65 -26.41 7.26 24.66
N TYR B 66 -26.40 5.97 24.31
CA TYR B 66 -26.23 5.50 22.92
C TYR B 66 -27.31 4.51 22.69
N ARG B 67 -27.79 4.42 21.46
CA ARG B 67 -28.84 3.49 21.10
C ARG B 67 -28.70 3.16 19.66
N THR B 68 -29.13 1.95 19.32
CA THR B 68 -29.32 1.52 17.96
C THR B 68 -30.47 0.50 17.83
N SER B 69 -30.98 0.32 16.61
CA SER B 69 -31.89 -0.80 16.29
CA SER B 69 -31.91 -0.79 16.28
C SER B 69 -31.34 -1.71 15.18
N PHE B 70 -31.83 -2.93 15.12
CA PHE B 70 -31.38 -3.91 14.13
C PHE B 70 -32.50 -4.92 13.85
N ILE B 71 -32.48 -5.57 12.69
CA ILE B 71 -33.51 -6.53 12.37
C ILE B 71 -33.03 -7.91 12.72
N VAL B 72 -33.90 -8.76 13.26
CA VAL B 72 -33.62 -10.19 13.34
C VAL B 72 -34.67 -11.07 12.59
N SER B 73 -34.20 -12.06 11.84
CA SER B 73 -35.07 -12.93 11.06
C SER B 73 -35.48 -14.19 11.80
N GLU B 74 -36.62 -14.72 11.37
CA GLU B 74 -37.09 -16.06 11.73
C GLU B 74 -36.01 -17.13 11.61
N GLU B 75 -35.23 -17.09 10.54
CA GLU B 75 -34.16 -18.06 10.34
C GLU B 75 -33.08 -17.85 11.39
N GLN B 76 -32.70 -16.59 11.61
CA GLN B 76 -31.68 -16.22 12.59
C GLN B 76 -32.10 -16.61 13.99
N LEU B 77 -33.39 -16.46 14.31
CA LEU B 77 -33.94 -16.86 15.61
C LEU B 77 -34.00 -18.37 15.85
N ASN B 78 -33.94 -19.19 14.78
CA ASN B 78 -33.92 -20.63 14.99
C ASN B 78 -32.56 -21.25 15.10
N ARG B 79 -31.50 -20.42 15.18
CA ARG B 79 -30.15 -20.96 15.44
C ARG B 79 -30.14 -21.40 16.92
N ASP B 80 -29.32 -22.38 17.27
CA ASP B 80 -29.21 -22.83 18.65
C ASP B 80 -28.73 -21.75 19.63
N GLY B 81 -27.87 -20.85 19.14
CA GLY B 81 -27.14 -19.93 20.02
C GLY B 81 -27.08 -18.58 19.35
N ILE B 82 -27.19 -17.51 20.14
CA ILE B 82 -27.02 -16.12 19.64
C ILE B 82 -26.30 -15.27 20.70
N GLN B 83 -25.08 -14.78 20.39
CA GLN B 83 -24.24 -13.96 21.32
C GLN B 83 -24.16 -12.51 20.87
N LEU B 84 -24.28 -11.59 21.82
CA LEU B 84 -23.85 -10.19 21.61
C LEU B 84 -22.44 -9.97 22.23
N ILE B 85 -21.48 -9.54 21.41
CA ILE B 85 -20.08 -9.38 21.84
C ILE B 85 -19.65 -7.89 21.89
N PHE B 86 -19.23 -7.40 23.07
CA PHE B 86 -18.67 -6.07 23.21
C PHE B 86 -17.18 -6.23 23.39
N GLU B 87 -16.41 -5.86 22.37
CA GLU B 87 -14.95 -5.95 22.46
C GLU B 87 -14.34 -4.89 23.37
N GLY B 88 -15.16 -3.90 23.67
CA GLY B 88 -14.71 -2.73 24.41
C GLY B 88 -15.82 -1.73 24.74
N LEU B 89 -16.04 -1.53 26.06
CA LEU B 89 -16.87 -0.44 26.58
C LEU B 89 -16.12 0.52 27.52
N ASP B 90 -16.22 1.82 27.25
CA ASP B 90 -15.51 2.84 28.05
C ASP B 90 -16.49 3.71 28.83
N THR B 91 -16.82 3.44 30.11
CA THR B 91 -16.33 2.36 30.99
C THR B 91 -17.49 1.80 31.84
N TYR B 92 -18.18 2.67 32.58
CA TYR B 92 -19.35 2.29 33.39
C TYR B 92 -20.65 2.33 32.57
N ALA B 93 -20.95 1.22 31.89
CA ALA B 93 -22.04 1.10 30.92
C ALA B 93 -23.09 0.08 31.34
N ASP B 94 -24.34 0.53 31.45
CA ASP B 94 -25.48 -0.35 31.63
C ASP B 94 -26.06 -0.65 30.24
N VAL B 95 -26.00 -1.92 29.84
CA VAL B 95 -26.36 -2.36 28.46
C VAL B 95 -27.77 -2.99 28.45
N TYR B 96 -28.73 -2.34 27.80
CA TYR B 96 -30.15 -2.74 27.80
C TYR B 96 -30.54 -3.24 26.42
N LEU B 97 -31.11 -4.43 26.35
CA LEU B 97 -31.57 -4.96 25.09
C LEU B 97 -33.01 -5.45 25.27
N ASN B 98 -33.97 -4.79 24.56
CA ASN B 98 -35.40 -5.19 24.61
C ASN B 98 -35.96 -5.29 26.01
N GLY B 99 -35.73 -4.26 26.82
CA GLY B 99 -36.19 -4.26 28.24
C GLY B 99 -35.34 -5.03 29.23
N SER B 100 -34.30 -5.69 28.77
CA SER B 100 -33.46 -6.51 29.63
C SER B 100 -32.10 -5.87 29.91
N LEU B 101 -31.66 -5.83 31.17
CA LEU B 101 -30.32 -5.33 31.46
C LEU B 101 -29.36 -6.48 31.27
N LEU B 102 -28.52 -6.40 30.26
CA LEU B 102 -27.64 -7.54 29.96
C LEU B 102 -26.40 -7.59 30.83
N LEU B 103 -25.97 -6.41 31.28
CA LEU B 103 -24.60 -6.21 31.73
C LEU B 103 -24.44 -4.82 32.32
N LYS B 104 -23.85 -4.79 33.53
CA LYS B 104 -23.30 -3.55 34.12
C LYS B 104 -21.79 -3.63 34.00
N ALA B 105 -21.28 -3.07 32.91
CA ALA B 105 -19.84 -3.17 32.59
C ALA B 105 -18.99 -2.20 33.45
N ASP B 106 -17.74 -2.55 33.77
CA ASP B 106 -16.94 -1.72 34.67
C ASP B 106 -15.42 -1.81 34.48
N ASN B 107 -15.07 -2.22 33.25
CA ASN B 107 -13.68 -2.42 32.80
C ASN B 107 -13.44 -2.19 31.28
N MET B 108 -12.83 -1.06 30.96
CA MET B 108 -12.48 -0.65 29.61
C MET B 108 -11.66 -1.74 28.88
N PHE B 109 -10.96 -2.57 29.66
CA PHE B 109 -10.01 -3.57 29.15
C PHE B 109 -10.54 -5.00 28.99
N VAL B 110 -11.81 -5.22 29.30
CA VAL B 110 -12.45 -6.52 29.17
C VAL B 110 -13.45 -6.53 27.98
N GLY B 111 -13.39 -7.59 27.18
CA GLY B 111 -14.40 -7.89 26.16
C GLY B 111 -15.53 -8.67 26.81
N TYR B 112 -16.77 -8.36 26.44
CA TYR B 112 -17.90 -9.08 27.02
C TYR B 112 -18.65 -9.93 25.99
N THR B 113 -18.90 -11.19 26.28
CA THR B 113 -19.68 -12.06 25.43
C THR B 113 -20.94 -12.47 26.19
N LEU B 114 -22.12 -12.12 25.67
CA LEU B 114 -23.44 -12.20 26.35
C LEU B 114 -24.50 -13.07 25.61
N PRO B 115 -25.11 -14.07 26.30
CA PRO B 115 -26.06 -14.93 25.59
C PRO B 115 -27.36 -14.19 25.42
N VAL B 116 -27.90 -14.02 24.20
CA VAL B 116 -29.10 -13.15 24.03
C VAL B 116 -30.29 -13.71 23.21
N LYS B 117 -30.21 -14.99 22.82
CA LYS B 117 -31.20 -15.60 21.94
C LYS B 117 -32.61 -15.51 22.54
N SER B 118 -32.73 -15.71 23.84
CA SER B 118 -34.03 -15.70 24.46
C SER B 118 -34.59 -14.31 24.77
N VAL B 119 -33.82 -13.23 24.53
CA VAL B 119 -34.37 -11.87 24.69
C VAL B 119 -34.57 -11.18 23.34
N LEU B 120 -34.13 -11.87 22.29
CA LEU B 120 -34.30 -11.33 20.93
C LEU B 120 -35.73 -11.53 20.40
N ARG B 121 -36.15 -10.64 19.51
CA ARG B 121 -37.47 -10.71 18.90
C ARG B 121 -37.31 -10.79 17.38
N LYS B 122 -38.29 -11.41 16.71
CA LYS B 122 -38.42 -11.30 15.25
C LYS B 122 -38.78 -9.87 14.87
N GLY B 123 -38.07 -9.34 13.87
CA GLY B 123 -38.19 -7.94 13.51
C GLY B 123 -37.24 -7.03 14.27
N GLU B 124 -37.73 -5.83 14.61
CA GLU B 124 -36.99 -4.78 15.33
CA GLU B 124 -36.94 -4.81 15.29
C GLU B 124 -36.51 -5.16 16.74
N ASN B 125 -35.23 -4.94 17.02
CA ASN B 125 -34.65 -5.07 18.38
C ASN B 125 -33.99 -3.72 18.72
N HIS B 126 -34.00 -3.29 19.99
CA HIS B 126 -33.50 -1.99 20.38
C HIS B 126 -32.41 -2.14 21.43
N LEU B 127 -31.19 -1.72 21.10
CA LEU B 127 -30.11 -1.76 22.05
C LEU B 127 -29.87 -0.36 22.57
N TYR B 128 -29.91 -0.16 23.88
CA TYR B 128 -29.60 1.12 24.50
CA TYR B 128 -29.57 1.13 24.50
C TYR B 128 -28.43 0.95 25.49
N ILE B 129 -27.53 1.92 25.57
CA ILE B 129 -26.44 1.82 26.55
C ILE B 129 -26.28 3.18 27.26
N TYR B 130 -26.31 3.13 28.59
CA TYR B 130 -26.13 4.29 29.45
C TYR B 130 -24.70 4.30 30.01
N PHE B 131 -23.93 5.32 29.63
CA PHE B 131 -22.58 5.56 30.18
C PHE B 131 -22.58 6.57 31.30
N HIS B 132 -22.43 6.10 32.52
CA HIS B 132 -22.26 6.94 33.70
C HIS B 132 -20.92 7.68 33.63
N SER B 133 -20.91 8.96 33.96
CA SER B 133 -19.67 9.72 34.09
C SER B 133 -18.73 8.91 35.00
N PRO B 134 -17.46 8.69 34.56
CA PRO B 134 -16.51 8.00 35.41
C PRO B 134 -16.04 8.91 36.54
N ILE B 135 -16.14 10.24 36.36
CA ILE B 135 -15.95 11.22 37.45
C ILE B 135 -17.10 11.09 38.48
N ARG B 136 -18.33 11.35 38.04
CA ARG B 136 -19.50 11.30 38.95
C ARG B 136 -19.66 9.95 39.64
N GLN B 137 -19.32 8.87 38.93
CA GLN B 137 -19.35 7.51 39.45
C GLN B 137 -18.34 7.20 40.60
N THR B 138 -17.18 7.85 40.56
CA THR B 138 -16.14 7.60 41.57
C THR B 138 -15.94 8.76 42.53
N LEU B 139 -16.66 9.84 42.33
CA LEU B 139 -16.72 10.85 43.38
C LEU B 139 -17.07 10.28 44.77
N PRO B 140 -18.17 9.44 44.89
CA PRO B 140 -18.46 8.79 46.19
C PRO B 140 -17.38 7.82 46.69
N GLN B 141 -16.71 7.14 45.78
CA GLN B 141 -15.59 6.27 46.12
C GLN B 141 -14.40 7.05 46.66
N TYR B 142 -14.09 8.16 45.99
CA TYR B 142 -13.06 9.08 46.50
C TYR B 142 -13.42 9.51 47.96
N ALA B 143 -14.65 10.03 48.11
CA ALA B 143 -15.22 10.53 49.38
C ALA B 143 -15.05 9.54 50.54
N SER B 144 -15.30 8.28 50.30
CA SER B 144 -15.18 7.27 51.33
C SER B 144 -13.71 6.85 51.63
N ASN B 145 -12.72 7.33 50.89
CA ASN B 145 -11.40 6.71 50.95
C ASN B 145 -10.48 7.26 52.09
N GLY B 146 -10.71 8.52 52.46
CA GLY B 146 -9.99 9.15 53.53
C GLY B 146 -8.56 9.59 53.23
N PHE B 147 -8.16 9.50 51.95
CA PHE B 147 -6.91 10.09 51.40
C PHE B 147 -6.98 10.15 49.87
N ASN B 148 -6.03 10.92 49.32
CA ASN B 148 -5.95 11.14 47.89
C ASN B 148 -4.74 10.39 47.34
N TYR B 149 -4.97 9.39 46.48
CA TYR B 149 -3.86 8.65 45.87
C TYR B 149 -2.96 9.67 45.16
N PRO B 150 -1.63 9.45 45.15
CA PRO B 150 -0.73 10.47 44.61
C PRO B 150 -0.52 10.39 43.11
N ALA B 151 -1.59 10.35 42.32
CA ALA B 151 -1.50 10.26 40.85
C ALA B 151 -1.34 11.62 40.24
N ASP B 152 -0.14 12.17 40.25
CA ASP B 152 0.09 13.56 39.81
C ASP B 152 -0.13 13.73 38.31
N ASN B 153 -0.15 12.61 37.57
CA ASN B 153 -0.51 12.63 36.15
C ASN B 153 -2.01 12.73 35.85
N ASP B 154 -2.85 12.57 36.89
CA ASP B 154 -4.30 12.73 36.83
C ASP B 154 -4.58 14.19 37.13
N HIS B 155 -4.95 14.93 36.10
CA HIS B 155 -4.94 16.40 36.12
C HIS B 155 -6.28 16.95 36.63
N HIS B 156 -6.49 16.77 37.93
CA HIS B 156 -7.69 17.15 38.64
C HIS B 156 -7.27 17.20 40.12
N GLU B 157 -7.97 17.99 40.92
CA GLU B 157 -7.78 18.02 42.37
C GLU B 157 -7.90 16.62 43.00
N LYS B 158 -8.88 15.88 42.47
CA LYS B 158 -9.22 14.59 42.99
C LYS B 158 -8.64 13.54 42.05
N HIS B 159 -7.89 12.59 42.58
CA HIS B 159 -7.26 11.59 41.69
C HIS B 159 -8.08 10.29 41.55
N LEU B 160 -9.06 10.39 40.67
CA LEU B 160 -10.15 9.41 40.49
C LEU B 160 -9.77 8.23 39.61
N SER B 161 -8.74 8.47 38.78
CA SER B 161 -8.24 7.51 37.85
C SER B 161 -7.98 6.15 38.51
N VAL B 162 -7.40 6.12 39.72
CA VAL B 162 -7.03 4.86 40.40
C VAL B 162 -8.19 3.89 40.66
N PHE B 163 -9.40 4.44 40.76
CA PHE B 163 -10.57 3.62 41.08
C PHE B 163 -11.16 2.93 39.85
N SER B 164 -10.80 3.40 38.67
CA SER B 164 -11.38 2.92 37.43
C SER B 164 -10.38 2.16 36.59
N ARG B 165 -10.80 0.98 36.12
CA ARG B 165 -10.08 0.27 35.08
C ARG B 165 -10.43 0.85 33.73
N LYS B 166 -9.63 1.86 33.38
CA LYS B 166 -9.87 2.77 32.28
C LYS B 166 -8.48 3.34 32.00
N ALA B 167 -8.16 3.56 30.72
CA ALA B 167 -6.85 4.08 30.24
C ALA B 167 -6.29 5.19 31.10
N PRO B 168 -5.19 4.92 31.82
CA PRO B 168 -4.67 5.96 32.76
C PRO B 168 -4.40 7.34 32.14
N TYR B 169 -3.80 7.38 30.95
CA TYR B 169 -3.48 8.61 30.20
C TYR B 169 -4.71 9.49 29.86
N SER B 170 -5.93 8.97 29.96
CA SER B 170 -7.12 9.75 29.52
C SER B 170 -7.38 10.93 30.45
N TYR B 171 -6.88 10.80 31.68
CA TYR B 171 -7.01 11.80 32.77
C TYR B 171 -5.95 12.88 32.74
N GLY B 172 -5.08 12.79 31.74
CA GLY B 172 -3.93 13.64 31.68
C GLY B 172 -2.69 12.79 31.81
N TRP B 173 -1.57 13.35 31.38
CA TRP B 173 -0.22 12.81 31.55
C TRP B 173 0.80 13.95 31.22
N ASP B 174 2.09 13.77 31.54
CA ASP B 174 3.10 14.83 31.27
C ASP B 174 3.53 14.96 29.84
N TRP B 175 2.85 14.25 28.93
CA TRP B 175 3.00 14.51 27.48
C TRP B 175 1.66 14.61 26.83
N GLY B 176 0.61 14.69 27.63
CA GLY B 176 -0.76 14.49 27.12
C GLY B 176 -1.88 15.35 27.67
N ILE B 177 -2.97 15.42 26.90
CA ILE B 177 -4.19 16.19 27.17
C ILE B 177 -5.15 15.36 28.01
N ARG B 178 -5.94 16.03 28.86
CA ARG B 178 -7.00 15.34 29.58
C ARG B 178 -8.26 15.30 28.70
N MET B 179 -8.64 14.09 28.28
CA MET B 179 -9.94 13.86 27.62
C MET B 179 -10.53 12.58 28.21
N VAL B 180 -11.33 12.76 29.27
CA VAL B 180 -11.86 11.61 30.02
C VAL B 180 -13.11 11.19 29.27
N THR B 181 -12.88 10.39 28.22
CA THR B 181 -13.90 10.05 27.28
C THR B 181 -14.72 8.84 27.70
N SER B 182 -15.69 8.47 26.84
CA SER B 182 -16.61 7.36 27.04
C SER B 182 -17.13 6.88 25.67
N GLY B 183 -17.76 5.71 25.64
CA GLY B 183 -18.27 5.12 24.43
C GLY B 183 -17.92 3.64 24.20
N VAL B 184 -18.43 3.18 23.06
CA VAL B 184 -18.29 1.85 22.53
C VAL B 184 -17.05 1.95 21.72
N TRP B 185 -15.92 1.70 22.38
CA TRP B 185 -14.63 1.98 21.77
C TRP B 185 -14.01 0.89 20.92
N ARG B 186 -14.62 -0.28 20.86
CA ARG B 186 -14.18 -1.40 20.01
C ARG B 186 -15.48 -2.02 19.47
N PRO B 187 -15.42 -2.97 18.48
CA PRO B 187 -16.66 -3.39 17.77
C PRO B 187 -17.71 -4.14 18.59
N VAL B 188 -18.95 -3.99 18.14
CA VAL B 188 -20.08 -4.71 18.66
C VAL B 188 -20.52 -5.61 17.53
N THR B 189 -20.70 -6.87 17.87
CA THR B 189 -20.92 -7.94 16.93
C THR B 189 -22.06 -8.80 17.46
N LEU B 190 -22.90 -9.32 16.56
CA LEU B 190 -23.88 -10.39 16.89
C LEU B 190 -23.52 -11.70 16.19
N ARG B 191 -23.39 -12.80 16.95
CA ARG B 191 -23.03 -14.12 16.39
C ARG B 191 -24.15 -15.20 16.44
N PHE B 192 -24.62 -15.68 15.30
CA PHE B 192 -25.72 -16.69 15.26
C PHE B 192 -25.06 -18.00 14.90
N TYR B 193 -25.21 -19.01 15.74
CA TYR B 193 -24.44 -20.24 15.54
C TYR B 193 -25.25 -21.52 15.92
N ASP B 194 -24.76 -22.70 15.53
CA ASP B 194 -25.31 -23.97 15.97
C ASP B 194 -24.37 -24.76 16.88
N ILE B 195 -24.95 -25.50 17.84
CA ILE B 195 -24.25 -26.43 18.76
C ILE B 195 -23.28 -25.75 19.77
N ALA B 196 -22.19 -25.18 19.25
CA ALA B 196 -21.16 -24.59 20.12
C ALA B 196 -20.36 -23.48 19.45
N THR B 197 -19.58 -22.77 20.27
CA THR B 197 -18.52 -21.89 19.84
C THR B 197 -17.22 -22.26 20.57
N ILE B 198 -16.08 -21.99 19.95
CA ILE B 198 -14.77 -22.10 20.57
C ILE B 198 -14.58 -20.80 21.35
N SER B 199 -14.61 -20.86 22.69
CA SER B 199 -14.43 -19.63 23.47
CA SER B 199 -14.43 -19.66 23.52
C SER B 199 -12.96 -19.22 23.54
N ASP B 200 -12.06 -20.19 23.39
CA ASP B 200 -10.62 -19.91 23.38
C ASP B 200 -9.87 -21.01 22.60
N TYR B 201 -8.83 -20.63 21.87
CA TYR B 201 -7.96 -21.59 21.24
C TYR B 201 -6.54 -21.18 21.56
N TYR B 202 -5.79 -22.06 22.23
CA TYR B 202 -4.41 -21.80 22.61
C TYR B 202 -3.47 -22.86 22.02
N VAL B 203 -2.48 -22.39 21.27
CA VAL B 203 -1.50 -23.28 20.75
C VAL B 203 -0.25 -23.21 21.65
N ARG B 204 0.01 -24.28 22.39
CA ARG B 204 1.04 -24.26 23.39
C ARG B 204 2.25 -24.96 22.82
N GLN B 205 3.40 -24.32 22.94
CA GLN B 205 4.61 -24.91 22.46
C GLN B 205 5.27 -25.68 23.62
N LEU B 206 5.36 -27.00 23.44
CA LEU B 206 5.98 -27.93 24.39
C LEU B 206 7.47 -27.92 24.24
N SER B 207 7.95 -28.05 23.01
CA SER B 207 9.38 -28.01 22.73
C SER B 207 9.64 -27.53 21.28
N LEU B 208 10.80 -26.90 21.06
CA LEU B 208 11.27 -26.51 19.74
C LEU B 208 12.75 -26.88 19.62
N THR B 209 13.07 -27.77 18.69
CA THR B 209 14.42 -27.98 18.15
C THR B 209 14.40 -27.74 16.62
N ASP B 210 15.58 -27.80 15.97
CA ASP B 210 15.70 -27.64 14.51
C ASP B 210 14.94 -28.72 13.75
N GLU B 211 14.79 -29.87 14.42
CA GLU B 211 14.25 -31.09 13.85
C GLU B 211 12.73 -31.23 14.11
N ASN B 212 12.27 -30.78 15.26
CA ASN B 212 10.89 -31.00 15.58
C ASN B 212 10.32 -29.91 16.47
N ALA B 213 9.07 -29.52 16.20
CA ALA B 213 8.29 -28.68 17.09
C ALA B 213 7.08 -29.46 17.59
N ARG B 214 6.94 -29.55 18.90
CA ARG B 214 5.79 -30.24 19.53
C ARG B 214 4.79 -29.26 20.15
N LEU B 215 3.54 -29.37 19.70
CA LEU B 215 2.46 -28.48 20.12
C LEU B 215 1.27 -29.16 20.80
N SER B 216 0.70 -28.49 21.77
CA SER B 216 -0.56 -28.85 22.38
C SER B 216 -1.62 -27.82 22.02
N ASN B 217 -2.54 -28.24 21.18
CA ASN B 217 -3.71 -27.44 20.83
C ASN B 217 -4.77 -27.52 21.92
N GLU B 218 -4.91 -26.45 22.68
CA GLU B 218 -5.86 -26.41 23.78
C GLU B 218 -7.10 -25.66 23.40
N LEU B 219 -8.24 -26.33 23.45
CA LEU B 219 -9.52 -25.74 23.11
C LEU B 219 -10.50 -25.64 24.26
N ILE B 220 -11.20 -24.52 24.35
CA ILE B 220 -12.31 -24.44 25.28
C ILE B 220 -13.52 -24.23 24.40
N VAL B 221 -14.46 -25.17 24.46
CA VAL B 221 -15.64 -25.20 23.61
C VAL B 221 -16.87 -25.10 24.50
N ASN B 222 -17.66 -24.04 24.27
CA ASN B 222 -18.89 -23.82 25.01
C ASN B 222 -20.12 -24.29 24.20
N GLN B 223 -20.69 -25.41 24.62
CA GLN B 223 -21.90 -25.94 24.00
C GLN B 223 -23.17 -25.36 24.61
N ILE B 224 -24.00 -24.80 23.73
CA ILE B 224 -25.27 -24.17 24.08
C ILE B 224 -26.49 -25.13 24.07
N VAL B 225 -26.33 -26.33 23.52
CA VAL B 225 -27.46 -27.27 23.45
C VAL B 225 -27.45 -28.34 24.56
N PRO B 226 -28.67 -28.77 24.97
CA PRO B 226 -28.93 -29.67 26.09
C PRO B 226 -28.45 -31.10 25.92
N GLN B 227 -28.54 -31.61 24.69
CA GLN B 227 -28.28 -33.01 24.40
C GLN B 227 -26.79 -33.30 24.45
N LYS B 228 -26.39 -34.56 24.56
CA LYS B 228 -24.99 -34.92 24.29
C LYS B 228 -24.79 -35.01 22.79
N ILE B 229 -23.68 -34.44 22.31
CA ILE B 229 -23.40 -34.27 20.88
C ILE B 229 -22.07 -34.93 20.49
N PRO B 230 -22.11 -35.86 19.51
CA PRO B 230 -20.88 -36.42 18.95
C PRO B 230 -20.22 -35.44 17.95
N ALA B 231 -18.90 -35.30 18.07
CA ALA B 231 -18.18 -34.37 17.24
C ALA B 231 -16.78 -34.87 16.92
N GLU B 232 -16.19 -34.27 15.89
CA GLU B 232 -14.80 -34.46 15.55
C GLU B 232 -14.10 -33.12 15.57
N VAL B 233 -13.08 -33.02 16.42
CA VAL B 233 -12.21 -31.86 16.47
C VAL B 233 -11.04 -32.07 15.52
N ARG B 234 -10.86 -31.12 14.59
CA ARG B 234 -9.76 -31.17 13.63
C ARG B 234 -8.84 -29.96 13.79
N VAL B 235 -7.53 -30.19 13.67
CA VAL B 235 -6.56 -29.11 13.65
C VAL B 235 -5.75 -29.23 12.36
N ASN B 236 -5.77 -28.16 11.55
CA ASN B 236 -4.90 -28.09 10.34
C ASN B 236 -3.79 -27.08 10.58
N VAL B 237 -2.57 -27.49 10.28
CA VAL B 237 -1.43 -26.66 10.29
C VAL B 237 -0.90 -26.52 8.84
N SER B 238 -0.82 -25.26 8.35
CA SER B 238 -0.34 -24.92 7.01
CA SER B 238 -0.33 -24.93 7.01
C SER B 238 0.71 -23.83 7.07
N LEU B 239 1.51 -23.73 6.01
CA LEU B 239 2.54 -22.72 5.85
C LEU B 239 2.33 -22.20 4.47
N ASN B 240 1.92 -20.93 4.35
CA ASN B 240 1.82 -20.30 3.05
C ASN B 240 0.93 -21.11 2.08
N GLY B 241 -0.18 -21.65 2.58
CA GLY B 241 -1.18 -22.24 1.71
C GLY B 241 -1.07 -23.75 1.53
N THR B 242 -0.05 -24.36 2.14
CA THR B 242 0.17 -25.81 2.05
C THR B 242 0.12 -26.46 3.44
N THR B 243 -0.81 -27.39 3.62
CA THR B 243 -0.89 -28.31 4.79
C THR B 243 0.47 -28.95 5.13
N VAL B 244 0.94 -28.74 6.37
CA VAL B 244 2.15 -29.42 6.83
C VAL B 244 1.84 -30.62 7.77
N THR B 245 0.81 -30.46 8.62
CA THR B 245 0.28 -31.50 9.51
C THR B 245 -1.25 -31.41 9.77
N GLU B 246 -1.91 -32.54 9.90
CA GLU B 246 -3.37 -32.56 10.11
C GLU B 246 -3.75 -33.52 11.25
N VAL B 247 -4.45 -33.03 12.28
CA VAL B 247 -4.83 -33.91 13.36
C VAL B 247 -6.31 -33.84 13.61
N LYS B 248 -6.84 -34.95 14.12
CA LYS B 248 -8.25 -35.12 14.49
C LYS B 248 -8.46 -36.06 15.69
N GLN B 249 -9.67 -35.98 16.24
CA GLN B 249 -10.00 -36.65 17.49
C GLN B 249 -11.52 -36.57 17.67
N GLN B 250 -12.11 -37.72 17.99
CA GLN B 250 -13.55 -37.87 18.32
C GLN B 250 -13.86 -37.41 19.73
N VAL B 251 -14.87 -36.57 19.88
CA VAL B 251 -15.31 -36.21 21.22
C VAL B 251 -16.82 -36.32 21.37
N THR B 252 -17.25 -36.43 22.62
CA THR B 252 -18.63 -36.16 22.93
C THR B 252 -18.68 -34.86 23.75
N LEU B 253 -19.42 -33.89 23.22
CA LEU B 253 -19.61 -32.61 23.89
C LEU B 253 -20.83 -32.58 24.85
N GLN B 254 -20.53 -32.26 26.11
CA GLN B 254 -21.54 -31.97 27.10
C GLN B 254 -21.96 -30.49 27.02
N PRO B 255 -23.20 -30.17 27.43
CA PRO B 255 -23.62 -28.77 27.53
C PRO B 255 -22.68 -27.95 28.43
N GLY B 256 -22.48 -26.67 28.11
CA GLY B 256 -21.54 -25.85 28.86
C GLY B 256 -20.12 -26.12 28.41
N ILE B 257 -19.17 -26.03 29.37
CA ILE B 257 -17.76 -25.98 29.07
C ILE B 257 -17.13 -27.34 28.78
N ASN B 258 -16.48 -27.43 27.61
CA ASN B 258 -15.64 -28.57 27.28
C ASN B 258 -14.16 -28.13 27.10
N HIS B 259 -13.25 -28.90 27.71
CA HIS B 259 -11.81 -28.77 27.53
C HIS B 259 -11.31 -29.97 26.71
N ILE B 260 -10.75 -29.67 25.54
CA ILE B 260 -10.24 -30.63 24.58
C ILE B 260 -8.76 -30.31 24.35
N THR B 261 -7.92 -31.33 24.28
CA THR B 261 -6.49 -31.15 23.93
C THR B 261 -6.02 -32.12 22.83
N LEU B 262 -5.53 -31.59 21.68
CA LEU B 262 -4.95 -32.42 20.62
C LEU B 262 -3.49 -32.01 20.43
N PRO B 263 -2.56 -32.96 20.50
CA PRO B 263 -1.16 -32.66 20.19
C PRO B 263 -0.92 -32.55 18.68
N ALA B 264 0.10 -31.83 18.26
CA ALA B 264 0.54 -31.83 16.86
C ALA B 264 2.03 -31.56 16.83
N GLU B 265 2.69 -32.02 15.79
CA GLU B 265 4.11 -31.82 15.60
C GLU B 265 4.37 -31.21 14.23
N VAL B 266 5.41 -30.39 14.15
CA VAL B 266 5.88 -29.83 12.90
C VAL B 266 7.35 -30.24 12.79
N THR B 267 7.63 -31.17 11.87
CA THR B 267 9.00 -31.69 11.61
C THR B 267 9.76 -30.65 10.80
N ASN B 268 11.04 -30.47 11.12
CA ASN B 268 11.85 -29.45 10.44
C ASN B 268 11.22 -28.05 10.43
N PRO B 269 10.84 -27.57 11.62
CA PRO B 269 10.10 -26.28 11.70
C PRO B 269 10.88 -25.07 11.15
N VAL B 270 10.19 -24.26 10.36
CA VAL B 270 10.74 -22.96 9.94
C VAL B 270 10.52 -21.92 11.06
N ARG B 271 11.61 -21.46 11.63
CA ARG B 271 11.50 -20.51 12.75
C ARG B 271 11.04 -19.07 12.39
N TRP B 272 10.31 -18.42 13.31
CA TRP B 272 10.00 -16.99 13.30
C TRP B 272 11.28 -16.33 13.83
N MET B 273 11.77 -15.32 13.08
N MET B 273 11.86 -15.37 13.09
CA MET B 273 12.93 -14.53 13.43
CA MET B 273 12.99 -14.61 13.60
C MET B 273 12.56 -13.06 13.74
C MET B 273 12.65 -13.12 13.73
N PRO B 274 13.27 -12.43 14.72
CA PRO B 274 13.18 -10.96 14.90
C PRO B 274 13.69 -10.17 13.67
N ASN B 275 13.26 -8.93 13.59
CA ASN B 275 13.65 -8.01 12.52
C ASN B 275 15.18 -7.83 12.52
N GLY B 276 15.75 -8.12 11.37
CA GLY B 276 17.18 -8.09 11.21
C GLY B 276 17.82 -9.47 11.21
N TRP B 277 17.09 -10.50 11.68
CA TRP B 277 17.59 -11.88 11.79
C TRP B 277 16.94 -12.90 10.82
N GLY B 278 16.11 -12.43 9.89
CA GLY B 278 15.48 -13.34 8.92
C GLY B 278 13.97 -13.06 8.75
N THR B 279 13.27 -14.04 8.17
CA THR B 279 11.82 -14.00 7.97
C THR B 279 11.07 -14.16 9.31
N PRO B 280 10.06 -13.29 9.55
CA PRO B 280 9.21 -13.55 10.71
C PRO B 280 8.08 -14.52 10.29
N THR B 281 8.45 -15.80 10.09
CA THR B 281 7.62 -16.87 9.53
C THR B 281 6.48 -17.22 10.44
N LEU B 282 5.26 -17.20 9.87
CA LEU B 282 3.98 -17.47 10.54
C LEU B 282 3.24 -18.66 9.92
N TYR B 283 2.98 -19.68 10.74
CA TYR B 283 2.13 -20.79 10.34
C TYR B 283 0.64 -20.39 10.57
N ASP B 284 -0.26 -21.00 9.83
CA ASP B 284 -1.70 -20.90 10.09
C ASP B 284 -2.19 -22.14 10.83
N PHE B 285 -2.74 -21.94 12.04
CA PHE B 285 -3.23 -23.05 12.85
C PHE B 285 -4.69 -22.89 12.91
N SER B 286 -5.41 -23.90 12.43
CA SER B 286 -6.85 -23.83 12.33
C SER B 286 -7.50 -25.02 13.04
N ALA B 287 -8.38 -24.67 13.98
CA ALA B 287 -9.08 -25.64 14.79
C ALA B 287 -10.52 -25.61 14.33
N GLN B 288 -11.08 -26.80 14.05
CA GLN B 288 -12.49 -26.94 13.74
C GLN B 288 -13.22 -27.91 14.65
N ILE B 289 -14.48 -27.58 14.97
CA ILE B 289 -15.46 -28.54 15.55
C ILE B 289 -16.44 -28.98 14.44
N ALA B 290 -16.37 -30.29 14.11
CA ALA B 290 -17.19 -30.89 13.04
C ALA B 290 -18.35 -31.74 13.58
N CYS B 291 -19.57 -31.40 13.20
CA CYS B 291 -20.76 -32.19 13.55
C CYS B 291 -21.41 -32.60 12.23
N GLY B 292 -21.06 -33.82 11.78
CA GLY B 292 -21.36 -34.31 10.43
C GLY B 292 -20.58 -33.62 9.34
N ASP B 293 -21.25 -33.31 8.23
CA ASP B 293 -20.84 -32.35 7.19
C ASP B 293 -20.48 -30.94 7.72
N ARG B 294 -20.89 -30.62 8.96
CA ARG B 294 -20.93 -29.21 9.41
C ARG B 294 -19.76 -28.83 10.32
N ILE B 295 -19.07 -27.76 9.92
CA ILE B 295 -18.10 -27.02 10.74
C ILE B 295 -18.94 -25.96 11.45
N VAL B 296 -19.31 -26.27 12.68
CA VAL B 296 -20.20 -25.42 13.47
C VAL B 296 -19.38 -24.30 14.06
N ALA B 297 -18.07 -24.58 14.28
CA ALA B 297 -17.15 -23.67 14.93
C ALA B 297 -15.74 -23.81 14.35
N GLU B 298 -15.13 -22.69 13.99
CA GLU B 298 -13.73 -22.69 13.57
C GLU B 298 -12.98 -21.49 14.18
N GLN B 299 -11.69 -21.67 14.50
CA GLN B 299 -10.84 -20.57 15.04
C GLN B 299 -9.39 -20.78 14.56
N SER B 300 -8.77 -19.68 14.13
CA SER B 300 -7.43 -19.64 13.55
C SER B 300 -6.56 -18.68 14.31
N HIS B 301 -5.29 -19.02 14.49
CA HIS B 301 -4.24 -18.02 14.80
C HIS B 301 -3.05 -18.16 13.87
N ARG B 302 -2.30 -17.09 13.69
CA ARG B 302 -0.99 -17.18 13.05
C ARG B 302 0.03 -17.50 14.14
N ILE B 303 0.86 -18.53 13.92
CA ILE B 303 1.76 -19.02 14.95
C ILE B 303 3.21 -18.84 14.46
N GLY B 304 4.06 -18.16 15.23
CA GLY B 304 5.50 -18.19 14.98
C GLY B 304 6.19 -19.20 15.91
N LEU B 305 6.97 -20.11 15.36
CA LEU B 305 7.67 -21.16 16.14
C LEU B 305 9.04 -20.59 16.49
N ARG B 306 9.24 -20.25 17.76
CA ARG B 306 10.49 -19.67 18.24
C ARG B 306 10.49 -19.86 19.74
N THR B 307 11.68 -19.79 20.36
CA THR B 307 11.75 -19.69 21.80
C THR B 307 12.21 -18.29 22.11
N ILE B 308 11.57 -17.70 23.12
CA ILE B 308 12.04 -16.47 23.75
C ILE B 308 12.19 -16.76 25.25
N ARG B 309 13.39 -16.59 25.76
CA ARG B 309 13.72 -16.66 27.20
C ARG B 309 14.30 -15.31 27.68
N VAL B 310 13.69 -14.67 28.67
CA VAL B 310 14.31 -13.50 29.34
C VAL B 310 15.28 -14.01 30.44
N VAL B 311 16.56 -13.64 30.35
CA VAL B 311 17.52 -14.13 31.33
C VAL B 311 17.73 -13.02 32.35
N ASN B 312 17.40 -13.32 33.60
CA ASN B 312 17.49 -12.37 34.71
C ASN B 312 18.15 -13.18 35.87
N GLU B 313 19.46 -13.10 35.95
CA GLU B 313 20.23 -13.92 36.86
C GLU B 313 21.37 -13.11 37.45
N LYS B 314 21.69 -13.42 38.71
CA LYS B 314 22.87 -12.91 39.41
C LYS B 314 24.11 -13.25 38.63
N ASP B 315 24.98 -12.27 38.50
CA ASP B 315 26.24 -12.48 37.82
C ASP B 315 27.24 -11.57 38.46
N LYS B 316 28.45 -11.58 37.94
CA LYS B 316 29.57 -10.86 38.51
C LYS B 316 29.35 -9.37 38.55
N ASP B 317 28.40 -8.87 37.74
CA ASP B 317 28.18 -7.43 37.59
C ASP B 317 26.95 -6.91 38.32
N GLY B 318 26.15 -7.83 38.81
CA GLY B 318 24.87 -7.50 39.50
C GLY B 318 23.77 -8.51 39.18
N GLU B 319 22.81 -8.10 38.35
CA GLU B 319 21.75 -9.02 37.86
C GLU B 319 21.48 -8.69 36.40
N SER B 320 21.76 -9.64 35.53
CA SER B 320 21.52 -9.49 34.10
C SER B 320 20.02 -9.24 33.77
N PHE B 321 19.78 -8.64 32.61
CA PHE B 321 18.42 -8.50 32.05
C PHE B 321 18.56 -8.52 30.53
N TYR B 322 18.31 -9.66 29.91
CA TYR B 322 18.36 -9.73 28.43
C TYR B 322 17.47 -10.81 27.83
N PHE B 323 17.30 -10.72 26.53
CA PHE B 323 16.51 -11.64 25.74
C PHE B 323 17.33 -12.67 24.92
N GLU B 324 16.88 -13.92 24.96
CA GLU B 324 17.42 -14.98 24.13
C GLU B 324 16.31 -15.34 23.19
N VAL B 325 16.56 -15.11 21.92
CA VAL B 325 15.61 -15.50 20.89
C VAL B 325 16.24 -16.64 20.06
N ASN B 326 15.46 -17.72 19.87
CA ASN B 326 15.94 -18.98 19.30
C ASN B 326 17.36 -19.39 19.78
N GLY B 327 17.60 -19.23 21.08
CA GLY B 327 18.83 -19.65 21.69
C GLY B 327 19.96 -18.65 21.59
N ILE B 328 19.73 -17.50 20.95
CA ILE B 328 20.81 -16.49 20.68
C ILE B 328 20.51 -15.20 21.42
N PRO B 329 21.49 -14.68 22.23
CA PRO B 329 21.29 -13.44 22.97
C PRO B 329 21.10 -12.24 22.01
N MET B 330 20.00 -11.52 22.15
CA MET B 330 19.59 -10.50 21.17
C MET B 330 19.58 -9.17 21.88
N PHE B 331 20.46 -8.27 21.44
CA PHE B 331 20.52 -6.94 22.02
C PHE B 331 19.24 -6.25 21.55
N ALA B 332 18.50 -5.66 22.48
CA ALA B 332 17.20 -5.03 22.16
C ALA B 332 17.34 -3.59 21.70
N LYS B 333 16.66 -3.27 20.61
CA LYS B 333 16.79 -2.00 19.95
C LYS B 333 15.39 -1.54 19.67
N GLY B 334 14.94 -0.50 20.36
CA GLY B 334 13.61 0.05 20.06
C GLY B 334 13.16 1.21 20.92
N ALA B 335 11.88 1.21 21.26
CA ALA B 335 11.30 2.36 21.92
C ALA B 335 10.03 2.05 22.74
N ASN B 336 9.68 3.00 23.61
CA ASN B 336 8.49 2.95 24.38
C ASN B 336 7.26 3.51 23.64
N TYR B 337 6.13 2.77 23.68
CA TYR B 337 4.91 3.07 22.91
C TYR B 337 3.80 3.55 23.84
N ILE B 338 3.18 4.71 23.49
CA ILE B 338 2.03 5.30 24.17
C ILE B 338 0.86 5.31 23.17
N PRO B 339 -0.37 5.60 23.61
CA PRO B 339 -1.48 5.65 22.64
C PRO B 339 -1.22 6.63 21.49
N GLN B 340 -1.72 6.32 20.28
CA GLN B 340 -1.54 7.22 19.13
C GLN B 340 -2.51 8.35 19.08
N ASP B 341 -3.48 8.34 19.98
CA ASP B 341 -4.46 9.42 19.99
C ASP B 341 -5.09 9.57 21.32
N ALA B 342 -5.57 10.78 21.62
CA ALA B 342 -6.44 11.06 22.79
C ALA B 342 -7.82 10.38 22.67
N LEU B 343 -8.18 10.14 21.41
CA LEU B 343 -9.39 9.44 21.02
C LEU B 343 -9.05 8.14 20.30
N LEU B 344 -9.04 7.05 21.05
CA LEU B 344 -8.51 5.74 20.57
C LEU B 344 -9.12 5.21 19.25
N PRO B 345 -10.48 5.25 19.10
CA PRO B 345 -11.08 4.76 17.83
C PRO B 345 -10.80 5.65 16.60
N ASN B 346 -10.14 6.80 16.81
CA ASN B 346 -9.78 7.67 15.68
C ASN B 346 -8.56 7.12 14.95
N VAL B 347 -7.81 6.24 15.62
CA VAL B 347 -6.62 5.64 15.03
C VAL B 347 -7.00 4.55 14.03
N THR B 348 -6.59 4.71 12.78
CA THR B 348 -7.10 3.86 11.68
C THR B 348 -6.15 2.69 11.45
N THR B 349 -6.57 1.75 10.59
CA THR B 349 -5.72 0.66 10.15
C THR B 349 -4.45 1.22 9.56
N GLU B 350 -4.59 2.25 8.74
CA GLU B 350 -3.48 2.85 8.01
C GLU B 350 -2.42 3.45 8.96
N ARG B 351 -2.88 4.11 10.04
CA ARG B 351 -2.01 4.71 11.06
C ARG B 351 -1.18 3.67 11.85
N TYR B 352 -1.81 2.57 12.23
CA TYR B 352 -1.13 1.36 12.79
C TYR B 352 -0.06 0.75 11.87
N GLN B 353 -0.42 0.52 10.59
CA GLN B 353 0.52 0.03 9.57
C GLN B 353 1.72 0.97 9.38
N THR B 354 1.48 2.27 9.32
CA THR B 354 2.57 3.25 9.22
C THR B 354 3.52 3.30 10.41
N LEU B 355 3.00 3.18 11.62
CA LEU B 355 3.83 3.19 12.80
C LEU B 355 4.73 1.96 12.81
N PHE B 356 4.17 0.81 12.47
CA PHE B 356 4.98 -0.43 12.29
C PHE B 356 6.04 -0.31 11.20
N ARG B 357 5.66 0.30 10.09
CA ARG B 357 6.61 0.69 9.05
C ARG B 357 7.81 1.56 9.59
N ASP B 358 7.49 2.62 10.33
CA ASP B 358 8.47 3.50 10.99
C ASP B 358 9.46 2.78 11.96
N MET B 359 8.94 1.83 12.72
CA MET B 359 9.71 0.98 13.64
C MET B 359 10.61 0.01 12.86
N LYS B 360 10.08 -0.61 11.80
CA LYS B 360 10.85 -1.56 10.99
C LYS B 360 12.00 -0.90 10.22
N GLU B 361 11.69 0.25 9.64
CA GLU B 361 12.66 1.08 8.94
C GLU B 361 13.70 1.71 9.91
N ALA B 362 13.38 1.91 11.18
CA ALA B 362 14.40 2.41 12.13
C ALA B 362 15.25 1.29 12.72
N ASN B 363 15.16 0.09 12.12
CA ASN B 363 15.96 -1.09 12.53
C ASN B 363 15.63 -1.70 13.89
N MET B 364 14.43 -1.39 14.38
CA MET B 364 13.99 -1.86 15.70
C MET B 364 13.59 -3.35 15.73
N ASN B 365 13.74 -3.96 16.91
CA ASN B 365 13.39 -5.38 17.15
C ASN B 365 12.58 -5.52 18.45
N MET B 366 12.35 -4.41 19.14
CA MET B 366 11.48 -4.43 20.28
C MET B 366 10.66 -3.16 20.43
N VAL B 367 9.42 -3.34 20.93
CA VAL B 367 8.60 -2.23 21.42
C VAL B 367 8.07 -2.51 22.82
N ARG B 368 8.02 -1.49 23.70
CA ARG B 368 7.41 -1.61 25.01
C ARG B 368 6.06 -0.93 25.01
N ILE B 369 4.99 -1.65 25.39
CA ILE B 369 3.62 -1.10 25.50
C ILE B 369 3.44 -0.66 26.96
N TRP B 370 3.76 0.60 27.20
CA TRP B 370 3.85 1.11 28.55
C TRP B 370 2.44 1.16 29.23
N GLY B 371 2.42 0.87 30.54
CA GLY B 371 1.20 0.71 31.27
C GLY B 371 0.31 1.88 31.64
N GLY B 372 0.49 3.06 31.06
CA GLY B 372 -0.60 4.04 31.19
C GLY B 372 -1.46 4.20 29.92
N GLY B 373 -1.36 3.30 28.95
CA GLY B 373 -2.27 3.38 27.78
C GLY B 373 -3.38 2.32 27.81
N THR B 374 -3.38 1.41 26.83
CA THR B 374 -4.31 0.27 26.82
C THR B 374 -3.51 -0.96 26.46
N TYR B 375 -4.01 -2.12 26.80
CA TYR B 375 -3.65 -3.35 26.09
C TYR B 375 -4.09 -3.15 24.62
N GLU B 376 -3.17 -3.22 23.68
CA GLU B 376 -3.48 -2.73 22.36
C GLU B 376 -4.40 -3.65 21.53
N ASN B 377 -4.89 -3.15 20.41
CA ASN B 377 -5.83 -3.93 19.66
C ASN B 377 -5.14 -5.15 19.03
N ASN B 378 -5.94 -6.09 18.50
CA ASN B 378 -5.36 -7.30 17.87
C ASN B 378 -4.51 -7.00 16.62
N LEU B 379 -4.92 -6.06 15.79
CA LEU B 379 -4.08 -5.53 14.69
C LEU B 379 -2.61 -5.15 15.09
N PHE B 380 -2.44 -4.44 16.22
CA PHE B 380 -1.11 -4.06 16.74
C PHE B 380 -0.12 -5.26 16.86
N TYR B 381 -0.54 -6.31 17.57
CA TYR B 381 0.25 -7.57 17.75
C TYR B 381 0.40 -8.36 16.46
N ASP B 382 -0.65 -8.40 15.64
CA ASP B 382 -0.56 -8.95 14.27
C ASP B 382 0.56 -8.31 13.45
N LEU B 383 0.63 -6.97 13.49
CA LEU B 383 1.72 -6.23 12.87
C LEU B 383 3.10 -6.43 13.48
N ALA B 384 3.21 -6.46 14.80
CA ALA B 384 4.46 -6.89 15.45
C ALA B 384 4.84 -8.32 15.06
N ASP B 385 3.85 -9.22 14.95
CA ASP B 385 4.09 -10.60 14.48
C ASP B 385 4.76 -10.63 13.10
N GLU B 386 4.18 -9.88 12.15
CA GLU B 386 4.62 -9.96 10.73
C GLU B 386 5.79 -9.02 10.37
N ASN B 387 6.16 -8.16 11.32
CA ASN B 387 7.32 -7.26 11.19
C ASN B 387 8.48 -7.68 12.12
N GLY B 388 8.29 -8.77 12.86
CA GLY B 388 9.40 -9.29 13.67
C GLY B 388 9.78 -8.40 14.84
N ILE B 389 8.79 -7.78 15.45
CA ILE B 389 9.04 -6.88 16.58
C ILE B 389 8.52 -7.52 17.84
N LEU B 390 9.46 -7.72 18.78
CA LEU B 390 9.16 -8.22 20.09
C LEU B 390 8.34 -7.19 20.88
N VAL B 391 7.31 -7.71 21.55
CA VAL B 391 6.45 -6.92 22.39
C VAL B 391 6.74 -7.09 23.91
N TRP B 392 7.12 -6.02 24.58
CA TRP B 392 7.13 -5.96 26.05
C TRP B 392 5.77 -5.37 26.56
N GLN B 393 5.02 -6.14 27.34
CA GLN B 393 3.62 -5.74 27.65
C GLN B 393 3.45 -5.42 29.15
N ASP B 394 3.28 -4.12 29.44
CA ASP B 394 2.91 -3.67 30.79
C ASP B 394 1.43 -4.00 31.04
N PHE B 395 1.11 -4.44 32.27
CA PHE B 395 -0.30 -4.31 32.68
C PHE B 395 -0.59 -2.83 32.86
N MET B 396 -1.87 -2.45 32.82
CA MET B 396 -2.22 -1.03 32.73
C MET B 396 -2.25 -0.33 34.10
N PHE B 397 -1.06 -0.26 34.70
CA PHE B 397 -0.86 0.40 35.99
C PHE B 397 0.41 1.23 35.87
N ALA B 398 0.34 2.52 36.13
CA ALA B 398 1.50 3.41 35.93
C ALA B 398 1.63 4.52 36.96
N CYS B 399 2.80 4.54 37.61
CA CYS B 399 3.29 5.73 38.37
C CYS B 399 2.66 6.04 39.76
N THR B 400 1.60 5.36 40.15
CA THR B 400 0.97 5.57 41.47
C THR B 400 0.70 4.22 42.08
N PRO B 401 0.69 4.12 43.43
CA PRO B 401 0.11 2.91 44.01
C PRO B 401 -1.41 2.88 43.67
N TYR B 402 -2.03 1.71 43.80
CA TYR B 402 -3.44 1.53 43.45
C TYR B 402 -4.13 0.80 44.62
N PRO B 403 -5.48 0.92 44.72
CA PRO B 403 -6.31 0.10 45.57
C PRO B 403 -5.99 -1.42 45.44
N SER B 404 -6.40 -2.18 46.45
CA SER B 404 -6.03 -3.59 46.56
C SER B 404 -7.05 -4.32 47.42
N ASP B 405 -8.25 -3.75 47.51
CA ASP B 405 -9.38 -4.37 48.21
C ASP B 405 -9.87 -5.55 47.34
N PRO B 406 -10.57 -6.53 47.96
CA PRO B 406 -10.96 -7.68 47.16
C PRO B 406 -11.79 -7.38 45.89
N THR B 407 -12.74 -6.42 45.92
CA THR B 407 -13.59 -6.24 44.74
C THR B 407 -12.80 -5.68 43.57
N PHE B 408 -11.86 -4.76 43.88
CA PHE B 408 -10.91 -4.19 42.92
C PHE B 408 -9.96 -5.23 42.33
N LEU B 409 -9.43 -6.11 43.18
CA LEU B 409 -8.53 -7.19 42.69
C LEU B 409 -9.27 -8.16 41.77
N LYS B 410 -10.58 -8.37 42.02
CA LYS B 410 -11.45 -9.23 41.18
C LYS B 410 -11.61 -8.70 39.78
N ARG B 411 -11.91 -7.42 39.64
CA ARG B 411 -11.87 -6.70 38.39
C ARG B 411 -10.52 -6.78 37.66
N VAL B 412 -9.43 -6.50 38.37
CA VAL B 412 -8.08 -6.63 37.78
C VAL B 412 -7.83 -8.07 37.30
N GLU B 413 -8.29 -9.06 38.07
CA GLU B 413 -8.19 -10.47 37.67
C GLU B 413 -8.84 -10.83 36.33
N ALA B 414 -10.06 -10.33 36.11
CA ALA B 414 -10.81 -10.62 34.91
C ALA B 414 -10.09 -9.98 33.70
N GLU B 415 -9.66 -8.75 33.90
CA GLU B 415 -8.76 -8.03 33.00
C GLU B 415 -7.49 -8.81 32.55
N ALA B 416 -6.77 -9.35 33.53
CA ALA B 416 -5.56 -10.12 33.32
C ALA B 416 -5.87 -11.36 32.49
N VAL B 417 -6.83 -12.17 32.97
CA VAL B 417 -7.21 -13.43 32.32
C VAL B 417 -7.65 -13.12 30.86
N TYR B 418 -8.46 -12.07 30.70
CA TYR B 418 -9.04 -11.72 29.41
C TYR B 418 -7.92 -11.33 28.42
N ASN B 419 -7.05 -10.41 28.85
CA ASN B 419 -5.99 -9.97 27.93
C ASN B 419 -4.87 -10.98 27.69
N ILE B 420 -4.45 -11.72 28.71
CA ILE B 420 -3.51 -12.82 28.49
C ILE B 420 -4.00 -13.83 27.44
N ARG B 421 -5.23 -14.31 27.60
CA ARG B 421 -5.79 -15.25 26.64
C ARG B 421 -5.91 -14.66 25.26
N ARG B 422 -6.31 -13.39 25.17
CA ARG B 422 -6.40 -12.68 23.88
C ARG B 422 -4.99 -12.56 23.22
N LEU B 423 -3.95 -12.37 24.02
CA LEU B 423 -2.60 -12.09 23.47
C LEU B 423 -1.59 -13.23 23.40
N ARG B 424 -1.82 -14.33 24.11
CA ARG B 424 -0.79 -15.37 24.30
C ARG B 424 -0.42 -16.21 23.10
N ASN B 425 -1.18 -16.15 22.00
CA ASN B 425 -0.78 -16.86 20.78
C ASN B 425 0.14 -16.10 19.83
N HIS B 426 0.40 -14.82 20.14
CA HIS B 426 1.24 -13.94 19.34
C HIS B 426 2.72 -14.23 19.42
N ALA B 427 3.32 -14.55 18.28
CA ALA B 427 4.77 -14.69 18.13
C ALA B 427 5.60 -13.59 18.79
N SER B 428 5.14 -12.35 18.63
CA SER B 428 5.81 -11.12 19.11
C SER B 428 5.78 -10.92 20.64
N LEU B 429 4.73 -11.38 21.29
CA LEU B 429 4.61 -11.26 22.73
C LEU B 429 5.76 -11.95 23.44
N ALA B 430 6.58 -11.14 24.11
CA ALA B 430 7.86 -11.55 24.69
C ALA B 430 7.90 -11.64 26.23
N MET B 431 7.06 -10.84 26.90
CA MET B 431 7.10 -10.79 28.38
C MET B 431 5.99 -9.89 28.94
N TRP B 432 5.67 -10.08 30.22
CA TRP B 432 4.72 -9.24 30.92
C TRP B 432 5.43 -8.44 32.02
N CYS B 433 4.87 -7.26 32.33
CA CYS B 433 5.42 -6.42 33.41
C CYS B 433 4.31 -5.81 34.26
N GLY B 434 4.39 -5.99 35.58
CA GLY B 434 3.36 -5.51 36.50
C GLY B 434 2.87 -4.11 36.29
N ASN B 435 3.81 -3.17 36.24
CA ASN B 435 3.46 -1.78 36.25
C ASN B 435 4.63 -0.95 35.78
N ASN B 436 4.37 0.33 35.51
CA ASN B 436 5.42 1.32 35.28
C ASN B 436 5.75 2.10 36.55
N GLU B 437 6.99 1.96 37.07
CA GLU B 437 7.52 2.85 38.12
C GLU B 437 6.85 2.89 39.47
N ILE B 438 5.90 1.99 39.73
CA ILE B 438 5.21 2.03 41.03
C ILE B 438 6.11 1.65 42.24
N LEU B 439 6.91 0.60 42.18
CA LEU B 439 7.82 0.31 43.31
C LEU B 439 8.78 1.50 43.48
N GLU B 440 9.18 2.13 42.38
CA GLU B 440 10.01 3.35 42.42
C GLU B 440 9.37 4.51 43.15
N ALA B 441 8.14 4.81 42.77
CA ALA B 441 7.26 5.79 43.43
C ALA B 441 7.18 5.60 44.95
N LEU B 442 6.83 4.38 45.36
CA LEU B 442 6.81 3.95 46.76
C LEU B 442 8.11 4.18 47.56
N LYS B 443 9.26 3.83 46.97
CA LYS B 443 10.57 3.91 47.66
C LYS B 443 11.27 5.27 47.58
N TYR B 444 11.11 5.98 46.46
CA TYR B 444 11.90 7.19 46.16
C TYR B 444 11.18 8.51 45.93
N TRP B 445 9.85 8.56 45.95
CA TRP B 445 9.21 9.82 45.51
C TRP B 445 8.66 10.68 46.65
N GLY B 446 8.97 10.31 47.88
CA GLY B 446 8.67 11.12 49.04
C GLY B 446 7.26 10.99 49.55
N PHE B 447 6.69 9.77 49.48
CA PHE B 447 5.30 9.54 49.89
C PHE B 447 5.10 9.44 51.41
N GLU B 448 6.00 8.76 52.14
CA GLU B 448 5.94 8.77 53.60
C GLU B 448 6.03 10.20 54.23
N LYS B 449 6.26 11.23 53.43
CA LYS B 449 5.97 12.57 53.94
C LYS B 449 4.51 13.03 53.64
N LYS B 450 3.78 12.27 52.83
CA LYS B 450 2.45 12.69 52.32
C LYS B 450 1.29 11.95 52.98
N PHE B 451 1.61 10.84 53.64
CA PHE B 451 0.59 9.97 54.21
C PHE B 451 0.99 9.60 55.64
N THR B 452 0.02 9.12 56.41
CA THR B 452 0.24 8.64 57.77
C THR B 452 0.99 7.31 57.70
N PRO B 453 1.76 6.94 58.74
CA PRO B 453 2.47 5.66 58.62
C PRO B 453 1.55 4.49 58.24
N GLU B 454 0.36 4.45 58.81
CA GLU B 454 -0.57 3.36 58.57
C GLU B 454 -1.10 3.33 57.13
N VAL B 455 -1.41 4.49 56.54
CA VAL B 455 -1.74 4.59 55.10
C VAL B 455 -0.59 4.15 54.22
N TYR B 456 0.60 4.72 54.44
CA TYR B 456 1.83 4.27 53.75
C TYR B 456 2.03 2.75 53.85
N GLN B 457 1.93 2.19 55.06
CA GLN B 457 2.07 0.72 55.22
C GLN B 457 1.05 -0.12 54.40
N GLY B 458 -0.18 0.39 54.32
CA GLY B 458 -1.24 -0.23 53.52
C GLY B 458 -1.01 -0.09 52.03
N LEU B 459 -0.41 1.01 51.60
CA LEU B 459 0.10 1.14 50.22
C LEU B 459 1.16 0.06 49.89
N MET B 460 2.13 -0.15 50.80
CA MET B 460 3.16 -1.21 50.66
C MET B 460 2.61 -2.62 50.55
N HIS B 461 1.69 -2.94 51.45
CA HIS B 461 1.03 -4.23 51.50
C HIS B 461 0.12 -4.44 50.27
N GLY B 462 -0.72 -3.47 49.94
CA GLY B 462 -1.48 -3.47 48.69
C GLY B 462 -0.68 -3.76 47.42
N TYR B 463 0.59 -3.32 47.37
CA TYR B 463 1.51 -3.48 46.23
C TYR B 463 1.85 -4.95 45.94
N ASP B 464 2.32 -5.66 46.98
CA ASP B 464 2.57 -7.08 46.92
C ASP B 464 1.34 -7.87 46.47
N LYS B 465 0.18 -7.52 47.03
CA LYS B 465 -1.09 -8.19 46.75
C LYS B 465 -1.43 -8.20 45.26
N LEU B 466 -1.23 -7.07 44.61
CA LEU B 466 -1.47 -6.92 43.19
C LEU B 466 -0.26 -7.44 42.34
N PHE B 467 0.94 -6.92 42.62
CA PHE B 467 2.05 -7.10 41.73
C PHE B 467 3.01 -8.21 42.07
N ARG B 468 2.92 -8.80 43.26
CA ARG B 468 3.80 -9.90 43.55
C ARG B 468 2.99 -11.14 43.80
N GLU B 469 1.66 -10.98 43.75
CA GLU B 469 0.72 -12.06 44.02
C GLU B 469 -0.29 -12.38 42.94
N LEU B 470 -1.29 -11.51 42.80
CA LEU B 470 -2.32 -11.69 41.79
C LEU B 470 -1.76 -11.78 40.33
N LEU B 471 -1.06 -10.75 39.89
CA LEU B 471 -0.62 -10.69 38.49
C LEU B 471 0.37 -11.82 38.10
N PRO B 472 1.42 -12.06 38.93
CA PRO B 472 2.28 -13.20 38.61
C PRO B 472 1.61 -14.57 38.67
N SER B 473 0.67 -14.81 39.59
CA SER B 473 -0.04 -16.10 39.59
CA SER B 473 -0.06 -16.09 39.61
C SER B 473 -0.87 -16.29 38.33
N THR B 474 -1.48 -15.21 37.80
CA THR B 474 -2.29 -15.29 36.60
C THR B 474 -1.42 -15.65 35.41
N VAL B 475 -0.26 -15.02 35.34
CA VAL B 475 0.69 -15.27 34.26
C VAL B 475 1.17 -16.72 34.32
N LYS B 476 1.48 -17.19 35.52
CA LYS B 476 1.90 -18.58 35.71
C LYS B 476 0.82 -19.57 35.25
N GLU B 477 -0.44 -19.27 35.55
CA GLU B 477 -1.54 -20.15 35.13
C GLU B 477 -1.83 -20.09 33.62
N PHE B 478 -1.81 -18.90 33.03
CA PHE B 478 -2.38 -18.71 31.69
C PHE B 478 -1.30 -18.53 30.64
N ASP B 479 -0.09 -18.24 31.10
CA ASP B 479 1.01 -17.95 30.19
C ASP B 479 2.34 -18.42 30.74
N SER B 480 2.42 -19.72 31.01
CA SER B 480 3.45 -20.35 31.87
C SER B 480 4.89 -20.32 31.34
N ASP B 481 5.03 -20.26 30.01
CA ASP B 481 6.30 -20.11 29.32
C ASP B 481 6.77 -18.66 29.06
N ARG B 482 6.03 -17.67 29.54
CA ARG B 482 6.48 -16.26 29.42
C ARG B 482 6.97 -15.62 30.72
N PHE B 483 8.01 -14.80 30.61
CA PHE B 483 8.60 -14.11 31.77
C PHE B 483 7.65 -13.03 32.31
N TYR B 484 7.55 -12.94 33.64
CA TYR B 484 6.90 -11.79 34.33
C TYR B 484 7.88 -11.13 35.28
N VAL B 485 7.90 -9.81 35.27
CA VAL B 485 8.61 -9.00 36.29
C VAL B 485 7.59 -8.07 36.96
N HIS B 486 7.68 -7.85 38.28
CA HIS B 486 6.64 -7.04 38.97
C HIS B 486 6.55 -5.54 38.60
N SER B 487 7.65 -4.96 38.15
CA SER B 487 7.70 -3.54 37.86
C SER B 487 8.86 -3.21 36.91
N SER B 488 8.74 -2.05 36.27
CA SER B 488 9.83 -1.44 35.51
C SER B 488 10.01 -0.01 36.02
N PRO B 489 11.22 0.37 36.50
CA PRO B 489 12.41 -0.48 36.68
C PRO B 489 12.22 -1.29 37.96
N TYR B 490 12.62 -2.57 37.95
CA TYR B 490 12.33 -3.41 39.09
C TYR B 490 13.20 -3.14 40.35
N LEU B 491 14.43 -2.63 40.19
CA LEU B 491 15.23 -2.16 41.36
C LEU B 491 16.08 -0.87 41.12
N ALA B 492 16.77 -0.81 39.99
CA ALA B 492 17.65 0.28 39.73
C ALA B 492 16.85 1.56 39.79
N ASN B 493 17.52 2.57 40.34
CA ASN B 493 17.03 3.91 40.39
C ASN B 493 18.19 4.78 39.88
N TRP B 494 17.85 5.76 39.04
CA TRP B 494 18.84 6.68 38.45
C TRP B 494 19.65 7.50 39.48
N GLY B 495 19.15 7.63 40.71
CA GLY B 495 19.81 8.48 41.74
C GLY B 495 20.67 7.64 42.64
N ARG B 496 20.69 6.32 42.37
CA ARG B 496 21.42 5.37 43.18
C ARG B 496 22.43 4.62 42.33
N PRO B 497 23.66 5.17 42.22
CA PRO B 497 24.62 4.56 41.31
C PRO B 497 24.92 3.12 41.62
N GLU B 498 24.76 2.73 42.88
CA GLU B 498 25.08 1.37 43.25
C GLU B 498 24.01 0.36 42.77
N SER B 499 22.88 0.87 42.27
CA SER B 499 21.76 0.02 41.82
C SER B 499 21.80 -0.31 40.31
N TRP B 500 22.69 0.36 39.58
CA TRP B 500 22.64 0.40 38.12
C TRP B 500 23.07 -0.87 37.47
N GLY B 501 23.77 -1.71 38.23
CA GLY B 501 24.16 -3.05 37.77
C GLY B 501 23.10 -4.11 38.02
N THR B 502 21.93 -3.69 38.51
CA THR B 502 20.84 -4.61 38.86
C THR B 502 19.58 -4.44 38.03
N GLY B 503 19.44 -5.22 36.97
CA GLY B 503 18.20 -5.27 36.20
C GLY B 503 18.06 -4.12 35.26
N ASP B 504 16.83 -3.71 34.95
CA ASP B 504 16.59 -2.61 33.99
C ASP B 504 16.56 -1.22 34.65
N SER B 505 17.03 -0.21 33.89
CA SER B 505 16.98 1.21 34.29
C SER B 505 16.03 2.07 33.45
N HIS B 506 15.36 2.99 34.12
CA HIS B 506 14.85 4.24 33.58
C HIS B 506 15.82 5.40 34.00
N ASN B 507 16.79 5.69 33.15
CA ASN B 507 17.79 6.68 33.44
C ASN B 507 17.30 8.09 33.09
N TRP B 508 16.63 8.70 34.08
CA TRP B 508 16.11 10.06 33.92
C TRP B 508 17.03 11.11 34.53
N GLY B 509 18.30 10.71 34.69
CA GLY B 509 19.40 11.60 34.99
C GLY B 509 19.57 12.61 33.89
N VAL B 510 19.64 12.14 32.67
CA VAL B 510 19.41 13.04 31.51
C VAL B 510 17.92 13.46 31.47
N TRP B 511 17.67 14.74 31.23
CA TRP B 511 16.36 15.41 31.42
C TRP B 511 16.05 15.77 32.90
N TYR B 512 15.42 14.88 33.67
CA TYR B 512 15.07 15.26 35.05
C TYR B 512 16.27 15.64 35.97
N GLY B 513 17.40 14.95 35.82
CA GLY B 513 18.54 15.15 36.71
C GLY B 513 19.51 16.13 36.11
N LYS B 514 19.14 16.57 34.89
CA LYS B 514 19.80 17.63 34.08
C LYS B 514 21.24 17.30 33.66
N LYS B 515 21.66 16.03 33.74
CA LYS B 515 23.02 15.61 33.41
C LYS B 515 23.28 15.76 31.90
N PRO B 516 24.55 16.02 31.50
CA PRO B 516 24.81 16.19 30.06
C PRO B 516 24.69 14.84 29.37
N PHE B 517 24.51 14.83 28.04
CA PHE B 517 24.44 13.60 27.26
C PHE B 517 25.70 12.69 27.39
N GLU B 518 26.84 13.31 27.66
CA GLU B 518 28.09 12.55 27.94
C GLU B 518 28.03 11.61 29.11
N SER B 519 27.22 11.87 30.12
CA SER B 519 27.09 10.96 31.27
C SER B 519 26.59 9.55 30.86
N LEU B 520 25.92 9.44 29.71
CA LEU B 520 25.37 8.19 29.18
C LEU B 520 26.49 7.24 28.80
N ASP B 521 27.70 7.77 28.64
CA ASP B 521 28.92 6.98 28.37
C ASP B 521 29.45 6.33 29.65
N THR B 522 29.20 6.93 30.83
CA THR B 522 29.72 6.39 32.11
C THR B 522 28.65 5.75 33.00
N ASP B 523 27.41 6.27 32.91
CA ASP B 523 26.29 5.80 33.71
C ASP B 523 25.53 4.71 32.91
N LEU B 524 26.04 3.50 32.93
CA LEU B 524 25.53 2.37 32.17
C LEU B 524 24.61 1.42 32.92
N PRO B 525 23.60 0.89 32.19
CA PRO B 525 22.63 -0.02 32.73
C PRO B 525 22.86 -1.44 32.20
N ARG B 526 22.32 -2.47 32.86
CA ARG B 526 22.24 -3.83 32.27
C ARG B 526 21.24 -3.86 31.09
N PHE B 527 20.33 -2.90 31.10
CA PHE B 527 19.28 -2.80 30.05
C PHE B 527 18.60 -1.47 30.30
N MET B 528 18.55 -0.60 29.27
CA MET B 528 17.86 0.67 29.39
C MET B 528 16.38 0.55 28.93
N SER B 529 15.43 0.52 29.88
CA SER B 529 14.01 0.44 29.49
C SER B 529 13.36 1.82 29.20
N GLU B 530 14.05 2.89 29.66
CA GLU B 530 13.67 4.29 29.40
C GLU B 530 14.85 5.23 29.54
N PHE B 531 14.99 6.16 28.60
CA PHE B 531 15.81 7.38 28.74
C PHE B 531 15.30 8.30 27.63
N GLY B 532 15.52 9.60 27.72
CA GLY B 532 14.79 10.49 26.77
C GLY B 532 15.07 11.97 26.88
N PHE B 533 14.63 12.71 25.88
CA PHE B 533 14.89 14.14 25.86
C PHE B 533 13.83 14.73 24.98
N GLN B 534 13.37 15.92 25.34
CA GLN B 534 12.28 16.60 24.66
C GLN B 534 12.69 17.44 23.43
N SER B 535 11.72 17.62 22.54
CA SER B 535 11.75 18.66 21.55
C SER B 535 10.36 19.14 21.15
N PHE B 536 10.30 20.42 20.82
CA PHE B 536 9.24 20.98 20.03
C PHE B 536 9.11 20.19 18.70
N PRO B 537 7.87 19.97 18.27
CA PRO B 537 7.73 19.42 16.94
C PRO B 537 8.05 20.49 15.88
N GLU B 538 8.27 20.05 14.64
CA GLU B 538 8.57 20.97 13.56
C GLU B 538 7.42 21.97 13.33
N MET B 539 7.72 23.04 12.62
CA MET B 539 6.80 24.18 12.50
C MET B 539 5.42 23.88 11.96
N LYS B 540 5.31 22.96 10.98
CA LYS B 540 3.99 22.62 10.40
C LYS B 540 3.07 21.99 11.42
N THR B 541 3.65 21.33 12.41
CA THR B 541 2.91 20.79 13.56
C THR B 541 2.53 21.89 14.57
N ILE B 542 3.44 22.84 14.81
CA ILE B 542 3.17 23.99 15.70
C ILE B 542 2.05 24.88 15.14
N ALA B 543 2.09 25.10 13.82
CA ALA B 543 1.05 25.79 13.09
C ALA B 543 -0.34 25.10 13.19
N ALA B 544 -0.34 23.78 13.38
CA ALA B 544 -1.61 23.04 13.63
C ALA B 544 -2.24 23.34 15.02
N PHE B 545 -1.45 23.83 15.98
CA PHE B 545 -1.99 24.18 17.31
C PHE B 545 -1.78 25.63 17.78
N ALA B 546 -1.01 26.44 17.05
CA ALA B 546 -0.76 27.84 17.42
C ALA B 546 -0.84 28.79 16.22
N ALA B 547 -1.17 30.04 16.47
CA ALA B 547 -1.16 31.11 15.46
C ALA B 547 0.20 31.85 15.53
N PRO B 548 0.63 32.49 14.42
CA PRO B 548 2.02 33.01 14.45
C PRO B 548 2.41 34.01 15.55
N GLU B 549 1.45 34.61 16.28
CA GLU B 549 1.78 35.53 17.40
C GLU B 549 2.07 34.76 18.70
N ASP B 550 1.75 33.46 18.70
CA ASP B 550 1.95 32.69 19.91
C ASP B 550 3.28 31.96 19.79
N TYR B 551 3.97 32.19 18.67
CA TYR B 551 5.29 31.60 18.43
C TYR B 551 6.37 32.20 19.28
N GLN B 552 6.31 31.97 20.60
CA GLN B 552 7.47 32.16 21.48
C GLN B 552 7.55 30.91 22.36
N ILE B 553 8.73 30.58 22.91
CA ILE B 553 8.86 29.31 23.63
C ILE B 553 8.11 29.26 24.94
N GLU B 554 7.55 30.41 25.32
CA GLU B 554 6.80 30.53 26.58
C GLU B 554 5.58 31.44 26.49
N SER B 555 4.92 31.49 25.34
CA SER B 555 3.59 32.06 25.25
C SER B 555 2.56 31.26 26.05
N GLU B 556 1.32 31.79 26.13
CA GLU B 556 0.20 31.04 26.69
C GLU B 556 0.10 29.66 25.99
N VAL B 557 -0.16 29.69 24.67
CA VAL B 557 -0.44 28.52 23.83
C VAL B 557 0.69 27.46 23.82
N MET B 558 1.95 27.85 24.01
CA MET B 558 3.09 26.90 24.04
C MET B 558 3.28 26.15 25.35
N ASN B 559 3.01 26.82 26.47
CA ASN B 559 2.99 26.11 27.75
C ASN B 559 1.79 25.25 27.80
N ALA B 560 0.71 25.68 27.15
CA ALA B 560 -0.49 24.89 26.98
C ALA B 560 -0.20 23.50 26.35
N HIS B 561 0.77 23.46 25.43
CA HIS B 561 1.17 22.24 24.77
C HIS B 561 2.50 21.71 25.27
N GLN B 562 2.73 21.82 26.57
CA GLN B 562 3.92 21.37 27.23
C GLN B 562 3.53 20.98 28.64
N LYS B 563 3.81 19.73 29.01
CA LYS B 563 3.23 19.19 30.23
C LYS B 563 4.24 18.74 31.27
N SER B 564 5.53 18.94 31.02
CA SER B 564 6.52 18.37 31.94
C SER B 564 6.69 19.18 33.23
N SER B 565 6.97 18.45 34.31
CA SER B 565 7.31 19.04 35.62
C SER B 565 8.49 20.01 35.56
N ILE B 566 9.24 19.96 34.47
CA ILE B 566 10.24 20.99 34.12
C ILE B 566 10.20 21.10 32.58
N GLY B 567 10.29 22.33 32.04
CA GLY B 567 9.76 22.58 30.70
C GLY B 567 10.69 22.90 29.56
N ASN B 568 10.32 23.93 28.80
CA ASN B 568 11.09 24.34 27.63
C ASN B 568 12.31 25.15 27.97
N SER B 569 12.40 25.66 29.19
CA SER B 569 13.63 26.31 29.59
C SER B 569 14.77 25.26 29.73
N LEU B 570 14.42 23.98 29.89
CA LEU B 570 15.43 22.93 30.01
C LEU B 570 16.04 22.60 28.63
N ILE B 571 15.22 22.73 27.58
CA ILE B 571 15.69 22.60 26.19
C ILE B 571 16.78 23.69 25.96
N ARG B 572 16.40 24.94 26.22
CA ARG B 572 17.31 26.10 26.17
C ARG B 572 18.62 25.87 26.95
N THR B 573 18.51 25.44 28.20
CA THR B 573 19.68 25.06 28.99
C THR B 573 20.59 24.00 28.35
N TYR B 574 19.99 22.94 27.84
CA TYR B 574 20.80 21.89 27.18
C TYR B 574 21.39 22.37 25.88
N MET B 575 20.62 23.17 25.14
CA MET B 575 21.04 23.79 23.86
C MET B 575 22.34 24.62 23.93
N GLU B 576 22.44 25.53 24.91
CA GLU B 576 23.64 26.28 25.27
C GLU B 576 24.91 25.46 25.38
N ARG B 577 24.81 24.20 25.80
CA ARG B 577 26.00 23.36 26.00
C ARG B 577 26.64 22.92 24.69
N ASP B 578 25.87 22.94 23.61
CA ASP B 578 26.29 22.34 22.35
C ASP B 578 26.07 23.23 21.12
N TYR B 579 25.18 24.22 21.24
CA TYR B 579 24.76 25.04 20.09
C TYR B 579 24.76 26.50 20.46
N ILE B 580 24.84 27.34 19.43
CA ILE B 580 24.53 28.76 19.59
C ILE B 580 22.99 28.85 19.57
N ILE B 581 22.42 29.46 20.61
CA ILE B 581 20.97 29.67 20.71
C ILE B 581 20.48 30.68 19.68
N PRO B 582 19.67 30.23 18.68
CA PRO B 582 19.15 31.13 17.63
C PRO B 582 18.23 32.19 18.21
N GLU B 583 18.06 33.31 17.50
CA GLU B 583 17.15 34.35 17.94
C GLU B 583 15.69 34.07 17.61
N SER B 584 15.41 33.57 16.39
CA SER B 584 14.03 33.38 16.03
C SER B 584 13.47 32.07 16.59
N PHE B 585 12.17 32.06 16.79
CA PHE B 585 11.46 30.88 17.22
C PHE B 585 11.65 29.68 16.26
N GLU B 586 11.49 29.93 14.97
CA GLU B 586 11.63 28.92 13.93
C GLU B 586 13.00 28.23 13.95
N ASP B 587 14.06 29.04 14.14
CA ASP B 587 15.44 28.54 14.24
C ASP B 587 15.68 27.80 15.55
N PHE B 588 15.09 28.27 16.65
CA PHE B 588 15.08 27.50 17.92
C PHE B 588 14.46 26.07 17.80
N VAL B 589 13.29 26.01 17.15
CA VAL B 589 12.61 24.75 16.88
C VAL B 589 13.47 23.87 16.00
N TYR B 590 14.07 24.44 14.95
CA TYR B 590 15.00 23.65 14.13
C TYR B 590 16.26 23.12 14.91
N VAL B 591 16.93 23.96 15.70
CA VAL B 591 18.11 23.45 16.43
C VAL B 591 17.69 22.46 17.54
N GLY B 592 16.53 22.66 18.16
CA GLY B 592 16.00 21.72 19.15
C GLY B 592 15.79 20.28 18.66
N LEU B 593 15.34 20.10 17.40
CA LEU B 593 15.24 18.75 16.75
C LEU B 593 16.62 18.05 16.66
N VAL B 594 17.58 18.81 16.17
CA VAL B 594 18.97 18.37 15.95
C VAL B 594 19.56 17.96 17.28
N LEU B 595 19.39 18.83 18.27
CA LEU B 595 19.84 18.61 19.65
C LEU B 595 19.35 17.29 20.27
N GLN B 596 18.01 17.11 20.27
CA GLN B 596 17.34 15.88 20.72
C GLN B 596 17.88 14.66 19.94
N GLY B 597 17.89 14.72 18.61
CA GLY B 597 18.49 13.69 17.80
C GLY B 597 19.95 13.35 18.11
N GLN B 598 20.82 14.35 18.24
CA GLN B 598 22.26 14.15 18.37
C GLN B 598 22.61 13.61 19.72
N GLY B 599 21.96 14.17 20.74
CA GLY B 599 22.25 13.74 22.12
C GLY B 599 21.69 12.36 22.46
N MET B 600 20.46 12.07 22.02
CA MET B 600 19.86 10.72 22.22
C MET B 600 20.60 9.60 21.48
N ARG B 601 20.89 9.82 20.19
N ARG B 601 20.89 9.83 20.20
CA ARG B 601 21.77 8.96 19.40
CA ARG B 601 21.77 8.97 19.40
C ARG B 601 23.08 8.65 20.13
C ARG B 601 23.07 8.64 20.15
N HIS B 602 23.59 9.63 20.88
CA HIS B 602 24.84 9.48 21.69
C HIS B 602 24.61 8.45 22.77
N GLY B 603 23.41 8.45 23.34
CA GLY B 603 23.01 7.41 24.28
C GLY B 603 22.85 6.04 23.70
N LEU B 604 22.09 5.91 22.60
CA LEU B 604 21.80 4.62 21.95
C LEU B 604 23.10 3.91 21.55
N GLU B 605 24.06 4.67 20.97
CA GLU B 605 25.42 4.23 20.69
C GLU B 605 26.20 3.74 21.91
N ALA B 606 26.20 4.51 23.01
CA ALA B 606 26.81 4.08 24.32
C ALA B 606 26.31 2.72 24.78
N HIS B 607 25.01 2.53 24.70
CA HIS B 607 24.34 1.28 25.05
C HIS B 607 24.74 0.08 24.20
N ARG B 608 24.64 0.18 22.86
CA ARG B 608 25.22 -0.83 21.95
C ARG B 608 26.72 -1.09 22.20
N ARG B 609 27.51 -0.03 22.32
CA ARG B 609 28.96 -0.16 22.51
C ARG B 609 29.33 -0.97 23.78
N ASN B 610 28.47 -0.92 24.80
CA ASN B 610 28.75 -1.58 26.08
C ASN B 610 28.10 -2.94 26.26
N ARG B 611 27.76 -3.57 25.13
CA ARG B 611 27.39 -5.00 25.13
C ARG B 611 28.66 -5.83 25.37
N PRO B 612 28.60 -6.86 26.26
CA PRO B 612 27.43 -7.49 26.92
C PRO B 612 27.00 -6.96 28.29
N TYR B 613 27.80 -6.08 28.94
CA TYR B 613 27.31 -5.42 30.20
C TYR B 613 25.88 -4.89 30.04
N CYS B 614 25.65 -4.14 28.96
CA CYS B 614 24.31 -3.67 28.57
C CYS B 614 23.76 -4.52 27.43
N MET B 615 22.48 -4.83 27.52
CA MET B 615 21.89 -5.81 26.62
C MET B 615 20.64 -5.33 25.89
N GLY B 616 20.31 -4.04 26.01
CA GLY B 616 19.23 -3.48 25.19
C GLY B 616 18.99 -2.02 25.52
N THR B 617 18.27 -1.32 24.67
CA THR B 617 17.96 0.10 24.90
C THR B 617 16.63 0.45 24.23
N LEU B 618 15.66 0.89 25.02
CA LEU B 618 14.40 1.42 24.53
C LEU B 618 14.24 2.87 24.99
N TYR B 619 14.35 3.81 24.06
CA TYR B 619 14.24 5.20 24.43
C TYR B 619 12.76 5.56 24.70
N TRP B 620 12.58 6.53 25.58
CA TRP B 620 11.35 7.19 25.82
C TRP B 620 11.34 8.47 24.94
N GLN B 621 10.44 8.61 23.92
CA GLN B 621 9.30 7.75 23.59
C GLN B 621 9.14 7.72 22.05
N LEU B 622 8.55 6.67 21.53
CA LEU B 622 8.37 6.60 20.11
C LEU B 622 7.47 7.72 19.54
N ASN B 623 6.30 7.93 20.15
CA ASN B 623 5.17 8.55 19.44
C ASN B 623 4.38 9.51 20.30
N ASP B 624 3.46 10.25 19.67
CA ASP B 624 2.57 11.23 20.36
C ASP B 624 1.06 10.93 20.16
N SER B 625 0.24 11.32 21.14
CA SER B 625 -1.23 11.19 21.13
C SER B 625 -1.97 12.50 20.78
N TRP B 626 -1.22 13.59 20.64
CA TRP B 626 -1.81 14.89 20.29
C TRP B 626 -0.67 15.83 19.95
N PRO B 627 -0.96 16.97 19.26
CA PRO B 627 0.13 17.88 18.94
C PRO B 627 0.70 18.50 20.24
N VAL B 628 1.94 18.17 20.57
CA VAL B 628 2.55 18.57 21.84
C VAL B 628 4.10 18.65 21.69
N VAL B 629 4.74 19.28 22.69
CA VAL B 629 6.20 19.22 22.98
C VAL B 629 6.38 17.98 23.87
N SER B 630 7.24 17.05 23.46
CA SER B 630 7.40 15.78 24.18
C SER B 630 8.73 15.16 23.83
N TRP B 631 8.97 13.97 24.37
CA TRP B 631 10.15 13.15 24.11
C TRP B 631 10.06 12.27 22.83
N SER B 632 8.96 12.41 22.10
CA SER B 632 8.77 11.61 20.90
C SER B 632 9.90 11.74 19.82
N SER B 633 10.09 10.64 19.07
CA SER B 633 10.82 10.70 17.83
C SER B 633 9.94 10.92 16.57
N ILE B 634 8.62 10.79 16.72
CA ILE B 634 7.71 10.99 15.58
C ILE B 634 6.58 11.81 16.14
N ASP B 635 6.23 12.94 15.51
CA ASP B 635 5.20 13.74 16.10
C ASP B 635 3.81 13.11 15.84
N TYR B 636 2.77 13.65 16.48
CA TYR B 636 1.37 13.20 16.29
C TYR B 636 0.91 12.95 14.83
N TYR B 637 1.42 13.76 13.89
CA TYR B 637 1.02 13.75 12.46
C TYR B 637 1.92 12.85 11.66
N GLY B 638 2.83 12.19 12.37
CA GLY B 638 3.65 11.18 11.71
C GLY B 638 4.93 11.68 11.09
N ASN B 639 5.28 12.95 11.30
CA ASN B 639 6.58 13.51 10.85
C ASN B 639 7.72 12.97 11.71
N TRP B 640 8.69 12.35 11.07
CA TRP B 640 9.90 11.94 11.74
C TRP B 640 10.67 13.17 12.24
N LYS B 641 11.01 13.20 13.53
CA LYS B 641 11.90 14.24 14.05
C LYS B 641 13.33 13.80 13.70
N ALA B 642 14.31 14.67 13.87
CA ALA B 642 15.72 14.25 13.71
C ALA B 642 16.06 13.00 14.47
N LEU B 643 15.50 12.82 15.68
CA LEU B 643 15.71 11.61 16.47
C LEU B 643 15.32 10.29 15.78
N HIS B 644 14.31 10.33 14.92
CA HIS B 644 13.92 9.08 14.27
C HIS B 644 14.93 8.55 13.25
N TYR B 645 15.50 9.46 12.44
CA TYR B 645 16.62 9.17 11.52
C TYR B 645 17.82 8.80 12.33
N GLN B 646 18.06 9.47 13.44
CA GLN B 646 19.25 9.15 14.28
C GLN B 646 19.17 7.80 14.98
N ALA B 647 17.96 7.40 15.39
CA ALA B 647 17.73 6.02 15.93
C ALA B 647 17.98 4.97 14.87
N LYS B 648 17.49 5.26 13.67
CA LYS B 648 17.66 4.37 12.53
C LYS B 648 19.14 4.08 12.28
N ARG B 649 19.93 5.14 12.19
CA ARG B 649 21.39 5.10 12.02
C ARG B 649 22.11 4.38 13.16
N ALA B 650 21.72 4.67 14.41
CA ALA B 650 22.35 4.08 15.62
C ALA B 650 21.96 2.65 15.87
N PHE B 651 20.93 2.19 15.15
CA PHE B 651 20.41 0.82 15.28
C PHE B 651 20.77 -0.04 14.06
N ALA B 652 21.49 0.55 13.11
CA ALA B 652 21.91 -0.17 11.89
C ALA B 652 22.63 -1.42 12.34
N PRO B 653 22.35 -2.60 11.68
CA PRO B 653 22.92 -3.94 12.05
C PRO B 653 24.43 -3.93 12.27
N VAL B 654 25.16 -3.34 11.32
CA VAL B 654 26.59 -3.04 11.49
C VAL B 654 26.82 -1.56 11.61
N LEU B 655 27.33 -1.16 12.79
CA LEU B 655 27.71 0.21 13.11
C LEU B 655 29.21 0.44 13.37
N ILE B 656 29.76 1.49 12.77
CA ILE B 656 31.06 2.06 13.17
C ILE B 656 30.84 3.19 14.19
N ASN B 657 31.36 3.01 15.39
CA ASN B 657 31.14 3.98 16.41
C ASN B 657 32.46 4.63 16.84
N PRO B 658 32.75 5.86 16.33
CA PRO B 658 33.83 6.66 16.88
C PRO B 658 33.42 7.27 18.20
N ILE B 659 34.22 7.06 19.23
CA ILE B 659 33.93 7.67 20.53
C ILE B 659 35.16 8.46 21.12
N GLN B 660 34.95 9.74 21.40
CA GLN B 660 36.03 10.57 21.85
C GLN B 660 35.84 10.94 23.32
N GLN B 661 36.82 10.60 24.14
CA GLN B 661 36.83 11.00 25.56
C GLN B 661 38.27 11.30 25.95
N ASN B 662 38.46 12.27 26.85
CA ASN B 662 39.78 12.61 27.41
C ASN B 662 40.82 12.95 26.32
N ASP B 663 40.37 13.70 25.31
CA ASP B 663 41.23 14.07 24.17
C ASP B 663 41.92 12.88 23.44
N SER B 664 41.24 11.74 23.45
CA SER B 664 41.64 10.53 22.76
C SER B 664 40.43 10.00 21.96
N LEU B 665 40.71 9.32 20.85
CA LEU B 665 39.70 8.72 19.98
C LEU B 665 39.77 7.18 19.99
N SER B 666 38.63 6.52 20.17
CA SER B 666 38.53 5.08 20.06
C SER B 666 37.49 4.80 19.00
N VAL B 667 37.72 3.76 18.20
CA VAL B 667 36.74 3.38 17.17
C VAL B 667 36.31 1.96 17.41
N TYR B 668 34.99 1.77 17.50
CA TYR B 668 34.38 0.47 17.73
C TYR B 668 33.59 -0.02 16.52
N LEU B 669 33.65 -1.34 16.31
CA LEU B 669 32.84 -2.00 15.28
C LEU B 669 31.79 -2.78 16.05
N ILE B 670 30.52 -2.43 15.83
CA ILE B 670 29.36 -3.01 16.54
C ILE B 670 28.54 -3.79 15.49
N SER B 671 28.36 -5.09 15.72
CA SER B 671 27.55 -5.88 14.83
C SER B 671 26.51 -6.68 15.58
N ASP B 672 25.29 -6.65 15.06
CA ASP B 672 24.15 -7.45 15.56
C ASP B 672 23.81 -8.51 14.52
N ARG B 673 24.75 -8.77 13.63
CA ARG B 673 24.56 -9.77 12.59
C ARG B 673 24.76 -11.15 13.18
N LEU B 674 24.10 -12.14 12.57
CA LEU B 674 24.21 -13.55 13.01
C LEU B 674 25.51 -14.22 12.51
N ASP B 675 26.04 -13.68 11.40
CA ASP B 675 27.26 -14.20 10.79
C ASP B 675 28.45 -13.33 11.21
N THR B 676 29.64 -13.93 11.29
CA THR B 676 30.89 -13.21 11.55
C THR B 676 31.49 -12.64 10.23
N MET B 677 31.97 -11.40 10.27
CA MET B 677 32.61 -10.80 9.10
C MET B 677 34.13 -10.92 9.18
N GLU B 678 34.74 -11.23 8.03
CA GLU B 678 36.14 -11.67 7.95
C GLU B 678 37.01 -10.76 7.07
N GLN B 679 38.23 -10.49 7.52
CA GLN B 679 39.21 -9.73 6.74
C GLN B 679 38.65 -8.38 6.30
N MET B 680 38.20 -7.60 7.27
CA MET B 680 37.68 -6.29 6.98
C MET B 680 38.80 -5.28 7.10
N THR B 681 38.60 -4.19 6.37
CA THR B 681 39.45 -3.03 6.43
C THR B 681 38.61 -1.85 6.96
N LEU B 682 39.16 -1.18 7.99
CA LEU B 682 38.68 0.14 8.42
C LEU B 682 39.57 1.24 7.81
N GLU B 683 38.94 2.17 7.13
CA GLU B 683 39.65 3.25 6.50
C GLU B 683 39.07 4.58 6.99
N MET B 684 39.95 5.50 7.41
CA MET B 684 39.57 6.79 8.02
C MET B 684 40.38 7.94 7.44
N LYS B 685 39.76 9.12 7.28
CA LYS B 685 40.58 10.28 6.90
C LYS B 685 40.03 11.61 7.36
N VAL B 686 40.92 12.56 7.66
CA VAL B 686 40.50 13.90 8.13
C VAL B 686 40.20 14.80 6.94
N VAL B 687 39.01 15.38 6.90
CA VAL B 687 38.63 16.27 5.80
C VAL B 687 38.22 17.61 6.39
N ASP B 688 38.83 18.69 5.92
CA ASP B 688 38.38 20.00 6.35
C ASP B 688 37.06 20.32 5.66
N PHE B 689 36.41 21.39 6.12
CA PHE B 689 35.09 21.82 5.67
C PHE B 689 34.98 22.24 4.19
N ASP B 690 36.09 22.11 3.45
CA ASP B 690 36.14 22.35 2.00
C ASP B 690 36.37 21.08 1.18
N GLY B 691 36.61 19.95 1.85
CA GLY B 691 36.71 18.66 1.14
C GLY B 691 38.14 18.24 0.85
N LYS B 692 39.06 18.93 1.51
CA LYS B 692 40.47 18.71 1.35
C LYS B 692 40.98 17.82 2.47
N THR B 693 41.71 16.78 2.11
CA THR B 693 42.25 15.83 3.07
C THR B 693 43.43 16.40 3.83
N LEU B 694 43.41 16.24 5.14
CA LEU B 694 44.57 16.59 5.98
C LEU B 694 45.31 15.33 6.34
N GLY B 695 46.59 15.28 6.01
CA GLY B 695 47.42 14.09 6.27
C GLY B 695 47.13 12.97 5.27
N LYS B 696 47.60 11.76 5.59
CA LYS B 696 47.30 10.58 4.80
C LYS B 696 46.06 9.86 5.39
N LYS B 697 45.41 9.02 4.58
CA LYS B 697 44.45 8.01 5.08
C LYS B 697 45.13 7.11 6.11
N ILE B 698 44.34 6.66 7.09
CA ILE B 698 44.74 5.61 8.02
C ILE B 698 44.02 4.33 7.60
N GLN B 699 44.72 3.21 7.74
CA GLN B 699 44.15 1.93 7.37
C GLN B 699 44.43 0.87 8.39
N VAL B 700 43.36 0.18 8.79
CA VAL B 700 43.48 -0.95 9.69
C VAL B 700 42.93 -2.13 8.95
N HIS B 701 43.84 -3.00 8.55
CA HIS B 701 43.56 -4.19 7.79
C HIS B 701 43.38 -5.38 8.71
N SER B 702 42.93 -6.48 8.10
CA SER B 702 42.78 -7.82 8.72
C SER B 702 41.77 -7.90 9.87
N LEU B 703 40.71 -7.10 9.77
CA LEU B 703 39.80 -6.93 10.90
C LEU B 703 38.67 -7.96 10.87
N GLU B 704 38.41 -8.59 12.02
CA GLU B 704 37.32 -9.54 12.11
C GLU B 704 36.20 -8.92 12.95
N VAL B 705 34.97 -8.94 12.42
CA VAL B 705 33.77 -8.43 13.18
C VAL B 705 32.88 -9.60 13.59
N PRO B 706 33.12 -10.15 14.80
CA PRO B 706 32.39 -11.34 15.23
C PRO B 706 30.89 -11.07 15.43
N ALA B 707 30.05 -12.07 15.13
CA ALA B 707 28.59 -11.93 15.20
C ALA B 707 28.18 -11.46 16.59
N ASN B 708 27.27 -10.47 16.65
CA ASN B 708 26.67 -10.01 17.92
C ASN B 708 27.71 -9.52 18.95
N THR B 709 28.62 -8.66 18.51
CA THR B 709 29.61 -8.10 19.42
C THR B 709 29.90 -6.63 19.06
N SER B 710 30.45 -5.96 20.08
CA SER B 710 31.04 -4.64 20.01
C SER B 710 32.54 -4.77 20.38
N LYS B 711 33.40 -4.37 19.46
CA LYS B 711 34.85 -4.44 19.69
C LYS B 711 35.59 -3.18 19.27
N CYS B 712 36.46 -2.71 20.17
CA CYS B 712 37.47 -1.68 19.86
C CYS B 712 38.56 -2.24 18.93
N VAL B 713 38.80 -1.53 17.84
CA VAL B 713 39.76 -1.97 16.81
C VAL B 713 40.84 -0.88 16.52
N TYR B 714 40.70 0.30 17.11
CA TYR B 714 41.57 1.46 16.85
C TYR B 714 41.50 2.48 17.99
N ARG B 715 42.67 2.93 18.46
CA ARG B 715 42.84 3.99 19.49
C ARG B 715 44.03 4.94 19.17
N ALA B 716 43.79 6.25 19.19
CA ALA B 716 44.79 7.26 18.89
C ALA B 716 44.53 8.54 19.66
N LYS B 717 45.53 9.07 20.36
CA LYS B 717 45.33 10.37 21.02
C LYS B 717 45.37 11.52 20.03
N LEU B 718 44.54 12.53 20.25
CA LEU B 718 44.49 13.72 19.37
C LEU B 718 45.73 14.63 19.44
N ASP B 719 46.47 14.58 20.56
CA ASP B 719 47.68 15.38 20.71
C ASP B 719 48.85 14.87 19.87
N GLY B 720 49.30 15.75 18.97
CA GLY B 720 50.36 15.42 18.03
C GLY B 720 49.76 14.89 16.75
N TRP B 721 48.43 14.76 16.73
CA TRP B 721 47.76 14.34 15.53
C TRP B 721 46.94 15.48 14.98
N LEU B 722 46.03 16.04 15.77
CA LEU B 722 45.28 17.20 15.31
C LEU B 722 45.41 18.36 16.30
N THR B 723 45.57 19.56 15.76
CA THR B 723 45.67 20.77 16.57
C THR B 723 44.24 21.18 17.03
N PRO B 724 44.14 21.90 18.16
CA PRO B 724 42.85 22.44 18.61
C PRO B 724 42.14 23.25 17.52
N GLU B 725 42.93 23.80 16.61
CA GLU B 725 42.48 24.54 15.45
C GLU B 725 41.94 23.59 14.38
N ASP B 726 42.65 22.48 14.13
CA ASP B 726 42.18 21.40 13.25
C ASP B 726 40.83 20.79 13.69
N CYS B 727 40.66 20.66 14.99
CA CYS B 727 39.47 20.07 15.59
C CYS B 727 38.24 20.92 15.36
N ARG B 728 38.41 22.22 15.12
CA ARG B 728 37.29 23.11 14.81
C ARG B 728 36.99 23.29 13.32
N ARG B 729 37.87 22.76 12.46
CA ARG B 729 37.84 23.03 11.02
C ARG B 729 37.74 21.74 10.20
N SER B 730 37.66 20.58 10.87
CA SER B 730 37.58 19.32 10.18
C SER B 730 36.75 18.21 10.85
N PHE B 731 36.52 17.14 10.07
CA PHE B 731 35.77 15.94 10.48
C PHE B 731 36.51 14.69 10.01
N LEU B 732 36.20 13.55 10.62
CA LEU B 732 36.78 12.26 10.27
C LEU B 732 35.76 11.49 9.46
N LYS B 733 36.17 11.08 8.27
CA LYS B 733 35.38 10.18 7.47
C LYS B 733 35.86 8.77 7.83
N LEU B 734 34.91 7.87 8.14
CA LEU B 734 35.20 6.46 8.45
C LEU B 734 34.34 5.53 7.57
N ILE B 735 34.96 4.55 6.90
CA ILE B 735 34.23 3.52 6.16
C ILE B 735 34.76 2.16 6.52
N LEU B 736 33.91 1.13 6.44
CA LEU B 736 34.37 -0.23 6.66
C LEU B 736 34.13 -1.04 5.40
N LYS B 737 35.20 -1.67 4.90
CA LYS B 737 35.20 -2.42 3.62
C LYS B 737 35.57 -3.89 3.82
N ASP B 738 34.96 -4.77 3.02
CA ASP B 738 35.33 -6.19 3.01
C ASP B 738 36.65 -6.42 2.24
N LYS B 739 37.12 -7.68 2.23
CA LYS B 739 38.31 -8.07 1.45
C LYS B 739 38.26 -7.54 -0.01
N SER B 740 37.08 -7.54 -0.62
CA SER B 740 36.99 -7.05 -2.00
C SER B 740 36.79 -5.53 -2.15
N GLY B 741 36.82 -4.78 -1.04
CA GLY B 741 36.72 -3.30 -1.10
C GLY B 741 35.30 -2.74 -1.21
N HIS B 742 34.32 -3.62 -1.02
CA HIS B 742 32.91 -3.24 -0.95
C HIS B 742 32.64 -2.56 0.41
N GLN B 743 32.00 -1.39 0.36
CA GLN B 743 31.68 -0.63 1.57
C GLN B 743 30.48 -1.25 2.30
N VAL B 744 30.70 -1.68 3.55
CA VAL B 744 29.64 -2.26 4.37
C VAL B 744 29.02 -1.30 5.44
N ALA B 745 29.77 -0.26 5.83
CA ALA B 745 29.29 0.80 6.76
C ALA B 745 30.13 2.08 6.60
N GLU B 746 29.53 3.24 6.81
CA GLU B 746 30.31 4.47 6.94
C GLU B 746 29.84 5.29 8.16
N SER B 747 30.65 6.27 8.56
CA SER B 747 30.36 7.13 9.70
CA SER B 747 30.35 7.14 9.71
C SER B 747 31.11 8.48 9.59
N VAL B 748 30.59 9.51 10.23
CA VAL B 748 31.26 10.80 10.33
C VAL B 748 31.42 11.22 11.82
N HIS B 749 32.61 11.68 12.21
CA HIS B 749 32.91 12.07 13.58
C HIS B 749 33.41 13.55 13.65
N PHE B 750 32.81 14.40 14.48
CA PHE B 750 33.31 15.76 14.66
C PHE B 750 34.04 15.81 16.00
N PHE B 751 35.13 16.56 16.06
CA PHE B 751 36.04 16.57 17.24
C PHE B 751 35.66 17.55 18.35
N ARG B 752 34.74 18.46 18.01
CA ARG B 752 34.34 19.58 18.86
C ARG B 752 32.80 19.61 18.87
N LYS B 753 32.23 20.16 19.94
CA LYS B 753 30.79 20.48 19.99
C LYS B 753 30.48 21.41 18.85
N THR B 754 29.24 21.36 18.35
CA THR B 754 28.79 22.21 17.21
C THR B 754 28.96 23.75 17.41
N LYS B 755 28.65 24.26 18.60
CA LYS B 755 28.85 25.72 18.88
C LYS B 755 30.31 26.16 18.65
N ASP B 756 31.22 25.19 18.65
CA ASP B 756 32.66 25.40 18.59
C ASP B 756 33.28 25.21 17.18
N LEU B 757 32.48 24.72 16.22
CA LEU B 757 32.96 24.51 14.87
C LEU B 757 33.05 25.82 14.11
N GLN B 758 34.02 25.93 13.22
CA GLN B 758 34.09 27.11 12.36
C GLN B 758 33.41 26.74 11.03
N LEU B 759 32.08 26.79 11.05
CA LEU B 759 31.25 26.36 9.90
C LEU B 759 31.30 27.42 8.82
N PRO B 760 31.53 27.02 7.56
CA PRO B 760 31.64 28.04 6.52
C PRO B 760 30.28 28.61 6.09
N PRO B 761 30.24 29.78 5.40
CA PRO B 761 28.94 30.29 4.94
C PRO B 761 28.55 29.55 3.65
N THR B 762 28.18 28.29 3.78
CA THR B 762 28.06 27.40 2.60
C THR B 762 26.87 27.71 1.69
N SER B 763 27.10 27.47 0.40
CA SER B 763 26.07 27.58 -0.64
C SER B 763 25.51 26.16 -0.89
N VAL B 764 24.25 25.92 -0.49
CA VAL B 764 23.60 24.63 -0.77
C VAL B 764 22.67 24.72 -1.97
N SER B 765 23.03 24.03 -3.04
CA SER B 765 22.14 23.94 -4.19
C SER B 765 21.39 22.57 -4.25
N TYR B 766 20.29 22.55 -4.99
CA TYR B 766 19.52 21.31 -5.18
C TYR B 766 18.82 21.28 -6.55
N GLN B 767 18.73 20.08 -7.12
CA GLN B 767 17.85 19.85 -8.28
C GLN B 767 16.64 19.00 -7.82
N MET B 768 15.47 19.29 -8.38
CA MET B 768 14.23 18.70 -7.90
C MET B 768 13.43 18.15 -9.07
N LYS B 769 13.37 16.82 -9.16
CA LYS B 769 12.54 16.10 -10.13
C LYS B 769 11.20 15.72 -9.48
N GLN B 770 10.16 16.53 -9.78
CA GLN B 770 8.82 16.28 -9.27
C GLN B 770 7.99 15.30 -10.12
N THR B 771 7.34 14.35 -9.46
CA THR B 771 6.43 13.45 -10.15
C THR B 771 5.10 13.29 -9.38
N ASP B 772 4.35 12.23 -9.68
CA ASP B 772 3.07 11.96 -9.01
C ASP B 772 3.33 11.19 -7.73
N GLY B 773 3.00 11.82 -6.60
CA GLY B 773 3.34 11.25 -5.28
C GLY B 773 4.81 11.28 -4.87
N LYS B 774 5.64 11.99 -5.63
CA LYS B 774 7.10 11.95 -5.43
C LYS B 774 7.90 13.17 -5.89
N CYS B 775 8.92 13.47 -5.10
CA CYS B 775 9.87 14.53 -5.35
CA CYS B 775 9.87 14.53 -5.35
C CYS B 775 11.28 14.01 -5.11
N GLU B 776 12.07 13.86 -6.18
CA GLU B 776 13.48 13.44 -6.05
C GLU B 776 14.38 14.69 -6.05
N LEU B 777 15.23 14.81 -5.02
CA LEU B 777 16.16 15.95 -4.88
C LEU B 777 17.55 15.45 -5.01
N THR B 778 18.38 16.23 -5.69
CA THR B 778 19.82 16.05 -5.62
C THR B 778 20.40 17.30 -4.95
N LEU B 779 21.16 17.08 -3.89
CA LEU B 779 21.71 18.20 -3.12
C LEU B 779 23.22 18.27 -3.29
N PHE B 780 23.72 19.48 -3.53
CA PHE B 780 25.16 19.69 -3.57
C PHE B 780 25.58 20.89 -2.71
N SER B 781 26.78 20.80 -2.13
CA SER B 781 27.44 21.94 -1.49
C SER B 781 28.96 21.72 -1.61
N SER B 782 29.68 22.76 -2.01
CA SER B 782 31.16 22.72 -2.03
C SER B 782 31.78 22.73 -0.63
N MET B 783 30.98 23.12 0.34
CA MET B 783 31.44 23.13 1.72
CA MET B 783 31.42 23.20 1.74
C MET B 783 30.48 22.38 2.63
N LEU B 784 30.97 22.02 3.81
CA LEU B 784 30.15 21.34 4.78
C LEU B 784 28.95 22.18 5.13
N ALA B 785 27.76 21.58 4.98
CA ALA B 785 26.52 22.12 5.58
C ALA B 785 26.12 21.19 6.72
N LYS B 786 26.00 21.76 7.93
CA LYS B 786 25.79 20.97 9.17
C LYS B 786 24.28 20.66 9.48
N ASP B 787 23.98 19.38 9.70
CA ASP B 787 22.69 18.90 10.16
C ASP B 787 21.53 19.45 9.30
N ILE B 788 21.58 19.18 8.01
CA ILE B 788 20.60 19.67 7.03
C ILE B 788 19.19 19.14 7.35
N PHE B 789 18.25 20.08 7.39
CA PHE B 789 16.81 19.86 7.54
C PHE B 789 16.12 20.40 6.25
N ILE B 790 15.60 19.47 5.45
CA ILE B 790 14.75 19.74 4.27
C ILE B 790 13.29 19.77 4.72
N GLU B 791 12.77 20.97 4.86
CA GLU B 791 11.46 21.15 5.44
C GLU B 791 10.47 21.39 4.31
N THR B 792 9.28 20.79 4.43
CA THR B 792 8.22 20.96 3.42
C THR B 792 6.94 21.26 4.20
N PRO B 793 5.92 21.85 3.54
CA PRO B 793 4.70 22.17 4.31
C PRO B 793 3.69 21.01 4.43
N LEU B 794 3.97 19.87 3.79
CA LEU B 794 3.03 18.75 3.77
C LEU B 794 3.11 17.85 5.01
N GLN B 795 2.00 17.79 5.73
CA GLN B 795 1.88 16.86 6.82
C GLN B 795 2.14 15.43 6.40
N GLY B 796 3.05 14.77 7.12
CA GLY B 796 3.31 13.34 7.00
C GLY B 796 4.15 12.89 5.81
N ALA B 797 4.60 13.84 4.97
CA ALA B 797 5.53 13.57 3.88
C ALA B 797 6.68 12.78 4.45
N ARG B 798 7.11 11.75 3.72
CA ARG B 798 8.22 10.86 4.11
C ARG B 798 9.48 11.09 3.27
N TYR B 799 10.64 10.85 3.90
CA TYR B 799 11.94 11.16 3.29
C TYR B 799 12.78 9.90 3.23
N SER B 800 13.49 9.66 2.13
CA SER B 800 14.50 8.58 2.18
C SER B 800 15.53 8.93 3.27
N ASP B 801 15.72 10.22 3.56
CA ASP B 801 16.68 10.67 4.56
C ASP B 801 16.49 12.15 4.85
N ASN B 802 16.96 12.59 6.02
CA ASN B 802 16.85 13.98 6.46
C ASN B 802 17.70 14.11 7.70
N PHE B 803 17.96 15.35 8.10
CA PHE B 803 18.75 15.66 9.31
C PHE B 803 20.16 15.07 9.30
N PHE B 804 20.80 15.25 8.14
CA PHE B 804 22.12 14.73 7.90
C PHE B 804 23.08 15.89 7.60
N ASP B 805 24.38 15.64 7.77
CA ASP B 805 25.43 16.55 7.33
C ASP B 805 25.62 16.41 5.82
N LEU B 806 25.63 17.53 5.09
CA LEU B 806 26.03 17.52 3.66
C LEU B 806 27.55 17.82 3.58
N LEU B 807 28.33 16.80 3.26
CA LEU B 807 29.80 16.86 3.29
C LEU B 807 30.26 17.61 2.07
N PRO B 808 31.46 18.25 2.16
CA PRO B 808 31.98 19.05 1.05
C PRO B 808 32.22 18.23 -0.23
N GLY B 809 31.56 18.61 -1.31
CA GLY B 809 31.75 17.94 -2.61
C GLY B 809 31.04 16.61 -2.84
N GLU B 810 30.28 16.14 -1.86
CA GLU B 810 29.59 14.87 -1.99
C GLU B 810 28.09 15.08 -2.18
N ARG B 811 27.65 14.90 -3.43
CA ARG B 811 26.27 15.05 -3.87
C ARG B 811 25.29 14.11 -3.12
N LYS B 812 24.06 14.54 -2.89
CA LYS B 812 23.14 13.75 -2.09
C LYS B 812 21.73 13.73 -2.68
N LYS B 813 21.25 12.54 -3.03
CA LYS B 813 19.88 12.40 -3.54
C LYS B 813 18.92 12.08 -2.38
N VAL B 814 17.80 12.79 -2.32
CA VAL B 814 16.78 12.59 -1.28
C VAL B 814 15.40 12.40 -1.93
N ILE B 815 14.67 11.36 -1.54
CA ILE B 815 13.33 11.18 -2.09
C ILE B 815 12.22 11.55 -1.06
N ILE B 816 11.23 12.34 -1.50
CA ILE B 816 10.09 12.72 -0.64
C ILE B 816 8.80 12.17 -1.25
N THR B 817 8.12 11.32 -0.49
CA THR B 817 6.79 10.82 -0.90
C THR B 817 5.64 11.47 -0.10
N SER B 818 4.52 11.69 -0.79
CA SER B 818 3.25 12.10 -0.18
C SER B 818 2.17 11.94 -1.25
N PRO B 819 1.02 11.33 -0.88
CA PRO B 819 -0.04 11.24 -1.90
C PRO B 819 -0.54 12.62 -2.29
N ARG B 820 -0.09 13.65 -1.56
CA ARG B 820 -0.46 15.06 -1.83
C ARG B 820 0.49 15.81 -2.78
N ILE B 821 1.55 15.16 -3.26
CA ILE B 821 2.30 15.59 -4.50
C ILE B 821 1.74 14.87 -5.74
N LYS B 822 1.21 15.60 -6.73
CA LYS B 822 1.21 17.05 -6.79
C LYS B 822 1.83 17.56 -8.10
N LYS B 823 2.24 16.65 -9.00
CA LYS B 823 3.02 17.03 -10.20
C LYS B 823 2.31 18.06 -11.07
N GLY B 824 2.95 19.22 -11.22
CA GLY B 824 2.30 20.41 -11.74
C GLY B 824 2.53 21.47 -10.70
N GLU B 825 1.77 21.38 -9.60
CA GLU B 825 1.99 22.20 -8.37
C GLU B 825 3.31 21.82 -7.64
N GLU B 826 4.34 22.67 -7.79
CA GLU B 826 5.69 22.41 -7.23
C GLU B 826 5.72 22.43 -5.69
N LEU B 827 6.39 21.43 -5.10
CA LEU B 827 6.56 21.38 -3.63
C LEU B 827 7.43 22.53 -3.03
N PRO B 828 6.85 23.32 -2.09
CA PRO B 828 7.70 24.25 -1.34
C PRO B 828 8.75 23.46 -0.52
N VAL B 829 9.97 23.98 -0.49
CA VAL B 829 11.14 23.37 0.13
C VAL B 829 11.96 24.50 0.81
N ASN B 830 12.29 24.32 2.06
CA ASN B 830 13.12 25.28 2.78
C ASN B 830 14.27 24.44 3.34
N ILE B 831 15.49 24.67 2.87
CA ILE B 831 16.66 23.97 3.42
C ILE B 831 17.34 24.77 4.54
N LYS B 832 17.30 24.24 5.75
CA LYS B 832 17.92 24.85 6.91
C LYS B 832 19.18 24.08 7.28
N HIS B 833 20.19 24.78 7.79
CA HIS B 833 21.40 24.18 8.40
C HIS B 833 22.03 25.09 9.47
N ILE B 834 22.91 24.54 10.31
CA ILE B 834 23.27 25.20 11.57
C ILE B 834 23.86 26.63 11.36
N ARG B 835 24.74 26.82 10.36
CA ARG B 835 25.38 28.13 10.11
C ARG B 835 24.37 29.29 10.00
N GLU B 836 23.22 28.96 9.44
CA GLU B 836 22.19 29.91 9.16
C GLU B 836 21.39 30.33 10.36
N THR B 837 21.74 29.86 11.53
CA THR B 837 20.89 30.08 12.70
C THR B 837 21.50 31.13 13.64
N TYR B 838 22.65 31.67 13.26
CA TYR B 838 23.29 32.66 14.09
C TYR B 838 24.06 33.73 13.29
N LYS B 839 24.14 34.90 13.90
CA LYS B 839 24.81 36.05 13.41
C LYS B 839 26.10 36.21 14.20
N GLU B 840 27.22 36.28 13.49
CA GLU B 840 28.49 36.68 14.07
C GLU B 840 28.65 38.19 14.23
N HIS B 841 29.38 38.57 15.28
CA HIS B 841 29.76 39.96 15.51
C HIS B 841 31.27 40.26 15.38
N HIS B 842 31.63 41.56 15.32
CA HIS B 842 33.06 42.00 15.24
C HIS B 842 33.88 41.64 16.49
#